data_2DI8
#
_entry.id   2DI8
#
_entity_poly.entity_id   1
_entity_poly.type   'polypeptide(L)'
_entity_poly.pdbx_seq_one_letter_code
;GSSGSSGIGDARRAKVYGRGLSEGRTFEMSDFIVDTRDAGYGGISLAVEGPSKVDIQTEDLEDGTCKVSYFPTVPGVYIV
STKFADEHVPGSPFTVKISGEGRVKSGPSSG
;
_entity_poly.pdbx_strand_id   A
#
# COMPACT_ATOMS: atom_id res chain seq x y z
N GLY A 1 -5.25 27.56 -15.22
CA GLY A 1 -5.68 26.33 -14.57
C GLY A 1 -4.58 25.29 -14.54
N SER A 2 -4.61 24.45 -13.50
CA SER A 2 -3.60 23.40 -13.35
C SER A 2 -3.87 22.25 -14.31
N SER A 3 -5.03 21.61 -14.16
CA SER A 3 -5.40 20.49 -15.00
C SER A 3 -5.27 20.86 -16.48
N GLY A 4 -4.78 19.91 -17.28
CA GLY A 4 -4.60 20.16 -18.71
C GLY A 4 -3.85 19.04 -19.40
N SER A 5 -2.85 19.41 -20.20
CA SER A 5 -2.06 18.44 -20.92
C SER A 5 -1.80 17.20 -20.07
N SER A 6 -1.71 16.04 -20.71
CA SER A 6 -1.46 14.79 -20.01
C SER A 6 -0.03 14.72 -19.50
N GLY A 7 0.12 14.40 -18.22
CA GLY A 7 1.45 14.30 -17.63
C GLY A 7 1.79 12.89 -17.20
N ILE A 8 1.51 11.92 -18.07
CA ILE A 8 1.80 10.53 -17.78
C ILE A 8 3.21 10.36 -17.24
N GLY A 9 3.37 9.47 -16.26
CA GLY A 9 4.67 9.23 -15.68
C GLY A 9 5.15 7.80 -15.90
N ASP A 10 6.06 7.36 -15.04
CA ASP A 10 6.59 6.00 -15.14
C ASP A 10 6.66 5.34 -13.77
N ALA A 11 6.01 4.19 -13.64
CA ALA A 11 6.01 3.45 -12.38
C ALA A 11 7.41 3.31 -11.80
N ARG A 12 8.36 3.00 -12.68
CA ARG A 12 9.76 2.83 -12.27
C ARG A 12 10.21 4.01 -11.40
N ARG A 13 9.57 5.16 -11.60
CA ARG A 13 9.91 6.36 -10.84
C ARG A 13 9.14 6.42 -9.53
N ALA A 14 7.93 5.87 -9.53
CA ALA A 14 7.09 5.85 -8.34
C ALA A 14 7.75 5.05 -7.22
N LYS A 15 7.74 5.60 -6.01
CA LYS A 15 8.33 4.95 -4.86
C LYS A 15 7.27 4.60 -3.82
N VAL A 16 7.50 3.51 -3.09
CA VAL A 16 6.56 3.07 -2.06
C VAL A 16 7.29 2.67 -0.78
N TYR A 17 6.91 3.28 0.33
CA TYR A 17 7.52 2.99 1.61
C TYR A 17 6.50 3.04 2.74
N GLY A 18 6.81 2.35 3.84
CA GLY A 18 5.90 2.34 4.97
C GLY A 18 6.05 1.09 5.82
N ARG A 19 4.94 0.53 6.26
CA ARG A 19 4.96 -0.67 7.09
C ARG A 19 4.12 -1.78 6.45
N GLY A 20 3.09 -1.38 5.71
CA GLY A 20 2.23 -2.36 5.07
C GLY A 20 2.75 -2.79 3.72
N LEU A 21 4.07 -2.75 3.56
CA LEU A 21 4.69 -3.14 2.30
C LEU A 21 5.70 -4.26 2.52
N SER A 22 6.14 -4.42 3.77
CA SER A 22 7.12 -5.45 4.12
C SER A 22 6.50 -6.47 5.08
N GLU A 23 6.16 -6.01 6.27
CA GLU A 23 5.57 -6.89 7.29
C GLU A 23 4.20 -6.38 7.71
N GLY A 24 3.56 -7.09 8.63
CA GLY A 24 2.25 -6.69 9.11
C GLY A 24 1.69 -7.65 10.13
N ARG A 25 0.50 -7.34 10.65
CA ARG A 25 -0.13 -8.19 11.65
C ARG A 25 -1.66 -8.13 11.51
N THR A 26 -2.32 -9.19 11.96
CA THR A 26 -3.79 -9.26 11.88
C THR A 26 -4.43 -8.21 12.78
N PHE A 27 -5.63 -7.79 12.41
CA PHE A 27 -6.36 -6.79 13.18
C PHE A 27 -5.46 -5.60 13.51
N GLU A 28 -4.68 -5.17 12.53
CA GLU A 28 -3.77 -4.04 12.70
C GLU A 28 -3.73 -3.17 11.45
N MET A 29 -4.19 -1.93 11.59
CA MET A 29 -4.19 -1.00 10.46
C MET A 29 -2.78 -0.77 9.93
N SER A 30 -2.53 -1.25 8.72
CA SER A 30 -1.23 -1.11 8.09
C SER A 30 -1.32 -0.33 6.79
N ASP A 31 -0.80 0.89 6.80
CA ASP A 31 -0.83 1.74 5.63
C ASP A 31 0.59 2.04 5.14
N PHE A 32 0.69 2.76 4.02
CA PHE A 32 1.98 3.11 3.45
C PHE A 32 1.84 4.30 2.49
N ILE A 33 2.96 4.95 2.22
CA ILE A 33 2.97 6.11 1.33
C ILE A 33 3.35 5.70 -0.09
N VAL A 34 2.82 6.43 -1.07
CA VAL A 34 3.10 6.14 -2.47
C VAL A 34 3.57 7.39 -3.20
N ASP A 35 4.89 7.53 -3.34
CA ASP A 35 5.48 8.67 -4.02
C ASP A 35 5.25 8.59 -5.52
N THR A 36 4.43 9.50 -6.04
CA THR A 36 4.12 9.53 -7.46
C THR A 36 4.54 10.86 -8.08
N ARG A 37 4.73 11.87 -7.25
CA ARG A 37 5.14 13.19 -7.71
C ARG A 37 6.44 13.11 -8.51
N ASP A 38 7.30 12.18 -8.12
CA ASP A 38 8.58 12.00 -8.79
C ASP A 38 8.41 11.25 -10.10
N ALA A 39 7.25 10.61 -10.27
CA ALA A 39 6.96 9.85 -11.48
C ALA A 39 6.25 10.72 -12.51
N GLY A 40 5.13 11.30 -12.11
CA GLY A 40 4.37 12.15 -13.01
C GLY A 40 2.87 12.06 -12.78
N TYR A 41 2.13 11.67 -13.80
CA TYR A 41 0.68 11.54 -13.70
C TYR A 41 0.22 10.17 -14.18
N GLY A 42 -1.05 9.86 -13.91
CA GLY A 42 -1.59 8.58 -14.31
C GLY A 42 -2.52 7.98 -13.27
N GLY A 43 -3.28 6.97 -13.66
CA GLY A 43 -4.20 6.34 -12.73
C GLY A 43 -3.55 5.22 -11.94
N ILE A 44 -3.79 5.22 -10.63
CA ILE A 44 -3.22 4.21 -9.75
C ILE A 44 -4.24 3.13 -9.42
N SER A 45 -3.85 1.87 -9.59
CA SER A 45 -4.73 0.74 -9.30
C SER A 45 -4.22 -0.05 -8.12
N LEU A 46 -5.09 -0.24 -7.12
CA LEU A 46 -4.73 -1.00 -5.93
C LEU A 46 -5.64 -2.22 -5.76
N ALA A 47 -5.04 -3.34 -5.40
CA ALA A 47 -5.79 -4.58 -5.21
C ALA A 47 -5.04 -5.54 -4.29
N VAL A 48 -5.61 -5.82 -3.12
CA VAL A 48 -4.99 -6.72 -2.16
C VAL A 48 -5.66 -8.09 -2.19
N GLU A 49 -4.88 -9.12 -2.47
CA GLU A 49 -5.39 -10.49 -2.52
C GLU A 49 -4.72 -11.36 -1.47
N GLY A 50 -5.48 -11.72 -0.44
CA GLY A 50 -4.94 -12.55 0.61
C GLY A 50 -5.91 -13.64 1.04
N PRO A 51 -5.72 -14.15 2.27
CA PRO A 51 -6.58 -15.21 2.81
C PRO A 51 -8.00 -14.72 3.12
N SER A 52 -8.19 -13.41 3.03
CA SER A 52 -9.50 -12.81 3.30
C SER A 52 -9.59 -11.43 2.67
N LYS A 53 -10.79 -10.85 2.71
CA LYS A 53 -11.03 -9.53 2.16
C LYS A 53 -10.58 -8.44 3.12
N VAL A 54 -9.97 -7.38 2.58
CA VAL A 54 -9.49 -6.28 3.40
C VAL A 54 -9.85 -4.93 2.76
N ASP A 55 -10.39 -4.03 3.56
CA ASP A 55 -10.78 -2.71 3.09
C ASP A 55 -9.55 -1.90 2.67
N ILE A 56 -9.74 -1.01 1.70
CA ILE A 56 -8.65 -0.18 1.22
C ILE A 56 -9.06 1.29 1.14
N GLN A 57 -8.45 2.13 1.97
CA GLN A 57 -8.77 3.55 2.00
C GLN A 57 -7.59 4.37 1.47
N THR A 58 -7.87 5.18 0.45
CA THR A 58 -6.84 6.02 -0.15
C THR A 58 -7.19 7.50 -0.05
N GLU A 59 -6.18 8.36 -0.09
CA GLU A 59 -6.39 9.80 0.00
C GLU A 59 -5.18 10.56 -0.53
N ASP A 60 -5.44 11.66 -1.22
CA ASP A 60 -4.38 12.48 -1.79
C ASP A 60 -3.80 13.43 -0.74
N LEU A 61 -2.52 13.24 -0.42
CA LEU A 61 -1.85 14.07 0.57
C LEU A 61 -1.43 15.41 -0.03
N GLU A 62 -0.95 16.31 0.81
CA GLU A 62 -0.52 17.63 0.36
C GLU A 62 0.75 17.53 -0.47
N ASP A 63 1.57 16.54 -0.17
CA ASP A 63 2.82 16.33 -0.90
C ASP A 63 2.55 15.82 -2.31
N GLY A 64 1.34 15.32 -2.53
CA GLY A 64 0.98 14.80 -3.84
C GLY A 64 1.03 13.29 -3.91
N THR A 65 1.36 12.66 -2.78
CA THR A 65 1.44 11.21 -2.71
C THR A 65 0.15 10.61 -2.19
N CYS A 66 0.00 9.29 -2.35
CA CYS A 66 -1.20 8.60 -1.90
C CYS A 66 -0.86 7.62 -0.77
N LYS A 67 -1.66 7.64 0.28
CA LYS A 67 -1.45 6.77 1.43
C LYS A 67 -2.55 5.71 1.51
N VAL A 68 -2.18 4.46 1.22
CA VAL A 68 -3.14 3.36 1.26
C VAL A 68 -3.24 2.79 2.68
N SER A 69 -4.47 2.43 3.07
CA SER A 69 -4.71 1.87 4.39
C SER A 69 -5.65 0.67 4.31
N TYR A 70 -5.32 -0.37 5.08
CA TYR A 70 -6.13 -1.59 5.09
C TYR A 70 -6.13 -2.21 6.48
N PHE A 71 -7.10 -3.10 6.72
CA PHE A 71 -7.21 -3.78 8.00
C PHE A 71 -7.40 -5.28 7.81
N PRO A 72 -6.31 -6.05 7.99
CA PRO A 72 -6.32 -7.50 7.85
C PRO A 72 -7.10 -8.19 8.96
N THR A 73 -7.80 -9.26 8.62
CA THR A 73 -8.59 -10.01 9.58
C THR A 73 -8.09 -11.44 9.71
N VAL A 74 -7.37 -11.90 8.70
CA VAL A 74 -6.84 -13.26 8.69
C VAL A 74 -5.36 -13.26 8.29
N PRO A 75 -4.56 -14.04 9.03
CA PRO A 75 -3.11 -14.15 8.77
C PRO A 75 -2.82 -14.91 7.48
N GLY A 76 -1.79 -14.45 6.76
CA GLY A 76 -1.42 -15.10 5.51
C GLY A 76 -0.56 -14.22 4.64
N VAL A 77 -0.73 -14.34 3.32
CA VAL A 77 0.05 -13.55 2.37
C VAL A 77 -0.86 -12.62 1.56
N TYR A 78 -0.76 -11.33 1.82
CA TYR A 78 -1.58 -10.35 1.11
C TYR A 78 -0.79 -9.74 -0.06
N ILE A 79 -1.27 -9.99 -1.26
CA ILE A 79 -0.63 -9.47 -2.47
C ILE A 79 -1.13 -8.07 -2.80
N VAL A 80 -0.31 -7.07 -2.52
CA VAL A 80 -0.67 -5.69 -2.79
C VAL A 80 -0.29 -5.29 -4.21
N SER A 81 -1.27 -5.33 -5.11
CA SER A 81 -1.04 -4.97 -6.51
C SER A 81 -1.00 -3.46 -6.69
N THR A 82 0.21 -2.92 -6.72
CA THR A 82 0.40 -1.48 -6.89
C THR A 82 0.75 -1.13 -8.33
N LYS A 83 -0.16 -0.44 -9.00
CA LYS A 83 0.05 -0.04 -10.39
C LYS A 83 -0.05 1.48 -10.54
N PHE A 84 0.66 2.01 -11.53
CA PHE A 84 0.64 3.46 -11.78
C PHE A 84 0.78 3.74 -13.27
N ALA A 85 -0.26 4.33 -13.86
CA ALA A 85 -0.25 4.67 -15.27
C ALA A 85 -0.08 3.41 -16.13
N ASP A 86 -0.76 2.35 -15.75
CA ASP A 86 -0.68 1.08 -16.48
C ASP A 86 0.72 0.50 -16.41
N GLU A 87 1.30 0.54 -15.21
CA GLU A 87 2.64 0.01 -15.00
C GLU A 87 2.88 -0.31 -13.52
N HIS A 88 3.23 -1.57 -13.23
CA HIS A 88 3.48 -1.99 -11.86
C HIS A 88 4.80 -1.42 -11.36
N VAL A 89 4.77 -0.87 -10.14
CA VAL A 89 5.97 -0.30 -9.53
C VAL A 89 7.16 -1.24 -9.65
N PRO A 90 8.37 -0.67 -9.58
CA PRO A 90 9.61 -1.44 -9.68
C PRO A 90 9.85 -2.32 -8.45
N GLY A 91 9.22 -3.50 -8.44
CA GLY A 91 9.38 -4.41 -7.32
C GLY A 91 8.11 -5.17 -7.01
N SER A 92 7.03 -4.82 -7.70
CA SER A 92 5.74 -5.47 -7.50
C SER A 92 5.71 -6.84 -8.17
N PRO A 93 4.76 -7.68 -7.74
CA PRO A 93 3.81 -7.34 -6.68
C PRO A 93 4.48 -7.23 -5.31
N PHE A 94 3.72 -6.75 -4.33
CA PHE A 94 4.24 -6.59 -2.97
C PHE A 94 3.71 -7.69 -2.05
N THR A 95 4.58 -8.64 -1.72
CA THR A 95 4.20 -9.75 -0.86
C THR A 95 4.36 -9.38 0.61
N VAL A 96 3.24 -9.08 1.26
CA VAL A 96 3.25 -8.71 2.68
C VAL A 96 2.83 -9.87 3.55
N LYS A 97 3.77 -10.40 4.32
CA LYS A 97 3.50 -11.53 5.21
C LYS A 97 2.92 -11.05 6.54
N ILE A 98 1.67 -11.41 6.81
CA ILE A 98 1.00 -11.02 8.04
C ILE A 98 1.15 -12.10 9.11
N SER A 99 1.41 -11.67 10.34
CA SER A 99 1.57 -12.60 11.46
C SER A 99 0.42 -12.46 12.45
N GLY A 100 -0.15 -13.58 12.86
CA GLY A 100 -1.24 -13.57 13.81
C GLY A 100 -0.78 -13.41 15.24
N GLU A 101 -1.56 -13.93 16.18
CA GLU A 101 -1.22 -13.84 17.59
C GLU A 101 0.17 -14.40 17.85
N GLY A 102 0.65 -14.26 19.09
CA GLY A 102 1.96 -14.76 19.45
C GLY A 102 3.05 -13.73 19.22
N ARG A 103 3.03 -12.65 19.99
CA ARG A 103 4.02 -11.60 19.86
C ARG A 103 5.42 -12.18 19.69
N VAL A 104 6.29 -11.42 19.04
CA VAL A 104 7.66 -11.87 18.80
C VAL A 104 8.25 -12.52 20.04
N LYS A 105 7.95 -11.95 21.21
CA LYS A 105 8.44 -12.47 22.48
C LYS A 105 7.52 -12.08 23.63
N SER A 106 7.50 -12.90 24.67
CA SER A 106 6.67 -12.65 25.83
C SER A 106 7.50 -12.13 27.01
N GLY A 107 8.57 -12.86 27.33
CA GLY A 107 9.42 -12.46 28.43
C GLY A 107 10.09 -13.64 29.11
N PRO A 108 11.13 -14.18 28.47
CA PRO A 108 11.87 -15.32 29.00
C PRO A 108 12.69 -14.96 30.24
N SER A 109 12.67 -13.69 30.60
CA SER A 109 13.41 -13.22 31.76
C SER A 109 12.47 -12.60 32.80
N SER A 110 12.25 -13.32 33.90
CA SER A 110 11.37 -12.84 34.95
C SER A 110 11.70 -11.41 35.33
N GLY A 111 10.70 -10.53 35.26
CA GLY A 111 10.90 -9.14 35.60
C GLY A 111 10.85 -8.23 34.39
N GLY A 1 13.61 17.27 -21.25
CA GLY A 1 12.65 17.68 -20.24
C GLY A 1 12.47 19.18 -20.20
N SER A 2 11.22 19.64 -20.20
CA SER A 2 10.91 21.07 -20.17
C SER A 2 10.10 21.41 -18.92
N SER A 3 9.95 22.71 -18.66
CA SER A 3 9.20 23.17 -17.51
C SER A 3 7.93 22.35 -17.31
N GLY A 4 7.94 21.52 -16.26
CA GLY A 4 6.78 20.68 -15.98
C GLY A 4 6.79 19.40 -16.78
N SER A 5 5.74 18.59 -16.62
CA SER A 5 5.63 17.32 -17.33
C SER A 5 4.52 17.38 -18.37
N SER A 6 4.45 16.34 -19.21
CA SER A 6 3.44 16.27 -20.25
C SER A 6 2.12 15.74 -19.70
N GLY A 7 2.22 14.71 -18.86
CA GLY A 7 1.02 14.12 -18.28
C GLY A 7 1.31 12.82 -17.56
N ILE A 8 1.56 11.77 -18.33
CA ILE A 8 1.84 10.45 -17.76
C ILE A 8 3.28 10.38 -17.24
N GLY A 9 3.50 9.55 -16.23
CA GLY A 9 4.83 9.41 -15.67
C GLY A 9 5.41 8.02 -15.90
N ASP A 10 6.17 7.54 -14.92
CA ASP A 10 6.78 6.21 -15.03
C ASP A 10 6.83 5.53 -13.66
N ALA A 11 6.15 4.39 -13.56
CA ALA A 11 6.11 3.63 -12.31
C ALA A 11 7.51 3.41 -11.76
N ARG A 12 8.45 3.10 -12.66
CA ARG A 12 9.83 2.86 -12.26
C ARG A 12 10.37 4.03 -11.45
N ARG A 13 9.83 5.22 -11.68
CA ARG A 13 10.26 6.41 -10.97
C ARG A 13 9.52 6.56 -9.66
N ALA A 14 8.31 6.02 -9.60
CA ALA A 14 7.49 6.09 -8.40
C ALA A 14 8.13 5.31 -7.25
N LYS A 15 7.99 5.82 -6.04
CA LYS A 15 8.56 5.17 -4.86
C LYS A 15 7.45 4.80 -3.86
N VAL A 16 7.69 3.76 -3.07
CA VAL A 16 6.73 3.31 -2.09
C VAL A 16 7.41 2.95 -0.77
N TYR A 17 6.89 3.49 0.33
CA TYR A 17 7.45 3.24 1.65
C TYR A 17 6.36 3.25 2.72
N GLY A 18 6.56 2.46 3.76
CA GLY A 18 5.59 2.39 4.84
C GLY A 18 5.78 1.17 5.73
N ARG A 19 4.68 0.56 6.13
CA ARG A 19 4.74 -0.62 6.99
C ARG A 19 3.92 -1.76 6.39
N GLY A 20 2.81 -1.41 5.74
CA GLY A 20 1.96 -2.43 5.14
C GLY A 20 2.44 -2.84 3.76
N LEU A 21 3.74 -2.80 3.55
CA LEU A 21 4.33 -3.18 2.27
C LEU A 21 5.31 -4.33 2.42
N SER A 22 5.92 -4.41 3.60
CA SER A 22 6.88 -5.47 3.88
C SER A 22 6.33 -6.48 4.88
N GLU A 23 5.89 -5.97 6.04
CA GLU A 23 5.33 -6.81 7.08
C GLU A 23 3.95 -6.31 7.51
N GLY A 24 3.37 -6.99 8.49
CA GLY A 24 2.05 -6.59 8.97
C GLY A 24 1.54 -7.53 10.06
N ARG A 25 0.36 -7.20 10.61
CA ARG A 25 -0.24 -8.02 11.65
C ARG A 25 -1.76 -7.99 11.54
N THR A 26 -2.40 -9.05 12.03
CA THR A 26 -3.86 -9.15 11.99
C THR A 26 -4.50 -8.12 12.91
N PHE A 27 -5.66 -7.61 12.50
CA PHE A 27 -6.38 -6.62 13.29
C PHE A 27 -5.52 -5.39 13.52
N GLU A 28 -4.58 -5.14 12.62
CA GLU A 28 -3.68 -4.00 12.74
C GLU A 28 -3.69 -3.17 11.46
N MET A 29 -4.07 -1.90 11.59
CA MET A 29 -4.13 -1.00 10.44
C MET A 29 -2.73 -0.74 9.89
N SER A 30 -2.46 -1.29 8.70
CA SER A 30 -1.16 -1.12 8.06
C SER A 30 -1.28 -0.30 6.78
N ASP A 31 -0.84 0.95 6.84
CA ASP A 31 -0.89 1.84 5.70
C ASP A 31 0.50 2.11 5.14
N PHE A 32 0.56 2.73 3.97
CA PHE A 32 1.83 3.05 3.33
C PHE A 32 1.69 4.23 2.38
N ILE A 33 2.78 4.97 2.18
CA ILE A 33 2.77 6.12 1.29
C ILE A 33 3.16 5.72 -0.13
N VAL A 34 2.69 6.49 -1.11
CA VAL A 34 2.98 6.23 -2.50
C VAL A 34 3.54 7.46 -3.20
N ASP A 35 4.86 7.51 -3.33
CA ASP A 35 5.52 8.64 -3.98
C ASP A 35 5.34 8.59 -5.49
N THR A 36 4.67 9.59 -6.04
CA THR A 36 4.43 9.65 -7.49
C THR A 36 4.76 11.04 -8.04
N ARG A 37 5.57 11.79 -7.30
CA ARG A 37 5.97 13.13 -7.71
C ARG A 37 7.05 13.07 -8.79
N ASP A 38 8.04 12.21 -8.57
CA ASP A 38 9.14 12.04 -9.52
C ASP A 38 8.70 11.24 -10.73
N ALA A 39 7.55 10.57 -10.62
CA ALA A 39 7.03 9.76 -11.71
C ALA A 39 6.17 10.61 -12.65
N GLY A 40 5.09 11.17 -12.10
CA GLY A 40 4.21 11.99 -12.92
C GLY A 40 2.74 11.75 -12.61
N TYR A 41 1.97 11.42 -13.64
CA TYR A 41 0.55 11.16 -13.48
C TYR A 41 0.21 9.74 -13.89
N GLY A 42 -1.08 9.40 -13.83
CA GLY A 42 -1.51 8.06 -14.19
C GLY A 42 -2.50 7.48 -13.20
N GLY A 43 -3.32 6.53 -13.66
CA GLY A 43 -4.30 5.91 -12.80
C GLY A 43 -3.70 4.81 -11.94
N ILE A 44 -3.74 4.99 -10.63
CA ILE A 44 -3.19 4.01 -9.70
C ILE A 44 -4.19 2.87 -9.46
N SER A 45 -3.72 1.64 -9.60
CA SER A 45 -4.56 0.47 -9.39
C SER A 45 -4.10 -0.33 -8.17
N LEU A 46 -4.89 -0.29 -7.12
CA LEU A 46 -4.56 -1.01 -5.89
C LEU A 46 -5.52 -2.19 -5.68
N ALA A 47 -4.96 -3.36 -5.43
CA ALA A 47 -5.76 -4.56 -5.20
C ALA A 47 -5.02 -5.55 -4.31
N VAL A 48 -5.53 -5.73 -3.09
CA VAL A 48 -4.91 -6.66 -2.15
C VAL A 48 -5.62 -8.00 -2.15
N GLU A 49 -4.87 -9.07 -2.41
CA GLU A 49 -5.42 -10.41 -2.45
C GLU A 49 -4.78 -11.30 -1.38
N GLY A 50 -5.52 -11.52 -0.30
CA GLY A 50 -5.01 -12.34 0.78
C GLY A 50 -5.99 -13.44 1.17
N PRO A 51 -5.79 -14.01 2.38
CA PRO A 51 -6.64 -15.07 2.90
C PRO A 51 -8.04 -14.58 3.26
N SER A 52 -8.25 -13.27 3.12
CA SER A 52 -9.54 -12.67 3.43
C SER A 52 -9.59 -11.22 2.96
N LYS A 53 -10.73 -10.83 2.40
CA LYS A 53 -10.90 -9.47 1.91
C LYS A 53 -10.43 -8.45 2.95
N VAL A 54 -9.90 -7.33 2.47
CA VAL A 54 -9.41 -6.28 3.35
C VAL A 54 -9.77 -4.90 2.81
N ASP A 55 -10.46 -4.11 3.63
CA ASP A 55 -10.85 -2.76 3.23
C ASP A 55 -9.64 -1.95 2.78
N ILE A 56 -9.86 -1.04 1.83
CA ILE A 56 -8.79 -0.20 1.32
C ILE A 56 -9.23 1.26 1.25
N GLN A 57 -8.52 2.12 1.97
CA GLN A 57 -8.83 3.54 1.99
C GLN A 57 -7.68 4.36 1.40
N THR A 58 -8.00 5.16 0.39
CA THR A 58 -7.00 6.00 -0.27
C THR A 58 -7.34 7.48 -0.14
N GLU A 59 -6.32 8.32 -0.22
CA GLU A 59 -6.51 9.77 -0.10
C GLU A 59 -5.32 10.52 -0.68
N ASP A 60 -5.58 11.68 -1.27
CA ASP A 60 -4.53 12.50 -1.86
C ASP A 60 -3.93 13.44 -0.81
N LEU A 61 -2.61 13.38 -0.66
CA LEU A 61 -1.91 14.22 0.30
C LEU A 61 -1.39 15.49 -0.36
N GLU A 62 -0.82 16.38 0.45
CA GLU A 62 -0.28 17.63 -0.06
C GLU A 62 0.98 17.39 -0.88
N ASP A 63 1.50 16.16 -0.82
CA ASP A 63 2.70 15.80 -1.55
C ASP A 63 2.34 15.07 -2.85
N GLY A 64 1.06 15.10 -3.20
CA GLY A 64 0.62 14.45 -4.42
C GLY A 64 0.78 12.95 -4.36
N THR A 65 1.02 12.42 -3.17
CA THR A 65 1.20 10.99 -2.97
C THR A 65 -0.12 10.32 -2.58
N CYS A 66 -0.10 8.99 -2.53
CA CYS A 66 -1.29 8.23 -2.17
C CYS A 66 -1.02 7.35 -0.95
N LYS A 67 -1.77 7.59 0.13
CA LYS A 67 -1.61 6.82 1.35
C LYS A 67 -2.68 5.74 1.45
N VAL A 68 -2.29 4.49 1.18
CA VAL A 68 -3.22 3.38 1.24
C VAL A 68 -3.35 2.86 2.67
N SER A 69 -4.57 2.45 3.04
CA SER A 69 -4.84 1.94 4.37
C SER A 69 -5.75 0.72 4.32
N TYR A 70 -5.38 -0.32 5.05
CA TYR A 70 -6.17 -1.55 5.08
C TYR A 70 -6.15 -2.17 6.47
N PHE A 71 -7.13 -3.03 6.74
CA PHE A 71 -7.23 -3.70 8.03
C PHE A 71 -7.43 -5.20 7.86
N PRO A 72 -6.33 -5.95 8.00
CA PRO A 72 -6.35 -7.41 7.87
C PRO A 72 -7.08 -8.09 9.02
N THR A 73 -7.74 -9.22 8.72
CA THR A 73 -8.48 -9.96 9.73
C THR A 73 -7.95 -11.39 9.86
N VAL A 74 -7.34 -11.88 8.79
CA VAL A 74 -6.79 -13.23 8.78
C VAL A 74 -5.34 -13.24 8.31
N PRO A 75 -4.49 -13.98 9.02
CA PRO A 75 -3.07 -14.09 8.68
C PRO A 75 -2.82 -14.87 7.40
N GLY A 76 -1.68 -14.62 6.77
CA GLY A 76 -1.35 -15.31 5.53
C GLY A 76 -0.48 -14.49 4.62
N VAL A 77 -0.82 -14.46 3.34
CA VAL A 77 -0.05 -13.70 2.36
C VAL A 77 -0.95 -12.74 1.58
N TYR A 78 -0.75 -11.45 1.80
CA TYR A 78 -1.54 -10.43 1.11
C TYR A 78 -0.77 -9.83 -0.06
N ILE A 79 -1.27 -10.05 -1.27
CA ILE A 79 -0.63 -9.52 -2.46
C ILE A 79 -1.12 -8.11 -2.78
N VAL A 80 -0.31 -7.12 -2.42
CA VAL A 80 -0.66 -5.73 -2.67
C VAL A 80 -0.25 -5.30 -4.08
N SER A 81 -1.20 -5.34 -5.01
CA SER A 81 -0.94 -4.97 -6.39
C SER A 81 -0.89 -3.44 -6.54
N THR A 82 0.31 -2.91 -6.70
CA THR A 82 0.49 -1.48 -6.85
C THR A 82 0.91 -1.12 -8.27
N LYS A 83 0.00 -0.46 -9.00
CA LYS A 83 0.27 -0.05 -10.38
C LYS A 83 0.14 1.46 -10.54
N PHE A 84 0.83 2.01 -11.53
CA PHE A 84 0.78 3.44 -11.79
C PHE A 84 0.89 3.72 -13.29
N ALA A 85 -0.20 4.18 -13.88
CA ALA A 85 -0.23 4.49 -15.31
C ALA A 85 0.03 3.24 -16.14
N ASP A 86 -0.64 2.15 -15.80
CA ASP A 86 -0.48 0.89 -16.51
C ASP A 86 0.96 0.38 -16.40
N GLU A 87 1.53 0.51 -15.21
CA GLU A 87 2.90 0.06 -14.97
C GLU A 87 3.11 -0.26 -13.50
N HIS A 88 3.49 -1.51 -13.22
CA HIS A 88 3.73 -1.95 -11.85
C HIS A 88 5.03 -1.38 -11.31
N VAL A 89 4.98 -0.85 -10.09
CA VAL A 89 6.16 -0.26 -9.46
C VAL A 89 7.35 -1.22 -9.53
N PRO A 90 8.56 -0.66 -9.40
CA PRO A 90 9.79 -1.45 -9.43
C PRO A 90 9.96 -2.33 -8.20
N GLY A 91 9.30 -3.48 -8.21
CA GLY A 91 9.39 -4.39 -7.08
C GLY A 91 8.09 -5.17 -6.87
N SER A 92 7.05 -4.78 -7.59
CA SER A 92 5.75 -5.45 -7.46
C SER A 92 5.76 -6.79 -8.18
N PRO A 93 4.81 -7.67 -7.83
CA PRO A 93 3.80 -7.36 -6.81
C PRO A 93 4.40 -7.29 -5.40
N PHE A 94 3.65 -6.68 -4.48
CA PHE A 94 4.11 -6.55 -3.11
C PHE A 94 3.51 -7.65 -2.23
N THR A 95 4.35 -8.64 -1.88
CA THR A 95 3.92 -9.74 -1.05
C THR A 95 4.07 -9.42 0.43
N VAL A 96 2.96 -9.05 1.07
CA VAL A 96 2.96 -8.71 2.48
C VAL A 96 2.61 -9.92 3.34
N LYS A 97 3.56 -10.36 4.17
CA LYS A 97 3.35 -11.51 5.04
C LYS A 97 2.89 -11.06 6.43
N ILE A 98 1.72 -11.54 6.84
CA ILE A 98 1.17 -11.18 8.14
C ILE A 98 1.49 -12.25 9.18
N SER A 99 1.84 -11.81 10.38
CA SER A 99 2.18 -12.74 11.47
C SER A 99 0.93 -13.44 11.99
N GLY A 100 0.06 -12.68 12.64
CA GLY A 100 -1.16 -13.25 13.18
C GLY A 100 -1.15 -13.31 14.69
N GLU A 101 -1.00 -14.52 15.23
CA GLU A 101 -0.97 -14.71 16.68
C GLU A 101 0.38 -14.30 17.26
N GLY A 102 0.75 -13.04 17.04
CA GLY A 102 2.02 -12.55 17.55
C GLY A 102 1.84 -11.48 18.61
N ARG A 103 2.35 -10.28 18.33
CA ARG A 103 2.25 -9.18 19.26
C ARG A 103 0.97 -8.37 19.02
N VAL A 104 0.25 -8.08 20.10
CA VAL A 104 -0.98 -7.31 20.00
C VAL A 104 -1.19 -6.42 21.23
N LYS A 105 -1.73 -5.24 21.01
CA LYS A 105 -1.97 -4.30 22.10
C LYS A 105 -3.47 -4.13 22.35
N SER A 106 -3.95 -4.68 23.46
CA SER A 106 -5.36 -4.59 23.81
C SER A 106 -5.61 -3.45 24.79
N GLY A 107 -6.28 -2.40 24.32
CA GLY A 107 -6.56 -1.26 25.17
C GLY A 107 -7.66 -0.38 24.59
N PRO A 108 -8.86 -0.95 24.43
CA PRO A 108 -10.02 -0.23 23.90
C PRO A 108 -10.54 0.83 24.87
N SER A 109 -11.56 1.56 24.44
CA SER A 109 -12.15 2.60 25.26
C SER A 109 -13.62 2.82 24.89
N SER A 110 -14.33 3.55 25.76
CA SER A 110 -15.74 3.83 25.53
C SER A 110 -15.94 5.18 24.85
N GLY A 111 -16.84 5.23 23.87
CA GLY A 111 -17.10 6.46 23.15
C GLY A 111 -17.93 7.44 23.97
N GLY A 1 -17.98 14.65 -24.64
CA GLY A 1 -17.28 13.46 -25.11
C GLY A 1 -15.79 13.55 -24.89
N SER A 2 -15.25 12.64 -24.08
CA SER A 2 -13.82 12.62 -23.78
C SER A 2 -13.10 11.62 -24.68
N SER A 3 -12.41 12.14 -25.69
CA SER A 3 -11.68 11.29 -26.62
C SER A 3 -10.72 10.36 -25.88
N GLY A 4 -10.01 10.92 -24.90
CA GLY A 4 -9.07 10.12 -24.13
C GLY A 4 -7.73 10.81 -23.96
N SER A 5 -7.70 11.85 -23.14
CA SER A 5 -6.47 12.60 -22.90
C SER A 5 -6.30 12.90 -21.42
N SER A 6 -5.32 12.26 -20.79
CA SER A 6 -5.06 12.45 -19.38
C SER A 6 -3.56 12.57 -19.11
N GLY A 7 -3.21 13.16 -17.98
CA GLY A 7 -1.81 13.32 -17.63
C GLY A 7 -1.02 12.03 -17.77
N ILE A 8 0.30 12.16 -17.89
CA ILE A 8 1.16 10.99 -18.02
C ILE A 8 2.28 11.01 -16.98
N GLY A 9 2.76 9.82 -16.63
CA GLY A 9 3.83 9.71 -15.65
C GLY A 9 4.67 8.48 -15.84
N ASP A 10 5.46 8.13 -14.82
CA ASP A 10 6.32 6.96 -14.89
C ASP A 10 6.23 6.16 -13.58
N ALA A 11 5.76 4.93 -13.69
CA ALA A 11 5.63 4.06 -12.52
C ALA A 11 6.99 3.64 -11.98
N ARG A 12 7.97 3.57 -12.88
CA ARG A 12 9.32 3.18 -12.50
C ARG A 12 9.93 4.18 -11.52
N ARG A 13 9.66 5.47 -11.77
CA ARG A 13 10.18 6.53 -10.92
C ARG A 13 9.45 6.56 -9.58
N ALA A 14 8.18 6.13 -9.58
CA ALA A 14 7.38 6.09 -8.38
C ALA A 14 8.02 5.21 -7.31
N LYS A 15 7.96 5.66 -6.06
CA LYS A 15 8.53 4.91 -4.95
C LYS A 15 7.45 4.54 -3.93
N VAL A 16 7.69 3.46 -3.19
CA VAL A 16 6.75 3.00 -2.18
C VAL A 16 7.46 2.64 -0.89
N TYR A 17 7.15 3.36 0.19
CA TYR A 17 7.76 3.11 1.49
C TYR A 17 6.72 3.16 2.60
N GLY A 18 6.90 2.31 3.61
CA GLY A 18 5.97 2.29 4.72
C GLY A 18 6.15 1.07 5.60
N ARG A 19 5.06 0.62 6.23
CA ARG A 19 5.12 -0.54 7.11
C ARG A 19 4.25 -1.68 6.55
N GLY A 20 3.15 -1.30 5.90
CA GLY A 20 2.27 -2.30 5.33
C GLY A 20 2.70 -2.76 3.96
N LEU A 21 3.99 -2.60 3.67
CA LEU A 21 4.54 -3.00 2.38
C LEU A 21 5.52 -4.17 2.55
N SER A 22 6.10 -4.27 3.75
CA SER A 22 7.06 -5.33 4.03
C SER A 22 6.46 -6.36 5.00
N GLU A 23 6.08 -5.89 6.19
CA GLU A 23 5.51 -6.76 7.20
C GLU A 23 4.14 -6.25 7.64
N GLY A 24 3.53 -6.94 8.59
CA GLY A 24 2.22 -6.54 9.09
C GLY A 24 1.64 -7.55 10.06
N ARG A 25 0.43 -7.26 10.56
CA ARG A 25 -0.24 -8.15 11.50
C ARG A 25 -1.76 -8.08 11.32
N THR A 26 -2.45 -9.10 11.83
CA THR A 26 -3.90 -9.15 11.73
C THR A 26 -4.55 -8.16 12.69
N PHE A 27 -5.79 -7.78 12.38
CA PHE A 27 -6.53 -6.83 13.21
C PHE A 27 -5.70 -5.57 13.47
N GLU A 28 -4.79 -5.27 12.54
CA GLU A 28 -3.94 -4.10 12.66
C GLU A 28 -3.90 -3.31 11.35
N MET A 29 -4.39 -2.08 11.39
CA MET A 29 -4.41 -1.23 10.20
C MET A 29 -2.99 -0.88 9.75
N SER A 30 -2.60 -1.40 8.60
CA SER A 30 -1.27 -1.15 8.07
C SER A 30 -1.33 -0.30 6.79
N ASP A 31 -0.85 0.93 6.89
CA ASP A 31 -0.87 1.84 5.75
C ASP A 31 0.56 2.13 5.27
N PHE A 32 0.67 2.82 4.15
CA PHE A 32 1.97 3.17 3.59
C PHE A 32 1.85 4.34 2.61
N ILE A 33 3.00 4.93 2.27
CA ILE A 33 3.02 6.06 1.36
C ILE A 33 3.42 5.62 -0.05
N VAL A 34 2.97 6.38 -1.05
CA VAL A 34 3.28 6.07 -2.44
C VAL A 34 3.81 7.30 -3.18
N ASP A 35 5.12 7.38 -3.31
CA ASP A 35 5.75 8.50 -3.99
C ASP A 35 5.42 8.49 -5.48
N THR A 36 4.60 9.44 -5.92
CA THR A 36 4.20 9.52 -7.32
C THR A 36 4.51 10.90 -7.89
N ARG A 37 4.65 11.88 -7.00
CA ARG A 37 4.94 13.24 -7.41
C ARG A 37 6.13 13.28 -8.37
N ASP A 38 7.18 12.54 -8.04
CA ASP A 38 8.37 12.48 -8.88
C ASP A 38 8.12 11.65 -10.13
N ALA A 39 7.07 10.84 -10.11
CA ALA A 39 6.72 10.00 -11.24
C ALA A 39 5.98 10.80 -12.31
N GLY A 40 5.03 11.62 -11.87
CA GLY A 40 4.26 12.42 -12.81
C GLY A 40 2.77 12.29 -12.60
N TYR A 41 2.08 11.72 -13.58
CA TYR A 41 0.64 11.54 -13.50
C TYR A 41 0.23 10.19 -14.07
N GLY A 42 -1.00 9.76 -13.76
CA GLY A 42 -1.49 8.50 -14.26
C GLY A 42 -2.50 7.86 -13.32
N GLY A 43 -3.34 6.98 -13.86
CA GLY A 43 -4.34 6.31 -13.06
C GLY A 43 -3.74 5.32 -12.07
N ILE A 44 -4.04 5.49 -10.80
CA ILE A 44 -3.53 4.61 -9.77
C ILE A 44 -4.49 3.46 -9.49
N SER A 45 -3.97 2.23 -9.51
CA SER A 45 -4.79 1.05 -9.27
C SER A 45 -4.22 0.22 -8.12
N LEU A 46 -4.97 0.15 -7.02
CA LEU A 46 -4.55 -0.61 -5.86
C LEU A 46 -5.54 -1.72 -5.54
N ALA A 47 -5.01 -2.89 -5.17
CA ALA A 47 -5.86 -4.02 -4.84
C ALA A 47 -5.06 -5.08 -4.07
N VAL A 48 -5.54 -5.42 -2.87
CA VAL A 48 -4.88 -6.42 -2.04
C VAL A 48 -5.66 -7.72 -2.02
N GLU A 49 -4.96 -8.83 -2.22
CA GLU A 49 -5.58 -10.15 -2.23
C GLU A 49 -4.88 -11.09 -1.25
N GLY A 50 -5.65 -11.67 -0.34
CA GLY A 50 -5.09 -12.59 0.63
C GLY A 50 -6.09 -13.63 1.10
N PRO A 51 -5.85 -14.20 2.29
CA PRO A 51 -6.72 -15.22 2.87
C PRO A 51 -8.07 -14.65 3.30
N SER A 52 -8.16 -13.32 3.33
CA SER A 52 -9.40 -12.66 3.73
C SER A 52 -9.60 -11.36 2.94
N LYS A 53 -10.72 -10.70 3.18
CA LYS A 53 -11.03 -9.45 2.50
C LYS A 53 -10.59 -8.25 3.33
N VAL A 54 -9.96 -7.29 2.67
CA VAL A 54 -9.48 -6.09 3.35
C VAL A 54 -10.01 -4.83 2.66
N ASP A 55 -10.41 -3.86 3.47
CA ASP A 55 -10.94 -2.59 2.95
C ASP A 55 -9.81 -1.65 2.58
N ILE A 56 -9.69 -1.36 1.28
CA ILE A 56 -8.64 -0.47 0.80
C ILE A 56 -9.10 0.99 0.83
N GLN A 57 -8.38 1.80 1.60
CA GLN A 57 -8.71 3.22 1.73
C GLN A 57 -7.54 4.09 1.29
N THR A 58 -7.79 4.97 0.31
CA THR A 58 -6.76 5.86 -0.19
C THR A 58 -7.09 7.31 0.11
N GLU A 59 -6.09 8.18 -0.02
CA GLU A 59 -6.28 9.61 0.25
C GLU A 59 -5.19 10.44 -0.43
N ASP A 60 -5.56 11.63 -0.89
CA ASP A 60 -4.62 12.51 -1.56
C ASP A 60 -3.97 13.46 -0.56
N LEU A 61 -2.71 13.18 -0.22
CA LEU A 61 -1.98 14.02 0.73
C LEU A 61 -1.57 15.34 0.08
N GLU A 62 -0.83 16.15 0.84
CA GLU A 62 -0.37 17.43 0.35
C GLU A 62 0.92 17.30 -0.46
N ASP A 63 1.72 16.30 -0.09
CA ASP A 63 2.99 16.04 -0.77
C ASP A 63 2.75 15.55 -2.20
N GLY A 64 1.57 14.99 -2.43
CA GLY A 64 1.24 14.48 -3.75
C GLY A 64 1.35 12.97 -3.84
N THR A 65 1.44 12.33 -2.68
CA THR A 65 1.56 10.87 -2.62
C THR A 65 0.22 10.23 -2.26
N CYS A 66 0.16 8.91 -2.38
CA CYS A 66 -1.06 8.17 -2.07
C CYS A 66 -0.85 7.29 -0.82
N LYS A 67 -1.61 7.59 0.23
CA LYS A 67 -1.51 6.84 1.48
C LYS A 67 -2.58 5.76 1.54
N VAL A 68 -2.18 4.51 1.34
CA VAL A 68 -3.10 3.38 1.38
C VAL A 68 -3.27 2.87 2.80
N SER A 69 -4.48 2.42 3.13
CA SER A 69 -4.79 1.89 4.45
C SER A 69 -5.70 0.68 4.36
N TYR A 70 -5.31 -0.40 5.02
CA TYR A 70 -6.10 -1.63 5.02
C TYR A 70 -6.09 -2.29 6.39
N PHE A 71 -7.13 -3.07 6.68
CA PHE A 71 -7.25 -3.75 7.95
C PHE A 71 -7.53 -5.24 7.76
N PRO A 72 -6.47 -6.06 7.86
CA PRO A 72 -6.57 -7.51 7.69
C PRO A 72 -7.32 -8.17 8.83
N THR A 73 -7.80 -9.39 8.60
CA THR A 73 -8.53 -10.14 9.62
C THR A 73 -7.93 -11.52 9.83
N VAL A 74 -7.40 -12.10 8.76
CA VAL A 74 -6.79 -13.43 8.83
C VAL A 74 -5.31 -13.37 8.47
N PRO A 75 -4.47 -14.03 9.28
CA PRO A 75 -3.02 -14.08 9.06
C PRO A 75 -2.64 -14.90 7.82
N GLY A 76 -1.69 -14.39 7.05
CA GLY A 76 -1.25 -15.09 5.86
C GLY A 76 -0.37 -14.23 4.97
N VAL A 77 -0.58 -14.33 3.66
CA VAL A 77 0.19 -13.56 2.70
C VAL A 77 -0.72 -12.72 1.79
N TYR A 78 -0.64 -11.41 1.94
CA TYR A 78 -1.45 -10.50 1.14
C TYR A 78 -0.66 -9.94 -0.04
N ILE A 79 -1.27 -9.92 -1.22
CA ILE A 79 -0.63 -9.41 -2.41
C ILE A 79 -1.06 -7.97 -2.70
N VAL A 80 -0.18 -7.03 -2.40
CA VAL A 80 -0.46 -5.61 -2.64
C VAL A 80 -0.11 -5.21 -4.06
N SER A 81 -1.11 -5.18 -4.93
CA SER A 81 -0.90 -4.81 -6.32
C SER A 81 -0.85 -3.29 -6.48
N THR A 82 0.36 -2.75 -6.52
CA THR A 82 0.54 -1.31 -6.67
C THR A 82 0.81 -0.94 -8.12
N LYS A 83 -0.12 -0.19 -8.72
CA LYS A 83 0.02 0.23 -10.10
C LYS A 83 -0.09 1.75 -10.22
N PHE A 84 0.62 2.32 -11.20
CA PHE A 84 0.60 3.76 -11.41
C PHE A 84 0.72 4.09 -12.90
N ALA A 85 -0.39 4.50 -13.50
CA ALA A 85 -0.40 4.85 -14.92
C ALA A 85 -0.28 3.60 -15.79
N ASP A 86 -1.06 2.58 -15.45
CA ASP A 86 -1.03 1.33 -16.21
C ASP A 86 0.36 0.70 -16.19
N GLU A 87 1.00 0.73 -15.03
CA GLU A 87 2.34 0.18 -14.89
C GLU A 87 2.63 -0.17 -13.43
N HIS A 88 2.97 -1.42 -13.18
CA HIS A 88 3.27 -1.89 -11.83
C HIS A 88 4.62 -1.36 -11.37
N VAL A 89 4.67 -0.84 -10.14
CA VAL A 89 5.91 -0.30 -9.59
C VAL A 89 7.07 -1.26 -9.81
N PRO A 90 8.30 -0.72 -9.79
CA PRO A 90 9.51 -1.52 -9.98
C PRO A 90 9.80 -2.43 -8.79
N GLY A 91 9.14 -3.58 -8.76
CA GLY A 91 9.33 -4.52 -7.67
C GLY A 91 8.06 -5.25 -7.30
N SER A 92 6.94 -4.85 -7.92
CA SER A 92 5.66 -5.46 -7.63
C SER A 92 5.54 -6.82 -8.32
N PRO A 93 4.60 -7.65 -7.84
CA PRO A 93 3.71 -7.29 -6.73
C PRO A 93 4.46 -7.21 -5.40
N PHE A 94 3.77 -6.75 -4.37
CA PHE A 94 4.36 -6.63 -3.04
C PHE A 94 3.84 -7.72 -2.12
N THR A 95 4.70 -8.67 -1.77
CA THR A 95 4.33 -9.77 -0.89
C THR A 95 4.46 -9.36 0.57
N VAL A 96 3.31 -9.29 1.26
CA VAL A 96 3.29 -8.92 2.66
C VAL A 96 2.94 -10.11 3.54
N LYS A 97 3.85 -10.47 4.45
CA LYS A 97 3.63 -11.59 5.36
C LYS A 97 2.97 -11.13 6.66
N ILE A 98 1.69 -11.43 6.79
CA ILE A 98 0.94 -11.04 7.99
C ILE A 98 0.94 -12.17 9.02
N SER A 99 1.42 -11.86 10.21
CA SER A 99 1.47 -12.86 11.29
C SER A 99 0.33 -12.64 12.28
N GLY A 100 -0.23 -13.75 12.78
CA GLY A 100 -1.32 -13.66 13.73
C GLY A 100 -1.14 -14.60 14.90
N GLU A 101 -0.21 -14.28 15.78
CA GLU A 101 0.07 -15.10 16.96
C GLU A 101 -0.19 -14.32 18.24
N GLY A 102 0.43 -13.15 18.35
CA GLY A 102 0.25 -12.32 19.53
C GLY A 102 -0.47 -11.02 19.23
N ARG A 103 -1.78 -11.09 19.05
CA ARG A 103 -2.58 -9.91 18.76
C ARG A 103 -2.42 -8.85 19.84
N VAL A 104 -2.75 -7.61 19.50
CA VAL A 104 -2.63 -6.50 20.45
C VAL A 104 -3.53 -6.73 21.66
N LYS A 105 -2.93 -6.69 22.85
CA LYS A 105 -3.66 -6.90 24.09
C LYS A 105 -4.53 -5.68 24.41
N SER A 106 -3.96 -4.48 24.22
CA SER A 106 -4.68 -3.24 24.48
C SER A 106 -6.13 -3.35 24.02
N GLY A 107 -7.05 -3.42 24.98
CA GLY A 107 -8.45 -3.53 24.65
C GLY A 107 -9.12 -4.74 25.28
N PRO A 108 -9.39 -4.66 26.60
CA PRO A 108 -10.03 -5.75 27.34
C PRO A 108 -11.48 -5.95 26.94
N SER A 109 -11.97 -7.17 27.11
CA SER A 109 -13.35 -7.49 26.77
C SER A 109 -14.06 -8.14 27.95
N SER A 110 -14.68 -7.32 28.80
CA SER A 110 -15.40 -7.81 29.96
C SER A 110 -16.59 -8.68 29.55
N GLY A 111 -17.08 -9.47 30.50
CA GLY A 111 -18.21 -10.34 30.21
C GLY A 111 -18.71 -11.07 31.44
N GLY A 1 -7.90 6.66 -30.37
CA GLY A 1 -9.28 6.58 -29.90
C GLY A 1 -9.38 6.03 -28.49
N SER A 2 -8.86 6.77 -27.52
CA SER A 2 -8.89 6.35 -26.12
C SER A 2 -9.51 7.43 -25.24
N SER A 3 -9.96 7.02 -24.06
CA SER A 3 -10.58 7.95 -23.12
C SER A 3 -9.72 8.10 -21.86
N GLY A 4 -9.46 9.34 -21.47
CA GLY A 4 -8.66 9.60 -20.30
C GLY A 4 -8.34 11.07 -20.11
N SER A 5 -7.77 11.41 -18.97
CA SER A 5 -7.42 12.80 -18.67
C SER A 5 -6.00 13.10 -19.15
N SER A 6 -5.66 14.39 -19.20
CA SER A 6 -4.34 14.82 -19.64
C SER A 6 -3.33 14.69 -18.51
N GLY A 7 -2.31 13.88 -18.72
CA GLY A 7 -1.28 13.68 -17.72
C GLY A 7 -0.40 12.49 -18.01
N ILE A 8 0.90 12.64 -17.79
CA ILE A 8 1.85 11.56 -18.04
C ILE A 8 2.65 11.24 -16.77
N GLY A 9 3.12 10.00 -16.68
CA GLY A 9 3.91 9.59 -15.53
C GLY A 9 4.70 8.33 -15.78
N ASP A 10 5.62 8.02 -14.88
CA ASP A 10 6.46 6.83 -15.01
C ASP A 10 6.43 6.01 -13.73
N ALA A 11 5.89 4.79 -13.83
CA ALA A 11 5.81 3.91 -12.67
C ALA A 11 7.20 3.61 -12.10
N ARG A 12 8.14 3.30 -12.98
CA ARG A 12 9.50 3.00 -12.56
C ARG A 12 10.09 4.15 -11.75
N ARG A 13 9.47 5.32 -11.85
CA ARG A 13 9.92 6.50 -11.12
C ARG A 13 9.23 6.61 -9.77
N ALA A 14 8.08 5.96 -9.65
CA ALA A 14 7.32 5.99 -8.41
C ALA A 14 7.98 5.11 -7.34
N LYS A 15 7.79 5.48 -6.08
CA LYS A 15 8.36 4.74 -4.97
C LYS A 15 7.29 4.41 -3.93
N VAL A 16 7.57 3.41 -3.10
CA VAL A 16 6.63 2.99 -2.06
C VAL A 16 7.37 2.50 -0.82
N TYR A 17 7.17 3.18 0.30
CA TYR A 17 7.82 2.81 1.55
C TYR A 17 6.84 2.88 2.71
N GLY A 18 6.97 1.94 3.64
CA GLY A 18 6.09 1.92 4.80
C GLY A 18 6.11 0.58 5.51
N ARG A 19 5.30 0.45 6.56
CA ARG A 19 5.24 -0.79 7.33
C ARG A 19 4.27 -1.77 6.69
N GLY A 20 3.26 -1.24 6.00
CA GLY A 20 2.27 -2.08 5.35
C GLY A 20 2.79 -2.68 4.05
N LEU A 21 4.09 -2.54 3.82
CA LEU A 21 4.71 -3.06 2.60
C LEU A 21 5.75 -4.11 2.94
N SER A 22 6.30 -4.04 4.14
CA SER A 22 7.32 -4.99 4.59
C SER A 22 6.69 -6.11 5.41
N GLU A 23 6.13 -5.75 6.57
CA GLU A 23 5.51 -6.72 7.45
C GLU A 23 4.11 -6.25 7.87
N GLY A 24 3.43 -7.07 8.66
CA GLY A 24 2.10 -6.74 9.10
C GLY A 24 1.55 -7.74 10.10
N ARG A 25 0.38 -7.44 10.65
CA ARG A 25 -0.26 -8.32 11.63
C ARG A 25 -1.78 -8.26 11.52
N THR A 26 -2.46 -9.27 12.06
CA THR A 26 -3.91 -9.32 12.02
C THR A 26 -4.53 -8.27 12.92
N PHE A 27 -5.71 -7.79 12.54
CA PHE A 27 -6.40 -6.77 13.31
C PHE A 27 -5.50 -5.58 13.59
N GLU A 28 -4.69 -5.21 12.59
CA GLU A 28 -3.77 -4.08 12.72
C GLU A 28 -3.75 -3.24 11.45
N MET A 29 -4.21 -1.99 11.57
CA MET A 29 -4.24 -1.08 10.43
C MET A 29 -2.83 -0.87 9.87
N SER A 30 -2.57 -1.46 8.70
CA SER A 30 -1.27 -1.33 8.06
C SER A 30 -1.37 -0.48 6.79
N ASP A 31 -0.76 0.70 6.83
CA ASP A 31 -0.77 1.60 5.69
C ASP A 31 0.64 1.87 5.18
N PHE A 32 0.74 2.64 4.11
CA PHE A 32 2.04 2.96 3.52
C PHE A 32 1.94 4.19 2.62
N ILE A 33 3.08 4.75 2.27
CA ILE A 33 3.12 5.93 1.40
C ILE A 33 3.41 5.54 -0.05
N VAL A 34 3.01 6.40 -0.98
CA VAL A 34 3.22 6.14 -2.39
C VAL A 34 3.76 7.39 -3.10
N ASP A 35 5.07 7.42 -3.32
CA ASP A 35 5.71 8.55 -3.99
C ASP A 35 5.36 8.56 -5.47
N THR A 36 4.51 9.51 -5.87
CA THR A 36 4.10 9.63 -7.26
C THR A 36 4.36 11.04 -7.78
N ARG A 37 4.85 11.92 -6.91
CA ARG A 37 5.15 13.29 -7.29
C ARG A 37 6.39 13.37 -8.16
N ASP A 38 7.33 12.46 -7.93
CA ASP A 38 8.57 12.41 -8.69
C ASP A 38 8.38 11.63 -9.98
N ALA A 39 7.28 10.89 -10.07
CA ALA A 39 6.98 10.10 -11.26
C ALA A 39 6.27 10.93 -12.32
N GLY A 40 5.09 11.45 -11.96
CA GLY A 40 4.33 12.25 -12.90
C GLY A 40 2.85 12.24 -12.60
N TYR A 41 2.08 11.56 -13.44
CA TYR A 41 0.63 11.47 -13.25
C TYR A 41 0.09 10.19 -13.86
N GLY A 42 -1.14 9.83 -13.46
CA GLY A 42 -1.75 8.62 -13.97
C GLY A 42 -2.69 7.98 -12.97
N GLY A 43 -3.52 7.06 -13.44
CA GLY A 43 -4.47 6.39 -12.56
C GLY A 43 -3.81 5.32 -11.71
N ILE A 44 -3.87 5.50 -10.40
CA ILE A 44 -3.26 4.55 -9.47
C ILE A 44 -4.25 3.44 -9.11
N SER A 45 -3.78 2.20 -9.24
CA SER A 45 -4.61 1.04 -8.94
C SER A 45 -4.06 0.25 -7.76
N LEU A 46 -4.83 0.19 -6.68
CA LEU A 46 -4.41 -0.53 -5.48
C LEU A 46 -5.45 -1.57 -5.08
N ALA A 47 -4.99 -2.80 -4.86
CA ALA A 47 -5.88 -3.89 -4.46
C ALA A 47 -5.11 -4.99 -3.75
N VAL A 48 -5.46 -5.25 -2.50
CA VAL A 48 -4.80 -6.28 -1.71
C VAL A 48 -5.54 -7.62 -1.83
N GLU A 49 -4.81 -8.65 -2.23
CA GLU A 49 -5.39 -9.98 -2.38
C GLU A 49 -4.71 -10.99 -1.45
N GLY A 50 -5.46 -11.47 -0.46
CA GLY A 50 -4.91 -12.43 0.48
C GLY A 50 -5.91 -13.50 0.85
N PRO A 51 -5.69 -14.15 2.01
CA PRO A 51 -6.57 -15.21 2.51
C PRO A 51 -7.93 -14.67 2.94
N SER A 52 -8.11 -13.37 2.86
CA SER A 52 -9.36 -12.73 3.25
C SER A 52 -9.56 -11.41 2.51
N LYS A 53 -10.65 -10.72 2.82
CA LYS A 53 -10.95 -9.44 2.19
C LYS A 53 -10.57 -8.28 3.10
N VAL A 54 -9.93 -7.27 2.52
CA VAL A 54 -9.51 -6.10 3.28
C VAL A 54 -10.02 -4.81 2.64
N ASP A 55 -10.43 -3.87 3.46
CA ASP A 55 -10.93 -2.58 2.97
C ASP A 55 -9.78 -1.64 2.64
N ILE A 56 -9.65 -1.30 1.35
CA ILE A 56 -8.59 -0.40 0.91
C ILE A 56 -9.07 1.04 0.89
N GLN A 57 -8.41 1.89 1.67
CA GLN A 57 -8.77 3.30 1.73
C GLN A 57 -7.62 4.18 1.27
N THR A 58 -7.88 5.05 0.31
CA THR A 58 -6.87 5.95 -0.22
C THR A 58 -7.24 7.41 0.04
N GLU A 59 -6.23 8.27 0.05
CA GLU A 59 -6.44 9.70 0.28
C GLU A 59 -5.31 10.53 -0.32
N ASP A 60 -5.66 11.65 -0.93
CA ASP A 60 -4.68 12.53 -1.55
C ASP A 60 -4.09 13.49 -0.52
N LEU A 61 -2.80 13.33 -0.23
CA LEU A 61 -2.11 14.19 0.73
C LEU A 61 -1.64 15.48 0.08
N GLU A 62 -1.04 16.36 0.87
CA GLU A 62 -0.54 17.63 0.37
C GLU A 62 0.79 17.46 -0.34
N ASP A 63 1.50 16.39 0.01
CA ASP A 63 2.79 16.10 -0.60
C ASP A 63 2.61 15.57 -2.02
N GLY A 64 1.42 15.09 -2.33
CA GLY A 64 1.15 14.57 -3.66
C GLY A 64 1.27 13.05 -3.71
N THR A 65 1.39 12.42 -2.54
CA THR A 65 1.52 10.97 -2.48
C THR A 65 0.21 10.33 -2.02
N CYS A 66 0.05 9.04 -2.31
CA CYS A 66 -1.14 8.31 -1.92
C CYS A 66 -0.86 7.36 -0.76
N LYS A 67 -1.60 7.52 0.32
CA LYS A 67 -1.43 6.68 1.50
C LYS A 67 -2.51 5.62 1.58
N VAL A 68 -2.16 4.38 1.28
CA VAL A 68 -3.11 3.26 1.32
C VAL A 68 -3.32 2.77 2.74
N SER A 69 -4.53 2.30 3.03
CA SER A 69 -4.85 1.80 4.36
C SER A 69 -5.76 0.57 4.27
N TYR A 70 -5.41 -0.48 5.02
CA TYR A 70 -6.19 -1.71 5.01
C TYR A 70 -6.15 -2.37 6.38
N PHE A 71 -7.21 -3.12 6.71
CA PHE A 71 -7.29 -3.80 7.99
C PHE A 71 -7.52 -5.30 7.79
N PRO A 72 -6.43 -6.08 7.88
CA PRO A 72 -6.47 -7.53 7.72
C PRO A 72 -7.19 -8.23 8.87
N THR A 73 -7.77 -9.39 8.58
CA THR A 73 -8.49 -10.15 9.59
C THR A 73 -7.94 -11.57 9.69
N VAL A 74 -7.39 -12.07 8.60
CA VAL A 74 -6.82 -13.42 8.58
C VAL A 74 -5.33 -13.38 8.26
N PRO A 75 -4.54 -14.14 9.04
CA PRO A 75 -3.09 -14.20 8.86
C PRO A 75 -2.70 -14.95 7.59
N GLY A 76 -1.65 -14.46 6.93
CA GLY A 76 -1.20 -15.08 5.70
C GLY A 76 -0.38 -14.15 4.83
N VAL A 77 -0.42 -14.37 3.53
CA VAL A 77 0.32 -13.54 2.59
C VAL A 77 -0.62 -12.67 1.76
N TYR A 78 -0.56 -11.37 1.98
CA TYR A 78 -1.41 -10.43 1.25
C TYR A 78 -0.63 -9.77 0.12
N ILE A 79 -1.12 -9.95 -1.11
CA ILE A 79 -0.48 -9.36 -2.28
C ILE A 79 -1.03 -7.97 -2.58
N VAL A 80 -0.19 -6.96 -2.41
CA VAL A 80 -0.59 -5.58 -2.67
C VAL A 80 -0.27 -5.16 -4.10
N SER A 81 -1.27 -5.17 -4.96
CA SER A 81 -1.09 -4.79 -6.36
C SER A 81 -0.98 -3.27 -6.50
N THR A 82 0.23 -2.77 -6.65
CA THR A 82 0.46 -1.34 -6.79
C THR A 82 0.76 -0.97 -8.24
N LYS A 83 -0.17 -0.28 -8.87
CA LYS A 83 -0.01 0.14 -10.26
C LYS A 83 -0.09 1.65 -10.39
N PHE A 84 0.61 2.19 -11.40
CA PHE A 84 0.62 3.63 -11.63
C PHE A 84 0.70 3.94 -13.13
N ALA A 85 -0.37 4.51 -13.65
CA ALA A 85 -0.42 4.86 -15.07
C ALA A 85 -0.36 3.61 -15.95
N ASP A 86 -1.02 2.55 -15.51
CA ASP A 86 -1.04 1.30 -16.25
C ASP A 86 0.34 0.64 -16.23
N GLU A 87 1.01 0.71 -15.09
CA GLU A 87 2.33 0.12 -14.95
C GLU A 87 2.63 -0.22 -13.48
N HIS A 88 2.98 -1.48 -13.23
CA HIS A 88 3.28 -1.92 -11.89
C HIS A 88 4.64 -1.39 -11.42
N VAL A 89 4.68 -0.86 -10.20
CA VAL A 89 5.91 -0.32 -9.64
C VAL A 89 7.07 -1.30 -9.83
N PRO A 90 8.30 -0.76 -9.83
CA PRO A 90 9.52 -1.57 -9.99
C PRO A 90 9.79 -2.46 -8.79
N GLY A 91 9.14 -3.62 -8.76
CA GLY A 91 9.32 -4.55 -7.66
C GLY A 91 8.04 -5.26 -7.29
N SER A 92 6.93 -4.88 -7.92
CA SER A 92 5.64 -5.49 -7.64
C SER A 92 5.53 -6.86 -8.30
N PRO A 93 4.59 -7.68 -7.82
CA PRO A 93 3.69 -7.30 -6.73
C PRO A 93 4.42 -7.20 -5.39
N PHE A 94 3.71 -6.73 -4.37
CA PHE A 94 4.29 -6.59 -3.04
C PHE A 94 3.80 -7.69 -2.11
N THR A 95 4.72 -8.55 -1.69
CA THR A 95 4.38 -9.65 -0.79
C THR A 95 4.50 -9.24 0.67
N VAL A 96 3.36 -9.16 1.36
CA VAL A 96 3.34 -8.77 2.76
C VAL A 96 2.94 -9.95 3.65
N LYS A 97 3.75 -10.24 4.66
CA LYS A 97 3.47 -11.33 5.58
C LYS A 97 2.71 -10.84 6.81
N ILE A 98 1.56 -11.43 7.07
CA ILE A 98 0.75 -11.04 8.21
C ILE A 98 0.73 -12.14 9.27
N SER A 99 1.18 -11.80 10.47
CA SER A 99 1.23 -12.75 11.58
C SER A 99 -0.07 -12.72 12.38
N GLY A 100 -0.35 -13.82 13.08
CA GLY A 100 -1.56 -13.90 13.87
C GLY A 100 -1.29 -14.38 15.28
N GLU A 101 -0.45 -13.66 16.01
CA GLU A 101 -0.11 -14.02 17.37
C GLU A 101 0.74 -12.93 18.03
N GLY A 102 0.18 -12.29 19.04
CA GLY A 102 0.88 -11.23 19.74
C GLY A 102 0.27 -9.86 19.51
N ARG A 103 -0.42 -9.35 20.53
CA ARG A 103 -1.07 -8.06 20.43
C ARG A 103 -0.31 -7.01 21.23
N VAL A 104 -0.14 -5.82 20.67
CA VAL A 104 0.57 -4.73 21.33
C VAL A 104 -0.08 -4.39 22.67
N LYS A 105 0.61 -4.74 23.76
CA LYS A 105 0.10 -4.47 25.09
C LYS A 105 -0.67 -3.17 25.13
N SER A 106 -1.90 -3.21 25.64
CA SER A 106 -2.75 -2.03 25.73
C SER A 106 -2.55 -1.33 27.07
N GLY A 107 -2.75 0.00 27.07
CA GLY A 107 -2.58 0.76 28.28
C GLY A 107 -3.02 2.20 28.12
N PRO A 108 -4.33 2.45 28.23
CA PRO A 108 -4.91 3.79 28.09
C PRO A 108 -4.54 4.70 29.27
N SER A 109 -3.90 4.12 30.28
CA SER A 109 -3.49 4.88 31.46
C SER A 109 -4.52 5.97 31.78
N SER A 110 -5.79 5.59 31.75
CA SER A 110 -6.87 6.53 32.05
C SER A 110 -7.41 6.32 33.46
N GLY A 111 -6.75 6.95 34.43
CA GLY A 111 -7.18 6.81 35.81
C GLY A 111 -6.13 6.16 36.68
N GLY A 1 7.70 26.78 -17.88
CA GLY A 1 6.46 26.21 -17.37
C GLY A 1 5.37 26.14 -18.42
N SER A 2 4.14 25.93 -17.99
CA SER A 2 3.01 25.84 -18.90
C SER A 2 3.25 24.77 -19.95
N SER A 3 3.76 23.63 -19.52
CA SER A 3 4.04 22.52 -20.42
C SER A 3 2.82 22.20 -21.29
N GLY A 4 3.06 22.00 -22.59
CA GLY A 4 1.97 21.70 -23.50
C GLY A 4 1.37 20.33 -23.25
N SER A 5 2.23 19.36 -22.95
CA SER A 5 1.76 18.00 -22.68
C SER A 5 2.02 17.60 -21.23
N SER A 6 0.94 17.36 -20.50
CA SER A 6 1.05 16.98 -19.10
C SER A 6 0.02 15.89 -18.75
N GLY A 7 0.45 14.94 -17.93
CA GLY A 7 -0.45 13.85 -17.54
C GLY A 7 0.23 12.50 -17.58
N ILE A 8 1.38 12.44 -18.24
CA ILE A 8 2.13 11.19 -18.36
C ILE A 8 3.10 11.02 -17.20
N GLY A 9 3.18 9.80 -16.68
CA GLY A 9 4.07 9.52 -15.57
C GLY A 9 4.92 8.28 -15.80
N ASP A 10 5.75 7.94 -14.82
CA ASP A 10 6.61 6.78 -14.92
C ASP A 10 6.59 5.96 -13.63
N ALA A 11 5.92 4.82 -13.67
CA ALA A 11 5.82 3.95 -12.50
C ALA A 11 7.19 3.66 -11.92
N ARG A 12 8.13 3.28 -12.79
CA ARG A 12 9.49 2.97 -12.36
C ARG A 12 10.01 4.03 -11.40
N ARG A 13 9.64 5.29 -11.66
CA ARG A 13 10.08 6.39 -10.82
C ARG A 13 9.32 6.40 -9.49
N ALA A 14 8.06 5.99 -9.54
CA ALA A 14 7.22 5.95 -8.34
C ALA A 14 7.86 5.10 -7.26
N LYS A 15 7.89 5.64 -6.04
CA LYS A 15 8.48 4.93 -4.90
C LYS A 15 7.42 4.59 -3.87
N VAL A 16 7.66 3.54 -3.10
CA VAL A 16 6.73 3.11 -2.06
C VAL A 16 7.45 2.78 -0.76
N TYR A 17 7.02 3.41 0.33
CA TYR A 17 7.62 3.19 1.63
C TYR A 17 6.57 3.21 2.74
N GLY A 18 6.67 2.26 3.67
CA GLY A 18 5.73 2.19 4.77
C GLY A 18 5.98 1.00 5.67
N ARG A 19 4.91 0.49 6.27
CA ARG A 19 5.03 -0.66 7.17
C ARG A 19 4.18 -1.82 6.68
N GLY A 20 3.11 -1.51 5.95
CA GLY A 20 2.23 -2.54 5.43
C GLY A 20 2.68 -3.04 4.07
N LEU A 21 3.94 -2.82 3.74
CA LEU A 21 4.49 -3.24 2.45
C LEU A 21 5.45 -4.41 2.63
N SER A 22 6.17 -4.41 3.76
CA SER A 22 7.13 -5.47 4.05
C SER A 22 6.56 -6.45 5.07
N GLU A 23 6.15 -5.93 6.22
CA GLU A 23 5.59 -6.76 7.28
C GLU A 23 4.18 -6.30 7.63
N GLY A 24 3.57 -6.98 8.61
CA GLY A 24 2.22 -6.64 9.03
C GLY A 24 1.66 -7.61 10.03
N ARG A 25 0.46 -7.32 10.54
CA ARG A 25 -0.19 -8.19 11.51
C ARG A 25 -1.70 -8.15 11.35
N THR A 26 -2.38 -9.15 11.90
CA THR A 26 -3.83 -9.24 11.81
C THR A 26 -4.49 -8.26 12.77
N PHE A 27 -5.65 -7.75 12.37
CA PHE A 27 -6.39 -6.80 13.20
C PHE A 27 -5.56 -5.54 13.46
N GLU A 28 -4.65 -5.25 12.54
CA GLU A 28 -3.79 -4.07 12.67
C GLU A 28 -3.80 -3.25 11.39
N MET A 29 -4.29 -2.02 11.47
CA MET A 29 -4.35 -1.14 10.32
C MET A 29 -2.94 -0.81 9.82
N SER A 30 -2.57 -1.38 8.67
CA SER A 30 -1.26 -1.15 8.10
C SER A 30 -1.36 -0.28 6.85
N ASP A 31 -0.75 0.90 6.91
CA ASP A 31 -0.77 1.82 5.78
C ASP A 31 0.65 2.17 5.33
N PHE A 32 0.76 2.70 4.12
CA PHE A 32 2.07 3.07 3.57
C PHE A 32 1.94 4.28 2.64
N ILE A 33 3.07 4.92 2.36
CA ILE A 33 3.09 6.08 1.49
C ILE A 33 3.47 5.70 0.06
N VAL A 34 3.02 6.50 -0.89
CA VAL A 34 3.31 6.25 -2.30
C VAL A 34 3.84 7.50 -2.99
N ASP A 35 5.16 7.57 -3.14
CA ASP A 35 5.79 8.72 -3.78
C ASP A 35 5.64 8.65 -5.30
N THR A 36 4.81 9.54 -5.84
CA THR A 36 4.57 9.57 -7.28
C THR A 36 4.86 10.95 -7.85
N ARG A 37 4.92 11.95 -6.98
CA ARG A 37 5.18 13.31 -7.39
C ARG A 37 6.47 13.40 -8.21
N ASP A 38 7.41 12.51 -7.91
CA ASP A 38 8.69 12.48 -8.62
C ASP A 38 8.56 11.74 -9.94
N ALA A 39 7.51 10.92 -10.06
CA ALA A 39 7.28 10.16 -11.28
C ALA A 39 6.52 11.00 -12.31
N GLY A 40 5.39 11.57 -11.89
CA GLY A 40 4.59 12.38 -12.79
C GLY A 40 3.11 12.29 -12.49
N TYR A 41 2.36 11.67 -13.40
CA TYR A 41 0.92 11.52 -13.23
C TYR A 41 0.43 10.21 -13.85
N GLY A 42 -0.76 9.79 -13.44
CA GLY A 42 -1.32 8.55 -13.96
C GLY A 42 -2.29 7.91 -13.00
N GLY A 43 -3.11 6.99 -13.50
CA GLY A 43 -4.09 6.31 -12.67
C GLY A 43 -3.45 5.25 -11.79
N ILE A 44 -3.65 5.36 -10.49
CA ILE A 44 -3.10 4.40 -9.55
C ILE A 44 -4.15 3.35 -9.15
N SER A 45 -3.73 2.09 -9.11
CA SER A 45 -4.63 1.01 -8.75
C SER A 45 -4.05 0.19 -7.59
N LEU A 46 -4.78 0.16 -6.48
CA LEU A 46 -4.35 -0.59 -5.30
C LEU A 46 -5.37 -1.65 -4.91
N ALA A 47 -4.92 -2.88 -4.77
CA ALA A 47 -5.80 -3.99 -4.39
C ALA A 47 -5.02 -5.09 -3.70
N VAL A 48 -5.32 -5.31 -2.42
CA VAL A 48 -4.65 -6.35 -1.64
C VAL A 48 -5.42 -7.66 -1.70
N GLU A 49 -4.74 -8.72 -2.13
CA GLU A 49 -5.37 -10.04 -2.23
C GLU A 49 -4.70 -11.03 -1.29
N GLY A 50 -5.45 -11.48 -0.28
CA GLY A 50 -4.91 -12.43 0.68
C GLY A 50 -5.92 -13.46 1.11
N PRO A 51 -5.70 -14.07 2.28
CA PRO A 51 -6.59 -15.09 2.82
C PRO A 51 -7.93 -14.51 3.27
N SER A 52 -8.10 -13.21 3.07
CA SER A 52 -9.33 -12.54 3.45
C SER A 52 -9.50 -11.23 2.69
N LYS A 53 -10.65 -10.59 2.87
CA LYS A 53 -10.93 -9.33 2.19
C LYS A 53 -10.57 -8.13 3.07
N VAL A 54 -9.84 -7.19 2.51
CA VAL A 54 -9.41 -6.00 3.24
C VAL A 54 -9.84 -4.73 2.51
N ASP A 55 -10.65 -3.91 3.19
CA ASP A 55 -11.12 -2.66 2.59
C ASP A 55 -9.97 -1.70 2.35
N ILE A 56 -9.66 -1.46 1.09
CA ILE A 56 -8.57 -0.55 0.73
C ILE A 56 -9.04 0.89 0.72
N GLN A 57 -8.44 1.71 1.59
CA GLN A 57 -8.79 3.12 1.69
C GLN A 57 -7.62 4.00 1.27
N THR A 58 -7.87 4.89 0.31
CA THR A 58 -6.84 5.79 -0.18
C THR A 58 -7.21 7.24 0.06
N GLU A 59 -6.21 8.12 0.07
CA GLU A 59 -6.45 9.54 0.31
C GLU A 59 -5.25 10.37 -0.17
N ASP A 60 -5.54 11.41 -0.93
CA ASP A 60 -4.50 12.30 -1.46
C ASP A 60 -3.98 13.24 -0.37
N LEU A 61 -2.67 13.22 -0.16
CA LEU A 61 -2.05 14.09 0.85
C LEU A 61 -1.61 15.41 0.25
N GLU A 62 -1.18 16.33 1.10
CA GLU A 62 -0.73 17.65 0.65
C GLU A 62 0.56 17.52 -0.16
N ASP A 63 1.34 16.50 0.14
CA ASP A 63 2.60 16.26 -0.56
C ASP A 63 2.35 15.78 -1.99
N GLY A 64 1.12 15.34 -2.25
CA GLY A 64 0.77 14.86 -3.58
C GLY A 64 0.93 13.36 -3.71
N THR A 65 1.12 12.69 -2.57
CA THR A 65 1.28 11.24 -2.57
C THR A 65 -0.02 10.55 -2.15
N CYS A 66 -0.06 9.23 -2.31
CA CYS A 66 -1.24 8.45 -1.95
C CYS A 66 -0.94 7.53 -0.77
N LYS A 67 -1.73 7.67 0.29
CA LYS A 67 -1.56 6.85 1.48
C LYS A 67 -2.61 5.74 1.54
N VAL A 68 -2.17 4.51 1.28
CA VAL A 68 -3.06 3.36 1.30
C VAL A 68 -3.29 2.86 2.72
N SER A 69 -4.51 2.41 3.00
CA SER A 69 -4.86 1.92 4.33
C SER A 69 -5.72 0.67 4.23
N TYR A 70 -5.33 -0.38 4.95
CA TYR A 70 -6.07 -1.63 4.94
C TYR A 70 -6.04 -2.29 6.32
N PHE A 71 -7.11 -3.00 6.65
CA PHE A 71 -7.20 -3.69 7.94
C PHE A 71 -7.39 -5.19 7.75
N PRO A 72 -6.28 -5.94 7.88
CA PRO A 72 -6.29 -7.40 7.71
C PRO A 72 -7.01 -8.10 8.86
N THR A 73 -7.59 -9.26 8.57
CA THR A 73 -8.31 -10.02 9.57
C THR A 73 -7.70 -11.41 9.74
N VAL A 74 -7.38 -12.06 8.63
CA VAL A 74 -6.78 -13.39 8.66
C VAL A 74 -5.32 -13.35 8.25
N PRO A 75 -4.47 -14.03 9.01
CA PRO A 75 -3.02 -14.10 8.75
C PRO A 75 -2.71 -14.91 7.50
N GLY A 76 -1.62 -14.55 6.83
CA GLY A 76 -1.22 -15.25 5.62
C GLY A 76 -0.33 -14.42 4.72
N VAL A 77 -0.57 -14.49 3.42
CA VAL A 77 0.20 -13.74 2.45
C VAL A 77 -0.68 -12.77 1.66
N TYR A 78 -0.60 -11.49 1.99
CA TYR A 78 -1.39 -10.47 1.30
C TYR A 78 -0.60 -9.83 0.18
N ILE A 79 -1.11 -9.95 -1.04
CA ILE A 79 -0.45 -9.38 -2.21
C ILE A 79 -0.98 -7.97 -2.51
N VAL A 80 -0.14 -6.97 -2.29
CA VAL A 80 -0.53 -5.58 -2.54
C VAL A 80 -0.24 -5.19 -3.99
N SER A 81 -1.29 -5.18 -4.82
CA SER A 81 -1.15 -4.82 -6.22
C SER A 81 -1.06 -3.31 -6.39
N THR A 82 0.16 -2.81 -6.52
CA THR A 82 0.37 -1.37 -6.69
C THR A 82 0.64 -1.03 -8.15
N LYS A 83 -0.24 -0.23 -8.74
CA LYS A 83 -0.10 0.19 -10.13
C LYS A 83 -0.07 1.70 -10.25
N PHE A 84 0.63 2.19 -11.27
CA PHE A 84 0.74 3.63 -11.50
C PHE A 84 0.79 3.94 -12.98
N ALA A 85 -0.32 4.46 -13.52
CA ALA A 85 -0.39 4.81 -14.93
C ALA A 85 -0.33 3.56 -15.81
N ASP A 86 -1.11 2.55 -15.44
CA ASP A 86 -1.14 1.30 -16.19
C ASP A 86 0.23 0.63 -16.20
N GLU A 87 0.86 0.60 -15.03
CA GLU A 87 2.18 -0.02 -14.91
C GLU A 87 2.49 -0.36 -13.45
N HIS A 88 2.87 -1.60 -13.21
CA HIS A 88 3.19 -2.06 -11.86
C HIS A 88 4.55 -1.51 -11.41
N VAL A 89 4.58 -0.96 -10.20
CA VAL A 89 5.81 -0.41 -9.65
C VAL A 89 6.98 -1.37 -9.83
N PRO A 90 8.21 -0.82 -9.80
CA PRO A 90 9.42 -1.61 -9.96
C PRO A 90 9.70 -2.50 -8.75
N GLY A 91 9.06 -3.66 -8.71
CA GLY A 91 9.25 -4.57 -7.60
C GLY A 91 7.96 -5.29 -7.23
N SER A 92 6.86 -4.93 -7.88
CA SER A 92 5.57 -5.55 -7.60
C SER A 92 5.45 -6.91 -8.28
N PRO A 93 4.50 -7.72 -7.81
CA PRO A 93 3.62 -7.35 -6.71
C PRO A 93 4.34 -7.27 -5.37
N PHE A 94 3.64 -6.82 -4.34
CA PHE A 94 4.22 -6.70 -3.01
C PHE A 94 3.68 -7.78 -2.08
N THR A 95 4.54 -8.73 -1.72
CA THR A 95 4.14 -9.83 -0.83
C THR A 95 4.32 -9.43 0.63
N VAL A 96 3.20 -9.18 1.30
CA VAL A 96 3.23 -8.79 2.71
C VAL A 96 2.90 -9.98 3.61
N LYS A 97 3.86 -10.37 4.45
CA LYS A 97 3.67 -11.49 5.36
C LYS A 97 3.01 -11.03 6.66
N ILE A 98 1.74 -11.37 6.83
CA ILE A 98 1.00 -11.00 8.04
C ILE A 98 1.04 -12.11 9.08
N SER A 99 1.42 -11.75 10.30
CA SER A 99 1.52 -12.71 11.39
C SER A 99 0.27 -12.65 12.28
N GLY A 100 0.09 -13.67 13.10
CA GLY A 100 -1.07 -13.72 13.99
C GLY A 100 -0.71 -13.37 15.42
N GLU A 101 -1.39 -14.00 16.36
CA GLU A 101 -1.15 -13.75 17.78
C GLU A 101 0.33 -13.50 18.04
N GLY A 102 0.62 -12.57 18.96
CA GLY A 102 1.99 -12.25 19.28
C GLY A 102 2.35 -10.82 18.94
N ARG A 103 2.44 -9.97 19.96
CA ARG A 103 2.77 -8.57 19.76
C ARG A 103 3.78 -8.09 20.80
N VAL A 104 4.56 -7.08 20.44
CA VAL A 104 5.55 -6.53 21.35
C VAL A 104 4.90 -5.73 22.47
N LYS A 105 5.49 -5.81 23.66
CA LYS A 105 4.98 -5.09 24.82
C LYS A 105 5.50 -3.67 24.86
N SER A 106 4.79 -2.76 24.19
CA SER A 106 5.19 -1.36 24.15
C SER A 106 5.06 -0.72 25.52
N GLY A 107 3.86 -0.72 26.07
CA GLY A 107 3.62 -0.14 27.38
C GLY A 107 2.57 0.95 27.35
N PRO A 108 1.28 0.54 27.29
CA PRO A 108 0.15 1.47 27.25
C PRO A 108 -0.03 2.20 28.58
N SER A 109 -0.83 3.28 28.56
CA SER A 109 -1.08 4.06 29.76
C SER A 109 -2.52 4.55 29.78
N SER A 110 -3.11 4.61 30.97
CA SER A 110 -4.48 5.05 31.13
C SER A 110 -4.69 6.41 30.46
N GLY A 111 -5.47 6.42 29.38
CA GLY A 111 -5.73 7.65 28.67
C GLY A 111 -6.36 7.41 27.31
N GLY A 1 7.05 24.46 -23.73
CA GLY A 1 5.80 25.17 -23.93
C GLY A 1 4.60 24.22 -24.00
N SER A 2 4.38 23.65 -25.18
CA SER A 2 3.27 22.74 -25.37
C SER A 2 3.07 21.85 -24.15
N SER A 3 2.01 22.12 -23.39
CA SER A 3 1.70 21.36 -22.19
C SER A 3 1.83 19.87 -22.44
N GLY A 4 1.16 19.40 -23.50
CA GLY A 4 1.20 17.99 -23.83
C GLY A 4 0.01 17.22 -23.30
N SER A 5 -0.87 16.78 -24.20
CA SER A 5 -2.06 16.04 -23.81
C SER A 5 -1.68 14.82 -22.98
N SER A 6 -0.58 14.18 -23.34
CA SER A 6 -0.11 12.99 -22.63
C SER A 6 0.76 13.38 -21.44
N GLY A 7 0.23 13.18 -20.23
CA GLY A 7 0.98 13.52 -19.04
C GLY A 7 1.29 12.29 -18.19
N ILE A 8 1.22 11.12 -18.81
CA ILE A 8 1.50 9.87 -18.10
C ILE A 8 2.95 9.83 -17.61
N GLY A 9 3.16 9.28 -16.42
CA GLY A 9 4.49 9.18 -15.87
C GLY A 9 5.09 7.78 -16.03
N ASP A 10 5.84 7.36 -15.03
CA ASP A 10 6.47 6.05 -15.06
C ASP A 10 6.54 5.44 -13.66
N ALA A 11 5.90 4.28 -13.49
CA ALA A 11 5.89 3.59 -12.21
C ALA A 11 7.31 3.39 -11.67
N ARG A 12 8.23 3.07 -12.57
CA ARG A 12 9.63 2.85 -12.19
C ARG A 12 10.19 4.06 -11.45
N ARG A 13 9.54 5.21 -11.65
CA ARG A 13 9.98 6.44 -11.00
C ARG A 13 9.27 6.64 -9.67
N ALA A 14 8.07 6.07 -9.56
CA ALA A 14 7.27 6.19 -8.34
C ALA A 14 7.90 5.38 -7.21
N LYS A 15 7.95 5.97 -6.02
CA LYS A 15 8.51 5.31 -4.86
C LYS A 15 7.42 4.91 -3.87
N VAL A 16 7.67 3.87 -3.10
CA VAL A 16 6.71 3.39 -2.11
C VAL A 16 7.40 2.98 -0.82
N TYR A 17 7.00 3.61 0.28
CA TYR A 17 7.58 3.31 1.59
C TYR A 17 6.51 3.26 2.67
N GLY A 18 6.61 2.28 3.55
CA GLY A 18 5.64 2.13 4.62
C GLY A 18 5.83 0.85 5.41
N ARG A 19 4.86 0.53 6.26
CA ARG A 19 4.93 -0.67 7.07
C ARG A 19 4.03 -1.77 6.50
N GLY A 20 3.07 -1.38 5.67
CA GLY A 20 2.16 -2.34 5.07
C GLY A 20 2.63 -2.77 3.69
N LEU A 21 3.93 -2.69 3.45
CA LEU A 21 4.48 -3.09 2.15
C LEU A 21 5.41 -4.29 2.31
N SER A 22 6.06 -4.38 3.47
CA SER A 22 6.98 -5.49 3.74
C SER A 22 6.35 -6.49 4.69
N GLU A 23 6.12 -6.07 5.93
CA GLU A 23 5.52 -6.93 6.93
C GLU A 23 4.13 -6.44 7.33
N GLY A 24 3.51 -7.13 8.28
CA GLY A 24 2.18 -6.74 8.72
C GLY A 24 1.67 -7.65 9.82
N ARG A 25 0.52 -7.27 10.40
CA ARG A 25 -0.08 -8.05 11.47
C ARG A 25 -1.61 -8.01 11.39
N THR A 26 -2.26 -9.01 11.99
CA THR A 26 -3.71 -9.08 11.97
C THR A 26 -4.33 -8.01 12.87
N PHE A 27 -5.49 -7.51 12.48
CA PHE A 27 -6.18 -6.48 13.25
C PHE A 27 -5.29 -5.27 13.47
N GLU A 28 -4.34 -5.08 12.55
CA GLU A 28 -3.41 -3.95 12.65
C GLU A 28 -3.45 -3.11 11.37
N MET A 29 -3.89 -1.86 11.51
CA MET A 29 -3.98 -0.95 10.37
C MET A 29 -2.61 -0.74 9.73
N SER A 30 -2.41 -1.32 8.56
CA SER A 30 -1.14 -1.20 7.85
C SER A 30 -1.28 -0.28 6.65
N ASP A 31 -0.69 0.91 6.76
CA ASP A 31 -0.75 1.88 5.66
C ASP A 31 0.64 2.23 5.17
N PHE A 32 0.73 2.83 3.99
CA PHE A 32 2.01 3.21 3.41
C PHE A 32 1.84 4.41 2.47
N ILE A 33 2.95 5.11 2.21
CA ILE A 33 2.92 6.27 1.34
C ILE A 33 3.39 5.91 -0.07
N VAL A 34 2.85 6.60 -1.07
CA VAL A 34 3.21 6.36 -2.46
C VAL A 34 3.71 7.63 -3.13
N ASP A 35 5.02 7.74 -3.26
CA ASP A 35 5.63 8.92 -3.90
C ASP A 35 5.47 8.86 -5.41
N THR A 36 4.69 9.78 -5.95
CA THR A 36 4.46 9.85 -7.39
C THR A 36 4.90 11.18 -7.97
N ARG A 37 5.82 11.84 -7.28
CA ARG A 37 6.32 13.15 -7.72
C ARG A 37 7.38 12.97 -8.80
N ASP A 38 8.27 12.00 -8.59
CA ASP A 38 9.34 11.73 -9.55
C ASP A 38 8.80 10.97 -10.76
N ALA A 39 7.55 10.56 -10.69
CA ALA A 39 6.92 9.84 -11.78
C ALA A 39 6.03 10.75 -12.62
N GLY A 40 5.13 11.47 -11.96
CA GLY A 40 4.25 12.38 -12.66
C GLY A 40 2.79 12.02 -12.44
N TYR A 41 2.09 11.68 -13.53
CA TYR A 41 0.68 11.34 -13.46
C TYR A 41 0.46 9.89 -13.88
N GLY A 42 -0.76 9.39 -13.66
CA GLY A 42 -1.08 8.03 -14.03
C GLY A 42 -2.05 7.39 -13.07
N GLY A 43 -3.07 6.72 -13.61
CA GLY A 43 -4.06 6.07 -12.77
C GLY A 43 -3.47 4.95 -11.93
N ILE A 44 -3.60 5.07 -10.62
CA ILE A 44 -3.07 4.06 -9.71
C ILE A 44 -4.07 2.92 -9.51
N SER A 45 -3.59 1.70 -9.69
CA SER A 45 -4.45 0.52 -9.52
C SER A 45 -3.99 -0.33 -8.35
N LEU A 46 -4.79 -0.33 -7.29
CA LEU A 46 -4.46 -1.11 -6.09
C LEU A 46 -5.39 -2.30 -5.94
N ALA A 47 -4.83 -3.45 -5.60
CA ALA A 47 -5.61 -4.66 -5.42
C ALA A 47 -4.91 -5.63 -4.46
N VAL A 48 -5.50 -5.80 -3.28
CA VAL A 48 -4.93 -6.69 -2.27
C VAL A 48 -5.56 -8.08 -2.36
N GLU A 49 -4.73 -9.10 -2.45
CA GLU A 49 -5.20 -10.48 -2.55
C GLU A 49 -4.62 -11.33 -1.41
N GLY A 50 -5.44 -11.58 -0.40
CA GLY A 50 -4.99 -12.39 0.72
C GLY A 50 -5.97 -13.50 1.07
N PRO A 51 -5.82 -14.07 2.27
CA PRO A 51 -6.68 -15.15 2.74
C PRO A 51 -8.10 -14.69 3.03
N SER A 52 -8.31 -13.37 2.96
CA SER A 52 -9.63 -12.80 3.21
C SER A 52 -9.74 -11.40 2.60
N LYS A 53 -10.92 -10.80 2.72
CA LYS A 53 -11.15 -9.46 2.19
C LYS A 53 -10.64 -8.40 3.15
N VAL A 54 -10.02 -7.36 2.60
CA VAL A 54 -9.48 -6.27 3.41
C VAL A 54 -9.85 -4.91 2.81
N ASP A 55 -10.40 -4.04 3.64
CA ASP A 55 -10.80 -2.71 3.22
C ASP A 55 -9.59 -1.91 2.73
N ILE A 56 -9.85 -0.97 1.82
CA ILE A 56 -8.77 -0.14 1.28
C ILE A 56 -9.19 1.33 1.22
N GLN A 57 -8.52 2.16 2.01
CA GLN A 57 -8.82 3.59 2.04
C GLN A 57 -7.69 4.40 1.42
N THR A 58 -8.02 5.17 0.38
CA THR A 58 -7.03 5.99 -0.30
C THR A 58 -7.41 7.46 -0.25
N GLU A 59 -6.41 8.33 -0.32
CA GLU A 59 -6.65 9.77 -0.28
C GLU A 59 -5.44 10.53 -0.82
N ASP A 60 -5.69 11.73 -1.37
CA ASP A 60 -4.63 12.55 -1.91
C ASP A 60 -4.08 13.51 -0.87
N LEU A 61 -2.77 13.42 -0.62
CA LEU A 61 -2.13 14.27 0.38
C LEU A 61 -1.56 15.54 -0.28
N GLU A 62 -1.10 16.47 0.55
CA GLU A 62 -0.54 17.72 0.04
C GLU A 62 0.79 17.48 -0.66
N ASP A 63 1.30 16.25 -0.54
CA ASP A 63 2.56 15.88 -1.15
C ASP A 63 2.34 15.20 -2.49
N GLY A 64 1.08 15.15 -2.93
CA GLY A 64 0.74 14.53 -4.19
C GLY A 64 0.94 13.03 -4.17
N THR A 65 0.83 12.44 -2.97
CA THR A 65 1.01 11.00 -2.82
C THR A 65 -0.29 10.34 -2.38
N CYS A 66 -0.33 9.01 -2.47
CA CYS A 66 -1.52 8.25 -2.10
C CYS A 66 -1.22 7.35 -0.90
N LYS A 67 -1.93 7.60 0.20
CA LYS A 67 -1.75 6.82 1.42
C LYS A 67 -2.77 5.69 1.50
N VAL A 68 -2.35 4.48 1.15
CA VAL A 68 -3.23 3.32 1.19
C VAL A 68 -3.34 2.76 2.60
N SER A 69 -4.57 2.46 3.01
CA SER A 69 -4.81 1.92 4.35
C SER A 69 -5.72 0.70 4.27
N TYR A 70 -5.34 -0.35 4.99
CA TYR A 70 -6.12 -1.59 5.01
C TYR A 70 -6.08 -2.24 6.39
N PHE A 71 -7.14 -2.98 6.71
CA PHE A 71 -7.22 -3.66 8.01
C PHE A 71 -7.39 -5.16 7.82
N PRO A 72 -6.28 -5.90 7.97
CA PRO A 72 -6.27 -7.36 7.82
C PRO A 72 -7.01 -8.06 8.96
N THR A 73 -7.69 -9.15 8.64
CA THR A 73 -8.43 -9.91 9.64
C THR A 73 -7.93 -11.35 9.72
N VAL A 74 -7.43 -11.87 8.60
CA VAL A 74 -6.92 -13.22 8.55
C VAL A 74 -5.44 -13.24 8.15
N PRO A 75 -4.63 -13.95 8.95
CA PRO A 75 -3.19 -14.07 8.70
C PRO A 75 -2.88 -14.89 7.46
N GLY A 76 -1.85 -14.48 6.72
CA GLY A 76 -1.47 -15.20 5.51
C GLY A 76 -0.56 -14.37 4.61
N VAL A 77 -0.86 -14.38 3.32
CA VAL A 77 -0.07 -13.63 2.35
C VAL A 77 -0.95 -12.70 1.53
N TYR A 78 -0.83 -11.40 1.77
CA TYR A 78 -1.61 -10.41 1.05
C TYR A 78 -0.80 -9.80 -0.10
N ILE A 79 -1.26 -10.04 -1.32
CA ILE A 79 -0.59 -9.52 -2.50
C ILE A 79 -1.10 -8.14 -2.87
N VAL A 80 -0.32 -7.12 -2.53
CA VAL A 80 -0.69 -5.74 -2.82
C VAL A 80 -0.25 -5.33 -4.21
N SER A 81 -1.17 -5.42 -5.17
CA SER A 81 -0.87 -5.07 -6.55
C SER A 81 -0.86 -3.56 -6.74
N THR A 82 0.34 -2.96 -6.71
CA THR A 82 0.48 -1.52 -6.87
C THR A 82 0.89 -1.17 -8.29
N LYS A 83 -0.01 -0.52 -9.02
CA LYS A 83 0.25 -0.12 -10.39
C LYS A 83 0.10 1.39 -10.56
N PHE A 84 0.84 1.96 -11.50
CA PHE A 84 0.78 3.40 -11.76
C PHE A 84 0.99 3.68 -13.24
N ALA A 85 -0.04 4.22 -13.89
CA ALA A 85 0.02 4.55 -15.31
C ALA A 85 0.20 3.29 -16.15
N ASP A 86 -0.49 2.22 -15.78
CA ASP A 86 -0.41 0.96 -16.50
C ASP A 86 0.98 0.35 -16.37
N GLU A 87 1.57 0.47 -15.18
CA GLU A 87 2.90 -0.06 -14.94
C GLU A 87 3.08 -0.39 -13.46
N HIS A 88 3.49 -1.63 -13.17
CA HIS A 88 3.70 -2.08 -11.81
C HIS A 88 4.98 -1.50 -11.24
N VAL A 89 4.91 -0.94 -10.03
CA VAL A 89 6.07 -0.35 -9.38
C VAL A 89 7.28 -1.28 -9.46
N PRO A 90 8.49 -0.70 -9.34
CA PRO A 90 9.74 -1.45 -9.40
C PRO A 90 9.93 -2.34 -8.18
N GLY A 91 9.28 -3.50 -8.18
CA GLY A 91 9.41 -4.43 -7.07
C GLY A 91 8.13 -5.20 -6.82
N SER A 92 7.06 -4.83 -7.53
CA SER A 92 5.78 -5.50 -7.38
C SER A 92 5.79 -6.86 -8.07
N PRO A 93 4.84 -7.73 -7.69
CA PRO A 93 3.83 -7.40 -6.68
C PRO A 93 4.44 -7.30 -5.28
N PHE A 94 3.64 -6.80 -4.33
CA PHE A 94 4.10 -6.65 -2.96
C PHE A 94 3.54 -7.77 -2.08
N THR A 95 4.42 -8.69 -1.67
CA THR A 95 4.02 -9.81 -0.84
C THR A 95 4.18 -9.48 0.64
N VAL A 96 3.06 -9.20 1.31
CA VAL A 96 3.07 -8.87 2.73
C VAL A 96 2.69 -10.08 3.58
N LYS A 97 3.65 -10.57 4.36
CA LYS A 97 3.41 -11.71 5.23
C LYS A 97 2.88 -11.27 6.60
N ILE A 98 1.62 -11.58 6.87
CA ILE A 98 1.01 -11.20 8.14
C ILE A 98 1.22 -12.30 9.18
N SER A 99 1.73 -11.91 10.34
CA SER A 99 1.99 -12.85 11.43
C SER A 99 0.68 -13.45 11.93
N GLY A 100 -0.17 -12.60 12.52
CA GLY A 100 -1.43 -13.07 13.04
C GLY A 100 -1.54 -12.90 14.55
N GLU A 101 -2.05 -13.93 15.22
CA GLU A 101 -2.21 -13.89 16.67
C GLU A 101 -0.85 -13.78 17.35
N GLY A 102 -0.77 -12.92 18.36
CA GLY A 102 0.46 -12.73 19.10
C GLY A 102 1.00 -11.31 18.98
N ARG A 103 1.33 -10.71 20.11
CA ARG A 103 1.86 -9.35 20.13
C ARG A 103 2.93 -9.20 21.21
N VAL A 104 3.81 -8.22 21.02
CA VAL A 104 4.88 -7.95 21.97
C VAL A 104 4.55 -6.77 22.87
N LYS A 105 4.93 -6.87 24.14
CA LYS A 105 4.68 -5.80 25.10
C LYS A 105 5.98 -5.30 25.72
N SER A 106 5.91 -4.18 26.42
CA SER A 106 7.08 -3.60 27.06
C SER A 106 7.74 -4.61 27.98
N GLY A 107 6.99 -5.07 28.99
CA GLY A 107 7.51 -6.03 29.93
C GLY A 107 6.60 -6.22 31.13
N PRO A 108 5.46 -6.89 30.91
CA PRO A 108 4.48 -7.15 31.97
C PRO A 108 4.98 -8.16 32.98
N SER A 109 5.62 -7.67 34.03
CA SER A 109 6.16 -8.54 35.08
C SER A 109 5.91 -7.95 36.46
N SER A 110 5.86 -8.82 37.46
CA SER A 110 5.61 -8.39 38.84
C SER A 110 6.66 -7.37 39.28
N GLY A 111 6.20 -6.19 39.68
CA GLY A 111 7.11 -5.15 40.12
C GLY A 111 6.41 -4.10 40.97
N GLY A 1 -5.40 20.06 -12.47
CA GLY A 1 -4.17 20.04 -13.22
C GLY A 1 -3.70 21.42 -13.62
N SER A 2 -2.69 21.93 -12.93
CA SER A 2 -2.14 23.25 -13.22
C SER A 2 -1.46 23.29 -14.58
N SER A 3 -1.77 24.32 -15.36
CA SER A 3 -1.19 24.47 -16.69
C SER A 3 0.30 24.15 -16.68
N GLY A 4 0.70 23.15 -17.46
CA GLY A 4 2.10 22.77 -17.51
C GLY A 4 2.33 21.55 -18.38
N SER A 5 3.47 20.89 -18.19
CA SER A 5 3.81 19.70 -18.96
C SER A 5 3.61 18.44 -18.13
N SER A 6 2.38 17.93 -18.11
CA SER A 6 2.06 16.73 -17.35
C SER A 6 0.99 15.92 -18.06
N GLY A 7 1.38 14.75 -18.56
CA GLY A 7 0.43 13.89 -19.27
C GLY A 7 0.59 12.43 -18.87
N ILE A 8 1.83 11.96 -18.85
CA ILE A 8 2.11 10.57 -18.50
C ILE A 8 3.05 10.48 -17.30
N GLY A 9 3.40 9.25 -16.91
CA GLY A 9 4.30 9.07 -15.79
C GLY A 9 5.19 7.85 -15.97
N ASP A 10 5.93 7.51 -14.92
CA ASP A 10 6.83 6.37 -14.95
C ASP A 10 6.80 5.61 -13.62
N ALA A 11 6.20 4.42 -13.64
CA ALA A 11 6.11 3.60 -12.43
C ALA A 11 7.49 3.37 -11.83
N ARG A 12 8.48 3.16 -12.69
CA ARG A 12 9.85 2.91 -12.23
C ARG A 12 10.35 4.08 -11.39
N ARG A 13 9.78 5.26 -11.61
CA ARG A 13 10.17 6.46 -10.87
C ARG A 13 9.38 6.57 -9.57
N ALA A 14 8.23 5.91 -9.52
CA ALA A 14 7.38 5.94 -8.34
C ALA A 14 8.01 5.17 -7.19
N LYS A 15 7.94 5.73 -5.98
CA LYS A 15 8.51 5.10 -4.81
C LYS A 15 7.41 4.73 -3.81
N VAL A 16 7.69 3.74 -2.96
CA VAL A 16 6.73 3.29 -1.96
C VAL A 16 7.43 2.95 -0.65
N TYR A 17 7.04 3.64 0.41
CA TYR A 17 7.63 3.41 1.72
C TYR A 17 6.55 3.31 2.80
N GLY A 18 6.79 2.46 3.79
CA GLY A 18 5.82 2.30 4.87
C GLY A 18 6.07 1.04 5.68
N ARG A 19 5.02 0.55 6.33
CA ARG A 19 5.13 -0.65 7.15
C ARG A 19 4.23 -1.76 6.61
N GLY A 20 3.13 -1.37 5.98
CA GLY A 20 2.21 -2.34 5.42
C GLY A 20 2.64 -2.83 4.06
N LEU A 21 3.93 -2.72 3.78
CA LEU A 21 4.48 -3.15 2.49
C LEU A 21 5.41 -4.34 2.67
N SER A 22 6.10 -4.39 3.80
CA SER A 22 7.02 -5.47 4.09
C SER A 22 6.40 -6.49 5.06
N GLU A 23 6.02 -6.02 6.23
CA GLU A 23 5.40 -6.88 7.24
C GLU A 23 4.05 -6.33 7.67
N GLY A 24 3.41 -7.03 8.62
CA GLY A 24 2.12 -6.60 9.11
C GLY A 24 1.55 -7.54 10.15
N ARG A 25 0.38 -7.19 10.68
CA ARG A 25 -0.26 -8.00 11.70
C ARG A 25 -1.79 -7.91 11.59
N THR A 26 -2.48 -8.97 12.00
CA THR A 26 -3.93 -9.01 11.94
C THR A 26 -4.55 -7.96 12.87
N PHE A 27 -5.78 -7.57 12.57
CA PHE A 27 -6.47 -6.59 13.39
C PHE A 27 -5.58 -5.38 13.67
N GLU A 28 -4.76 -5.02 12.69
CA GLU A 28 -3.84 -3.89 12.84
C GLU A 28 -3.79 -3.07 11.55
N MET A 29 -4.22 -1.82 11.64
CA MET A 29 -4.21 -0.93 10.47
C MET A 29 -2.80 -0.73 9.94
N SER A 30 -2.59 -1.14 8.69
CA SER A 30 -1.27 -1.02 8.07
C SER A 30 -1.36 -0.20 6.78
N ASP A 31 -0.88 1.04 6.84
CA ASP A 31 -0.91 1.92 5.69
C ASP A 31 0.51 2.25 5.23
N PHE A 32 0.63 2.78 4.00
CA PHE A 32 1.93 3.13 3.45
C PHE A 32 1.80 4.33 2.50
N ILE A 33 2.93 4.98 2.25
CA ILE A 33 2.95 6.14 1.36
C ILE A 33 3.35 5.74 -0.05
N VAL A 34 2.89 6.51 -1.03
CA VAL A 34 3.20 6.25 -2.43
C VAL A 34 3.70 7.51 -3.13
N ASP A 35 5.01 7.56 -3.37
CA ASP A 35 5.62 8.70 -4.04
C ASP A 35 5.44 8.62 -5.54
N THR A 36 4.56 9.46 -6.08
CA THR A 36 4.29 9.47 -7.51
C THR A 36 4.63 10.83 -8.13
N ARG A 37 4.64 11.86 -7.29
CA ARG A 37 4.94 13.21 -7.75
C ARG A 37 6.30 13.25 -8.44
N ASP A 38 7.16 12.29 -8.12
CA ASP A 38 8.48 12.23 -8.72
C ASP A 38 8.44 11.49 -10.06
N ALA A 39 7.47 10.60 -10.20
CA ALA A 39 7.30 9.83 -11.43
C ALA A 39 6.70 10.70 -12.54
N GLY A 40 5.48 11.17 -12.31
CA GLY A 40 4.82 12.00 -13.30
C GLY A 40 3.32 12.06 -13.10
N TYR A 41 2.57 11.51 -14.05
CA TYR A 41 1.11 11.51 -13.96
C TYR A 41 0.54 10.20 -14.51
N GLY A 42 -0.67 9.87 -14.07
CA GLY A 42 -1.32 8.66 -14.52
C GLY A 42 -2.31 8.11 -13.51
N GLY A 43 -3.07 7.09 -13.91
CA GLY A 43 -4.05 6.50 -13.03
C GLY A 43 -3.47 5.39 -12.17
N ILE A 44 -3.70 5.48 -10.86
CA ILE A 44 -3.20 4.48 -9.93
C ILE A 44 -4.22 3.39 -9.69
N SER A 45 -3.74 2.14 -9.61
CA SER A 45 -4.62 1.00 -9.38
C SER A 45 -4.13 0.16 -8.21
N LEU A 46 -4.97 0.01 -7.20
CA LEU A 46 -4.62 -0.78 -6.03
C LEU A 46 -5.57 -1.96 -5.86
N ALA A 47 -5.03 -3.08 -5.37
CA ALA A 47 -5.83 -4.28 -5.16
C ALA A 47 -5.08 -5.30 -4.30
N VAL A 48 -5.64 -5.63 -3.15
CA VAL A 48 -5.02 -6.58 -2.24
C VAL A 48 -5.69 -7.96 -2.35
N GLU A 49 -4.88 -8.99 -2.53
CA GLU A 49 -5.39 -10.35 -2.64
C GLU A 49 -4.75 -11.27 -1.61
N GLY A 50 -5.51 -11.62 -0.58
CA GLY A 50 -5.00 -12.49 0.46
C GLY A 50 -5.99 -13.56 0.86
N PRO A 51 -5.78 -14.17 2.04
CA PRO A 51 -6.65 -15.23 2.56
C PRO A 51 -8.02 -14.70 2.98
N SER A 52 -8.15 -13.38 3.00
CA SER A 52 -9.40 -12.74 3.38
C SER A 52 -9.50 -11.33 2.82
N LYS A 53 -10.73 -10.86 2.62
CA LYS A 53 -10.95 -9.51 2.09
C LYS A 53 -10.49 -8.45 3.07
N VAL A 54 -9.88 -7.39 2.55
CA VAL A 54 -9.41 -6.29 3.39
C VAL A 54 -9.76 -4.94 2.78
N ASP A 55 -10.49 -4.13 3.53
CA ASP A 55 -10.89 -2.81 3.06
C ASP A 55 -9.67 -1.97 2.71
N ILE A 56 -9.86 -1.02 1.80
CA ILE A 56 -8.77 -0.15 1.36
C ILE A 56 -9.22 1.31 1.34
N GLN A 57 -8.62 2.13 2.20
CA GLN A 57 -8.96 3.54 2.27
C GLN A 57 -7.85 4.40 1.65
N THR A 58 -8.22 5.19 0.65
CA THR A 58 -7.27 6.07 -0.02
C THR A 58 -7.60 7.53 0.20
N GLU A 59 -6.59 8.38 0.11
CA GLU A 59 -6.77 9.82 0.30
C GLU A 59 -5.61 10.61 -0.29
N ASP A 60 -5.93 11.68 -1.01
CA ASP A 60 -4.90 12.52 -1.64
C ASP A 60 -4.31 13.49 -0.63
N LEU A 61 -3.01 13.37 -0.40
CA LEU A 61 -2.33 14.23 0.55
C LEU A 61 -1.93 15.55 -0.10
N GLU A 62 -1.25 16.41 0.65
CA GLU A 62 -0.81 17.70 0.14
C GLU A 62 0.40 17.54 -0.77
N ASP A 63 1.26 16.58 -0.45
CA ASP A 63 2.45 16.33 -1.24
C ASP A 63 2.10 15.74 -2.60
N GLY A 64 0.85 15.32 -2.74
CA GLY A 64 0.40 14.75 -4.00
C GLY A 64 0.56 13.25 -4.05
N THR A 65 0.80 12.64 -2.89
CA THR A 65 0.97 11.20 -2.80
C THR A 65 -0.32 10.51 -2.38
N CYS A 66 -0.32 9.19 -2.43
CA CYS A 66 -1.51 8.41 -2.06
C CYS A 66 -1.18 7.45 -0.92
N LYS A 67 -1.81 7.68 0.23
CA LYS A 67 -1.60 6.84 1.41
C LYS A 67 -2.68 5.78 1.53
N VAL A 68 -2.35 4.54 1.18
CA VAL A 68 -3.30 3.44 1.25
C VAL A 68 -3.38 2.88 2.67
N SER A 69 -4.57 2.45 3.07
CA SER A 69 -4.78 1.90 4.40
C SER A 69 -5.72 0.69 4.34
N TYR A 70 -5.35 -0.36 5.05
CA TYR A 70 -6.15 -1.58 5.08
C TYR A 70 -6.15 -2.20 6.47
N PHE A 71 -7.16 -3.01 6.76
CA PHE A 71 -7.29 -3.67 8.06
C PHE A 71 -7.43 -5.18 7.89
N PRO A 72 -6.31 -5.90 8.06
CA PRO A 72 -6.30 -7.36 7.94
C PRO A 72 -7.04 -8.05 9.07
N THR A 73 -7.71 -9.16 8.75
CA THR A 73 -8.46 -9.91 9.76
C THR A 73 -7.98 -11.36 9.82
N VAL A 74 -7.30 -11.80 8.78
CA VAL A 74 -6.78 -13.16 8.72
C VAL A 74 -5.31 -13.18 8.30
N PRO A 75 -4.48 -13.89 9.09
CA PRO A 75 -3.04 -14.00 8.82
C PRO A 75 -2.75 -14.84 7.58
N GLY A 76 -1.62 -14.56 6.94
CA GLY A 76 -1.24 -15.30 5.74
C GLY A 76 -0.37 -14.49 4.81
N VAL A 77 -0.74 -14.46 3.54
CA VAL A 77 0.01 -13.71 2.54
C VAL A 77 -0.90 -12.80 1.72
N TYR A 78 -0.66 -11.49 1.81
CA TYR A 78 -1.47 -10.52 1.08
C TYR A 78 -0.68 -9.93 -0.09
N ILE A 79 -1.27 -10.01 -1.28
CA ILE A 79 -0.62 -9.49 -2.49
C ILE A 79 -1.10 -8.07 -2.78
N VAL A 80 -0.25 -7.09 -2.48
CA VAL A 80 -0.58 -5.69 -2.71
C VAL A 80 -0.20 -5.27 -4.13
N SER A 81 -1.18 -5.29 -5.03
CA SER A 81 -0.94 -4.91 -6.42
C SER A 81 -0.91 -3.40 -6.57
N THR A 82 0.30 -2.85 -6.63
CA THR A 82 0.47 -1.41 -6.78
C THR A 82 0.82 -1.04 -8.22
N LYS A 83 -0.12 -0.39 -8.91
CA LYS A 83 0.08 0.01 -10.29
C LYS A 83 0.03 1.54 -10.42
N PHE A 84 0.70 2.06 -11.44
CA PHE A 84 0.72 3.51 -11.68
C PHE A 84 0.79 3.80 -13.17
N ALA A 85 -0.24 4.47 -13.68
CA ALA A 85 -0.30 4.83 -15.09
C ALA A 85 -0.17 3.59 -15.97
N ASP A 86 -0.86 2.51 -15.59
CA ASP A 86 -0.81 1.27 -16.34
C ASP A 86 0.58 0.66 -16.30
N GLU A 87 1.20 0.68 -15.14
CA GLU A 87 2.54 0.13 -14.96
C GLU A 87 2.80 -0.22 -13.50
N HIS A 88 3.17 -1.48 -13.25
CA HIS A 88 3.45 -1.93 -11.90
C HIS A 88 4.79 -1.39 -11.41
N VAL A 89 4.80 -0.87 -10.19
CA VAL A 89 6.01 -0.32 -9.61
C VAL A 89 7.18 -1.30 -9.75
N PRO A 90 8.41 -0.77 -9.69
CA PRO A 90 9.63 -1.57 -9.80
C PRO A 90 9.85 -2.45 -8.58
N GLY A 91 9.21 -3.61 -8.57
CA GLY A 91 9.35 -4.53 -7.45
C GLY A 91 8.07 -5.27 -7.14
N SER A 92 7.00 -4.90 -7.83
CA SER A 92 5.70 -5.53 -7.62
C SER A 92 5.63 -6.89 -8.29
N PRO A 93 4.67 -7.73 -7.85
CA PRO A 93 3.73 -7.36 -6.79
C PRO A 93 4.41 -7.26 -5.42
N PHE A 94 3.67 -6.74 -4.44
CA PHE A 94 4.20 -6.60 -3.09
C PHE A 94 3.66 -7.69 -2.17
N THR A 95 4.51 -8.65 -1.84
CA THR A 95 4.11 -9.75 -0.97
C THR A 95 4.27 -9.38 0.50
N VAL A 96 3.14 -9.16 1.17
CA VAL A 96 3.16 -8.79 2.58
C VAL A 96 2.77 -9.99 3.47
N LYS A 97 3.71 -10.43 4.30
CA LYS A 97 3.47 -11.55 5.19
C LYS A 97 2.92 -11.08 6.52
N ILE A 98 1.77 -11.62 6.92
CA ILE A 98 1.14 -11.25 8.18
C ILE A 98 1.33 -12.35 9.23
N SER A 99 1.75 -11.95 10.42
CA SER A 99 1.97 -12.89 11.51
C SER A 99 0.65 -13.31 12.13
N GLY A 100 0.00 -12.37 12.83
CA GLY A 100 -1.27 -12.67 13.46
C GLY A 100 -1.13 -13.67 14.60
N GLU A 101 -1.49 -14.92 14.34
CA GLU A 101 -1.41 -15.96 15.35
C GLU A 101 -1.88 -15.45 16.71
N GLY A 102 -2.91 -14.61 16.69
CA GLY A 102 -3.44 -14.06 17.93
C GLY A 102 -3.03 -12.63 18.14
N ARG A 103 -2.79 -12.25 19.40
CA ARG A 103 -2.39 -10.89 19.73
C ARG A 103 -1.27 -10.89 20.77
N VAL A 104 -0.39 -9.90 20.69
CA VAL A 104 0.72 -9.78 21.62
C VAL A 104 0.28 -10.09 23.04
N LYS A 105 1.22 -10.57 23.85
CA LYS A 105 0.94 -10.91 25.25
C LYS A 105 0.44 -9.68 26.01
N SER A 106 1.23 -8.61 25.97
CA SER A 106 0.87 -7.37 26.66
C SER A 106 0.60 -6.26 25.67
N GLY A 107 -0.65 -6.12 25.24
CA GLY A 107 -1.01 -5.09 24.30
C GLY A 107 -2.51 -4.91 24.19
N PRO A 108 -3.07 -4.04 25.04
CA PRO A 108 -4.51 -3.75 25.05
C PRO A 108 -4.97 -2.98 23.81
N SER A 109 -4.02 -2.65 22.95
CA SER A 109 -4.31 -1.92 21.72
C SER A 109 -5.06 -0.63 22.03
N SER A 110 -4.54 0.15 22.98
CA SER A 110 -5.16 1.40 23.37
C SER A 110 -4.82 2.52 22.39
N GLY A 111 -5.71 2.75 21.44
CA GLY A 111 -5.49 3.79 20.44
C GLY A 111 -5.48 3.25 19.03
N GLY A 1 -16.00 9.83 -18.36
CA GLY A 1 -14.75 10.50 -18.63
C GLY A 1 -13.55 9.60 -18.38
N SER A 2 -13.39 8.58 -19.21
CA SER A 2 -12.28 7.64 -19.07
C SER A 2 -10.98 8.26 -19.56
N SER A 3 -9.94 8.20 -18.72
CA SER A 3 -8.65 8.76 -19.07
C SER A 3 -8.15 8.20 -20.40
N GLY A 4 -7.90 9.08 -21.36
CA GLY A 4 -7.42 8.66 -22.66
C GLY A 4 -5.90 8.68 -22.76
N SER A 5 -5.33 9.88 -22.85
CA SER A 5 -3.89 10.03 -22.95
C SER A 5 -3.36 10.91 -21.83
N SER A 6 -3.90 12.12 -21.73
CA SER A 6 -3.47 13.06 -20.70
C SER A 6 -3.20 12.35 -19.38
N GLY A 7 -2.38 12.97 -18.53
CA GLY A 7 -2.05 12.38 -17.25
C GLY A 7 -1.27 11.10 -17.40
N ILE A 8 0.04 11.22 -17.61
CA ILE A 8 0.90 10.06 -17.77
C ILE A 8 2.08 10.11 -16.80
N GLY A 9 2.57 8.94 -16.41
CA GLY A 9 3.69 8.87 -15.48
C GLY A 9 4.52 7.62 -15.68
N ASP A 10 5.53 7.45 -14.82
CA ASP A 10 6.40 6.29 -14.90
C ASP A 10 6.47 5.56 -13.56
N ALA A 11 5.87 4.37 -13.50
CA ALA A 11 5.85 3.58 -12.28
C ALA A 11 7.27 3.32 -11.78
N ARG A 12 8.19 3.05 -12.71
CA ARG A 12 9.57 2.77 -12.37
C ARG A 12 10.15 3.89 -11.50
N ARG A 13 9.47 5.03 -11.48
CA ARG A 13 9.91 6.17 -10.69
C ARG A 13 9.14 6.25 -9.37
N ALA A 14 7.87 5.87 -9.42
CA ALA A 14 7.02 5.90 -8.23
C ALA A 14 7.64 5.10 -7.09
N LYS A 15 7.81 5.74 -5.95
CA LYS A 15 8.39 5.10 -4.78
C LYS A 15 7.31 4.65 -3.80
N VAL A 16 7.63 3.65 -2.99
CA VAL A 16 6.67 3.14 -2.00
C VAL A 16 7.38 2.79 -0.70
N TYR A 17 6.98 3.46 0.38
CA TYR A 17 7.57 3.22 1.68
C TYR A 17 6.51 3.27 2.78
N GLY A 18 6.62 2.36 3.74
CA GLY A 18 5.66 2.31 4.83
C GLY A 18 5.86 1.10 5.73
N ARG A 19 4.76 0.55 6.24
CA ARG A 19 4.82 -0.61 7.12
C ARG A 19 3.98 -1.75 6.56
N GLY A 20 2.99 -1.41 5.75
CA GLY A 20 2.12 -2.41 5.16
C GLY A 20 2.62 -2.89 3.81
N LEU A 21 3.91 -2.71 3.57
CA LEU A 21 4.51 -3.13 2.30
C LEU A 21 5.49 -4.27 2.51
N SER A 22 6.11 -4.30 3.69
CA SER A 22 7.08 -5.34 4.02
C SER A 22 6.45 -6.41 4.92
N GLU A 23 6.03 -5.99 6.11
CA GLU A 23 5.41 -6.91 7.06
C GLU A 23 4.07 -6.37 7.55
N GLY A 24 3.44 -7.10 8.46
CA GLY A 24 2.16 -6.67 8.99
C GLY A 24 1.60 -7.65 10.01
N ARG A 25 0.44 -7.32 10.57
CA ARG A 25 -0.20 -8.18 11.57
C ARG A 25 -1.72 -8.07 11.49
N THR A 26 -2.41 -9.10 11.97
CA THR A 26 -3.86 -9.11 11.95
C THR A 26 -4.44 -8.07 12.89
N PHE A 27 -5.61 -7.54 12.56
CA PHE A 27 -6.27 -6.53 13.38
C PHE A 27 -5.35 -5.34 13.61
N GLU A 28 -4.49 -5.06 12.63
CA GLU A 28 -3.55 -3.95 12.73
C GLU A 28 -3.55 -3.13 11.44
N MET A 29 -3.98 -1.88 11.55
CA MET A 29 -4.03 -0.99 10.39
C MET A 29 -2.63 -0.76 9.82
N SER A 30 -2.39 -1.29 8.63
CA SER A 30 -1.10 -1.15 7.98
C SER A 30 -1.21 -0.27 6.73
N ASP A 31 -0.79 0.98 6.86
CA ASP A 31 -0.84 1.93 5.75
C ASP A 31 0.57 2.28 5.28
N PHE A 32 0.68 2.68 4.02
CA PHE A 32 1.96 3.04 3.44
C PHE A 32 1.84 4.28 2.56
N ILE A 33 2.97 4.86 2.19
CA ILE A 33 2.99 6.06 1.35
C ILE A 33 3.27 5.70 -0.11
N VAL A 34 2.76 6.52 -1.01
CA VAL A 34 2.96 6.29 -2.44
C VAL A 34 3.42 7.57 -3.14
N ASP A 35 4.73 7.69 -3.34
CA ASP A 35 5.31 8.86 -3.99
C ASP A 35 5.14 8.76 -5.51
N THR A 36 4.44 9.73 -6.08
CA THR A 36 4.21 9.76 -7.53
C THR A 36 4.48 11.14 -8.10
N ARG A 37 5.37 11.88 -7.45
CA ARG A 37 5.72 13.23 -7.91
C ARG A 37 6.83 13.18 -8.95
N ASP A 38 7.88 12.43 -8.66
CA ASP A 38 9.01 12.30 -9.58
C ASP A 38 8.62 11.47 -10.80
N ALA A 39 7.59 10.65 -10.65
CA ALA A 39 7.12 9.80 -11.73
C ALA A 39 6.26 10.60 -12.72
N GLY A 40 5.20 11.22 -12.21
CA GLY A 40 4.32 11.99 -13.05
C GLY A 40 2.86 11.82 -12.68
N TYR A 41 2.04 11.48 -13.67
CA TYR A 41 0.61 11.28 -13.45
C TYR A 41 0.17 9.91 -13.93
N GLY A 42 -1.06 9.54 -13.60
CA GLY A 42 -1.58 8.25 -14.00
C GLY A 42 -2.47 7.63 -12.95
N GLY A 43 -3.54 6.97 -13.38
CA GLY A 43 -4.45 6.33 -12.44
C GLY A 43 -3.79 5.21 -11.66
N ILE A 44 -3.73 5.37 -10.34
CA ILE A 44 -3.11 4.37 -9.48
C ILE A 44 -4.11 3.28 -9.11
N SER A 45 -3.69 2.03 -9.23
CA SER A 45 -4.55 0.90 -8.89
C SER A 45 -4.00 0.12 -7.70
N LEU A 46 -4.76 0.10 -6.62
CA LEU A 46 -4.35 -0.61 -5.40
C LEU A 46 -5.41 -1.62 -4.98
N ALA A 47 -4.97 -2.86 -4.75
CA ALA A 47 -5.87 -3.93 -4.34
C ALA A 47 -5.11 -5.06 -3.67
N VAL A 48 -5.33 -5.24 -2.38
CA VAL A 48 -4.67 -6.29 -1.62
C VAL A 48 -5.39 -7.63 -1.79
N GLU A 49 -4.66 -8.64 -2.23
CA GLU A 49 -5.23 -9.97 -2.43
C GLU A 49 -4.59 -10.98 -1.49
N GLY A 50 -5.29 -11.29 -0.40
CA GLY A 50 -4.79 -12.24 0.57
C GLY A 50 -5.81 -13.31 0.93
N PRO A 51 -5.60 -13.97 2.07
CA PRO A 51 -6.50 -15.03 2.55
C PRO A 51 -7.85 -14.48 3.00
N SER A 52 -8.02 -13.17 2.87
CA SER A 52 -9.26 -12.52 3.27
C SER A 52 -9.44 -11.20 2.53
N LYS A 53 -10.61 -10.58 2.71
CA LYS A 53 -10.92 -9.32 2.07
C LYS A 53 -10.60 -8.15 2.99
N VAL A 54 -9.86 -7.18 2.47
CA VAL A 54 -9.49 -5.99 3.24
C VAL A 54 -9.97 -4.72 2.56
N ASP A 55 -10.60 -3.84 3.33
CA ASP A 55 -11.11 -2.58 2.81
C ASP A 55 -9.97 -1.60 2.54
N ILE A 56 -9.69 -1.36 1.27
CA ILE A 56 -8.62 -0.46 0.88
C ILE A 56 -9.09 1.00 0.93
N GLN A 57 -8.46 1.79 1.80
CA GLN A 57 -8.81 3.19 1.95
C GLN A 57 -7.71 4.09 1.42
N THR A 58 -8.08 5.04 0.57
CA THR A 58 -7.11 5.97 -0.01
C THR A 58 -7.45 7.42 0.33
N GLU A 59 -6.46 8.28 0.27
CA GLU A 59 -6.65 9.71 0.58
C GLU A 59 -5.53 10.56 -0.02
N ASP A 60 -5.91 11.69 -0.60
CA ASP A 60 -4.93 12.59 -1.20
C ASP A 60 -4.31 13.50 -0.16
N LEU A 61 -2.99 13.43 -0.03
CA LEU A 61 -2.27 14.24 0.94
C LEU A 61 -1.92 15.60 0.35
N GLU A 62 -1.22 16.42 1.14
CA GLU A 62 -0.82 17.75 0.69
C GLU A 62 0.47 17.68 -0.13
N ASP A 63 1.35 16.77 0.26
CA ASP A 63 2.63 16.61 -0.43
C ASP A 63 2.42 16.12 -1.86
N GLY A 64 1.26 15.53 -2.11
CA GLY A 64 0.94 15.03 -3.43
C GLY A 64 1.13 13.53 -3.55
N THR A 65 0.96 12.83 -2.43
CA THR A 65 1.10 11.38 -2.40
C THR A 65 -0.19 10.70 -1.95
N CYS A 66 -0.23 9.38 -2.06
CA CYS A 66 -1.40 8.61 -1.66
C CYS A 66 -1.05 7.64 -0.54
N LYS A 67 -1.81 7.71 0.55
CA LYS A 67 -1.59 6.84 1.70
C LYS A 67 -2.67 5.78 1.79
N VAL A 68 -2.34 4.55 1.41
CA VAL A 68 -3.29 3.45 1.46
C VAL A 68 -3.45 2.92 2.88
N SER A 69 -4.67 2.47 3.20
CA SER A 69 -4.95 1.94 4.54
C SER A 69 -5.84 0.71 4.44
N TYR A 70 -5.39 -0.39 5.05
CA TYR A 70 -6.14 -1.63 5.04
C TYR A 70 -6.09 -2.31 6.40
N PHE A 71 -7.16 -3.01 6.75
CA PHE A 71 -7.24 -3.70 8.03
C PHE A 71 -7.45 -5.20 7.82
N PRO A 72 -6.36 -5.97 7.91
CA PRO A 72 -6.40 -7.42 7.74
C PRO A 72 -7.10 -8.13 8.89
N THR A 73 -7.62 -9.32 8.61
CA THR A 73 -8.32 -10.10 9.63
C THR A 73 -7.77 -11.51 9.72
N VAL A 74 -7.32 -12.04 8.59
CA VAL A 74 -6.75 -13.39 8.54
C VAL A 74 -5.27 -13.36 8.20
N PRO A 75 -4.46 -14.00 9.04
CA PRO A 75 -3.01 -14.07 8.85
C PRO A 75 -2.62 -14.93 7.66
N GLY A 76 -1.63 -14.47 6.90
CA GLY A 76 -1.17 -15.21 5.73
C GLY A 76 -0.35 -14.36 4.79
N VAL A 77 -0.58 -14.52 3.49
CA VAL A 77 0.15 -13.77 2.48
C VAL A 77 -0.78 -12.84 1.71
N TYR A 78 -0.53 -11.54 1.82
CA TYR A 78 -1.35 -10.55 1.13
C TYR A 78 -0.58 -9.92 -0.03
N ILE A 79 -1.10 -10.09 -1.24
CA ILE A 79 -0.47 -9.53 -2.43
C ILE A 79 -0.97 -8.12 -2.72
N VAL A 80 -0.11 -7.14 -2.50
CA VAL A 80 -0.47 -5.74 -2.74
C VAL A 80 -0.17 -5.34 -4.18
N SER A 81 -1.20 -5.33 -5.02
CA SER A 81 -1.04 -4.97 -6.42
C SER A 81 -0.95 -3.45 -6.58
N THR A 82 0.28 -2.95 -6.67
CA THR A 82 0.52 -1.53 -6.81
C THR A 82 0.81 -1.17 -8.27
N LYS A 83 -0.13 -0.50 -8.92
CA LYS A 83 0.04 -0.10 -10.31
C LYS A 83 -0.10 1.42 -10.46
N PHE A 84 0.58 1.97 -11.46
CA PHE A 84 0.53 3.41 -11.72
C PHE A 84 0.62 3.71 -13.21
N ALA A 85 -0.51 4.09 -13.80
CA ALA A 85 -0.55 4.40 -15.22
C ALA A 85 -0.35 3.14 -16.07
N ASP A 86 -0.96 2.04 -15.65
CA ASP A 86 -0.84 0.79 -16.36
C ASP A 86 0.59 0.24 -16.28
N GLU A 87 1.22 0.41 -15.13
CA GLU A 87 2.58 -0.06 -14.92
C GLU A 87 2.83 -0.41 -13.45
N HIS A 88 3.20 -1.66 -13.20
CA HIS A 88 3.46 -2.11 -11.83
C HIS A 88 4.80 -1.57 -11.34
N VAL A 89 4.80 -1.02 -10.12
CA VAL A 89 6.01 -0.47 -9.52
C VAL A 89 7.19 -1.42 -9.72
N PRO A 90 8.40 -0.86 -9.67
CA PRO A 90 9.64 -1.64 -9.83
C PRO A 90 9.91 -2.56 -8.64
N GLY A 91 9.23 -3.69 -8.61
CA GLY A 91 9.40 -4.64 -7.53
C GLY A 91 8.13 -5.38 -7.19
N SER A 92 7.02 -4.97 -7.80
CA SER A 92 5.73 -5.60 -7.56
C SER A 92 5.67 -6.98 -8.23
N PRO A 93 4.71 -7.81 -7.79
CA PRO A 93 3.79 -7.44 -6.71
C PRO A 93 4.49 -7.35 -5.35
N PHE A 94 3.78 -6.81 -4.37
CA PHE A 94 4.32 -6.66 -3.03
C PHE A 94 3.76 -7.73 -2.09
N THR A 95 4.60 -8.70 -1.75
CA THR A 95 4.20 -9.79 -0.86
C THR A 95 4.33 -9.37 0.60
N VAL A 96 3.20 -9.14 1.25
CA VAL A 96 3.19 -8.74 2.65
C VAL A 96 2.73 -9.89 3.54
N LYS A 97 3.67 -10.51 4.24
CA LYS A 97 3.35 -11.62 5.12
C LYS A 97 2.77 -11.12 6.44
N ILE A 98 1.50 -11.43 6.67
CA ILE A 98 0.82 -11.02 7.89
C ILE A 98 0.85 -12.11 8.95
N SER A 99 1.29 -11.75 10.15
CA SER A 99 1.37 -12.71 11.25
C SER A 99 0.17 -12.57 12.19
N GLY A 100 -0.44 -13.70 12.51
CA GLY A 100 -1.60 -13.68 13.39
C GLY A 100 -1.32 -14.34 14.72
N GLU A 101 -1.03 -13.51 15.74
CA GLU A 101 -0.74 -14.03 17.07
C GLU A 101 -1.08 -12.99 18.14
N GLY A 102 -0.97 -13.39 19.40
CA GLY A 102 -1.27 -12.48 20.50
C GLY A 102 -0.70 -11.10 20.28
N ARG A 103 -1.58 -10.10 20.21
CA ARG A 103 -1.16 -8.72 20.00
C ARG A 103 -0.63 -8.11 21.29
N VAL A 104 0.46 -7.35 21.17
CA VAL A 104 1.06 -6.71 22.33
C VAL A 104 0.01 -6.08 23.23
N LYS A 105 -0.25 -6.72 24.37
CA LYS A 105 -1.23 -6.22 25.32
C LYS A 105 -0.55 -5.59 26.53
N SER A 106 -1.13 -4.50 27.03
CA SER A 106 -0.58 -3.81 28.18
C SER A 106 -1.25 -4.28 29.48
N GLY A 107 -0.50 -4.27 30.56
CA GLY A 107 -1.04 -4.69 31.84
C GLY A 107 0.04 -5.03 32.85
N PRO A 108 0.69 -3.99 33.41
CA PRO A 108 1.76 -4.15 34.40
C PRO A 108 1.24 -4.67 35.73
N SER A 109 2.16 -5.02 36.62
CA SER A 109 1.80 -5.53 37.94
C SER A 109 2.63 -4.88 39.02
N SER A 110 1.96 -4.32 40.03
CA SER A 110 2.64 -3.65 41.13
C SER A 110 3.27 -2.35 40.67
N GLY A 111 2.54 -1.59 39.85
CA GLY A 111 3.05 -0.33 39.35
C GLY A 111 2.02 0.41 38.50
N GLY A 1 9.83 22.69 -30.41
CA GLY A 1 9.84 21.52 -29.54
C GLY A 1 8.63 21.48 -28.62
N SER A 2 8.89 21.33 -27.33
CA SER A 2 7.83 21.27 -26.33
C SER A 2 8.39 21.34 -24.91
N SER A 3 7.70 22.06 -24.05
CA SER A 3 8.14 22.23 -22.67
C SER A 3 8.24 20.87 -21.98
N GLY A 4 7.13 20.15 -21.92
CA GLY A 4 7.11 18.84 -21.29
C GLY A 4 5.98 17.98 -21.78
N SER A 5 6.01 16.69 -21.42
CA SER A 5 4.98 15.75 -21.82
C SER A 5 3.63 16.15 -21.25
N SER A 6 2.58 15.97 -22.03
CA SER A 6 1.22 16.31 -21.61
C SER A 6 1.01 15.94 -20.14
N GLY A 7 1.50 14.77 -19.75
CA GLY A 7 1.35 14.32 -18.38
C GLY A 7 1.40 12.81 -18.26
N ILE A 8 2.60 12.25 -18.25
CA ILE A 8 2.79 10.81 -18.13
C ILE A 8 3.94 10.47 -17.19
N GLY A 9 3.72 9.48 -16.33
CA GLY A 9 4.76 9.08 -15.40
C GLY A 9 5.11 7.61 -15.53
N ASP A 10 6.27 7.24 -14.99
CA ASP A 10 6.72 5.85 -15.05
C ASP A 10 6.70 5.21 -13.66
N ALA A 11 6.10 4.03 -13.58
CA ALA A 11 6.01 3.32 -12.31
C ALA A 11 7.40 3.01 -11.75
N ARG A 12 8.40 3.05 -12.62
CA ARG A 12 9.78 2.77 -12.21
C ARG A 12 10.30 3.86 -11.29
N ARG A 13 9.95 5.11 -11.60
CA ARG A 13 10.39 6.24 -10.80
C ARG A 13 9.56 6.36 -9.52
N ALA A 14 8.37 5.76 -9.55
CA ALA A 14 7.47 5.79 -8.40
C ALA A 14 8.03 4.96 -7.24
N LYS A 15 8.03 5.54 -6.05
CA LYS A 15 8.53 4.85 -4.86
C LYS A 15 7.39 4.53 -3.90
N VAL A 16 7.66 3.63 -2.96
CA VAL A 16 6.66 3.25 -1.97
C VAL A 16 7.30 2.90 -0.63
N TYR A 17 6.90 3.62 0.42
CA TYR A 17 7.46 3.38 1.75
C TYR A 17 6.34 3.33 2.79
N GLY A 18 6.47 2.41 3.74
CA GLY A 18 5.48 2.27 4.79
C GLY A 18 5.59 0.94 5.53
N ARG A 19 4.60 0.66 6.37
CA ARG A 19 4.60 -0.58 7.14
C ARG A 19 3.71 -1.63 6.50
N GLY A 20 2.78 -1.17 5.66
CA GLY A 20 1.86 -2.07 5.00
C GLY A 20 2.35 -2.49 3.62
N LEU A 21 3.67 -2.62 3.49
CA LEU A 21 4.27 -3.01 2.22
C LEU A 21 5.20 -4.22 2.40
N SER A 22 5.80 -4.32 3.58
CA SER A 22 6.71 -5.41 3.89
C SER A 22 6.10 -6.36 4.90
N GLU A 23 6.04 -5.93 6.16
CA GLU A 23 5.47 -6.74 7.23
C GLU A 23 4.07 -6.26 7.59
N GLY A 24 3.47 -6.91 8.59
CA GLY A 24 2.14 -6.54 9.01
C GLY A 24 1.62 -7.41 10.14
N ARG A 25 0.43 -7.10 10.65
CA ARG A 25 -0.17 -7.86 11.73
C ARG A 25 -1.69 -7.88 11.60
N THR A 26 -2.31 -8.97 12.07
CA THR A 26 -3.75 -9.11 12.01
C THR A 26 -4.45 -8.06 12.87
N PHE A 27 -5.65 -7.67 12.46
CA PHE A 27 -6.42 -6.68 13.21
C PHE A 27 -5.57 -5.44 13.49
N GLU A 28 -4.74 -5.06 12.53
CA GLU A 28 -3.88 -3.89 12.68
C GLU A 28 -3.87 -3.05 11.40
N MET A 29 -4.34 -1.81 11.52
CA MET A 29 -4.39 -0.91 10.38
C MET A 29 -2.99 -0.66 9.82
N SER A 30 -2.71 -1.26 8.66
CA SER A 30 -1.41 -1.10 8.02
C SER A 30 -1.49 -0.15 6.83
N ASP A 31 -0.93 1.05 7.01
CA ASP A 31 -0.95 2.05 5.95
C ASP A 31 0.46 2.34 5.45
N PHE A 32 0.57 2.80 4.22
CA PHE A 32 1.87 3.12 3.62
C PHE A 32 1.76 4.30 2.66
N ILE A 33 2.87 5.00 2.48
CA ILE A 33 2.90 6.16 1.59
C ILE A 33 3.28 5.75 0.17
N VAL A 34 2.76 6.49 -0.81
CA VAL A 34 3.04 6.20 -2.21
C VAL A 34 3.61 7.43 -2.92
N ASP A 35 4.87 7.38 -3.28
CA ASP A 35 5.53 8.49 -3.97
C ASP A 35 5.32 8.39 -5.48
N THR A 36 4.40 9.18 -5.99
CA THR A 36 4.10 9.19 -7.42
C THR A 36 4.44 10.53 -8.06
N ARG A 37 4.54 11.57 -7.22
CA ARG A 37 4.86 12.91 -7.70
C ARG A 37 6.09 12.88 -8.61
N ASP A 38 7.13 12.17 -8.17
CA ASP A 38 8.36 12.08 -8.94
C ASP A 38 8.18 11.15 -10.13
N ALA A 39 7.22 10.24 -10.04
CA ALA A 39 6.94 9.30 -11.11
C ALA A 39 6.26 9.99 -12.28
N GLY A 40 5.39 10.95 -11.98
CA GLY A 40 4.69 11.68 -13.02
C GLY A 40 3.20 11.77 -12.78
N TYR A 41 2.40 11.27 -13.72
CA TYR A 41 0.95 11.31 -13.60
C TYR A 41 0.33 10.07 -14.22
N GLY A 42 -0.85 9.69 -13.71
CA GLY A 42 -1.54 8.52 -14.24
C GLY A 42 -2.44 7.88 -13.20
N GLY A 43 -3.21 6.88 -13.64
CA GLY A 43 -4.12 6.20 -12.73
C GLY A 43 -3.40 5.19 -11.85
N ILE A 44 -3.79 5.15 -10.58
CA ILE A 44 -3.19 4.21 -9.63
C ILE A 44 -4.16 3.11 -9.24
N SER A 45 -3.72 1.87 -9.37
CA SER A 45 -4.56 0.72 -9.03
C SER A 45 -4.04 0.01 -7.79
N LEU A 46 -4.79 0.10 -6.70
CA LEU A 46 -4.41 -0.54 -5.44
C LEU A 46 -5.43 -1.59 -5.02
N ALA A 47 -5.00 -2.83 -4.93
CA ALA A 47 -5.88 -3.92 -4.53
C ALA A 47 -5.09 -5.05 -3.85
N VAL A 48 -5.42 -5.31 -2.59
CA VAL A 48 -4.75 -6.36 -1.83
C VAL A 48 -5.50 -7.68 -1.91
N GLU A 49 -4.79 -8.75 -2.22
CA GLU A 49 -5.40 -10.06 -2.34
C GLU A 49 -4.71 -11.07 -1.41
N GLY A 50 -5.35 -11.37 -0.29
CA GLY A 50 -4.78 -12.31 0.65
C GLY A 50 -5.77 -13.38 1.07
N PRO A 51 -5.54 -13.98 2.25
CA PRO A 51 -6.41 -15.04 2.79
C PRO A 51 -7.77 -14.50 3.23
N SER A 52 -7.95 -13.19 3.10
CA SER A 52 -9.21 -12.55 3.49
C SER A 52 -9.42 -11.25 2.71
N LYS A 53 -10.56 -10.61 2.94
CA LYS A 53 -10.88 -9.36 2.28
C LYS A 53 -10.49 -8.17 3.14
N VAL A 54 -9.80 -7.20 2.54
CA VAL A 54 -9.37 -6.00 3.25
C VAL A 54 -9.80 -4.74 2.52
N ASP A 55 -10.69 -3.98 3.14
CA ASP A 55 -11.19 -2.75 2.55
C ASP A 55 -10.06 -1.75 2.32
N ILE A 56 -9.71 -1.52 1.05
CA ILE A 56 -8.64 -0.60 0.71
C ILE A 56 -9.15 0.84 0.68
N GLN A 57 -8.59 1.68 1.55
CA GLN A 57 -8.98 3.08 1.63
C GLN A 57 -7.88 3.98 1.10
N THR A 58 -8.25 4.91 0.23
CA THR A 58 -7.28 5.83 -0.36
C THR A 58 -7.74 7.27 -0.20
N GLU A 59 -6.79 8.20 -0.14
CA GLU A 59 -7.11 9.62 0.00
C GLU A 59 -5.92 10.48 -0.41
N ASP A 60 -6.17 11.43 -1.30
CA ASP A 60 -5.12 12.32 -1.78
C ASP A 60 -4.57 13.17 -0.64
N LEU A 61 -3.26 13.09 -0.44
CA LEU A 61 -2.60 13.85 0.63
C LEU A 61 -2.37 15.30 0.20
N GLU A 62 -1.92 16.12 1.15
CA GLU A 62 -1.66 17.52 0.87
C GLU A 62 -0.44 17.69 -0.04
N ASP A 63 0.53 16.80 0.11
CA ASP A 63 1.74 16.85 -0.70
C ASP A 63 1.46 16.36 -2.12
N GLY A 64 0.40 15.57 -2.27
CA GLY A 64 0.06 15.05 -3.59
C GLY A 64 0.09 13.55 -3.64
N THR A 65 0.81 12.94 -2.70
CA THR A 65 0.93 11.48 -2.66
C THR A 65 -0.34 10.85 -2.12
N CYS A 66 -0.38 9.52 -2.13
CA CYS A 66 -1.54 8.79 -1.65
C CYS A 66 -1.14 7.79 -0.56
N LYS A 67 -1.88 7.80 0.55
CA LYS A 67 -1.61 6.91 1.66
C LYS A 67 -2.65 5.81 1.75
N VAL A 68 -2.27 4.61 1.34
CA VAL A 68 -3.18 3.46 1.37
C VAL A 68 -3.35 2.94 2.80
N SER A 69 -4.55 2.45 3.10
CA SER A 69 -4.85 1.93 4.42
C SER A 69 -5.74 0.69 4.32
N TYR A 70 -5.32 -0.38 5.00
CA TYR A 70 -6.07 -1.64 4.98
C TYR A 70 -6.02 -2.30 6.36
N PHE A 71 -7.10 -3.01 6.69
CA PHE A 71 -7.19 -3.70 7.98
C PHE A 71 -7.39 -5.20 7.77
N PRO A 72 -6.29 -5.96 7.89
CA PRO A 72 -6.31 -7.42 7.72
C PRO A 72 -7.03 -8.12 8.86
N THR A 73 -7.60 -9.28 8.56
CA THR A 73 -8.32 -10.05 9.57
C THR A 73 -7.75 -11.47 9.70
N VAL A 74 -7.19 -11.97 8.61
CA VAL A 74 -6.61 -13.31 8.59
C VAL A 74 -5.16 -13.26 8.13
N PRO A 75 -4.28 -13.96 8.88
CA PRO A 75 -2.85 -14.02 8.56
C PRO A 75 -2.56 -14.83 7.31
N GLY A 76 -1.43 -14.56 6.68
CA GLY A 76 -1.06 -15.27 5.48
C GLY A 76 -0.21 -14.43 4.53
N VAL A 77 -0.58 -14.43 3.26
CA VAL A 77 0.16 -13.65 2.26
C VAL A 77 -0.77 -12.69 1.53
N TYR A 78 -0.57 -11.40 1.75
CA TYR A 78 -1.38 -10.37 1.12
C TYR A 78 -0.66 -9.76 -0.08
N ILE A 79 -1.23 -9.95 -1.27
CA ILE A 79 -0.63 -9.42 -2.50
C ILE A 79 -1.13 -8.00 -2.77
N VAL A 80 -0.27 -7.02 -2.53
CA VAL A 80 -0.62 -5.62 -2.76
C VAL A 80 -0.34 -5.22 -4.20
N SER A 81 -1.40 -5.17 -5.01
CA SER A 81 -1.27 -4.81 -6.41
C SER A 81 -1.12 -3.30 -6.57
N THR A 82 0.12 -2.84 -6.67
CA THR A 82 0.42 -1.42 -6.83
C THR A 82 0.77 -1.08 -8.27
N LYS A 83 -0.09 -0.31 -8.92
CA LYS A 83 0.13 0.10 -10.30
C LYS A 83 0.07 1.61 -10.44
N PHE A 84 0.77 2.14 -11.43
CA PHE A 84 0.79 3.58 -11.69
C PHE A 84 0.92 3.87 -13.18
N ALA A 85 -0.17 4.35 -13.77
CA ALA A 85 -0.18 4.68 -15.20
C ALA A 85 -0.04 3.42 -16.04
N ASP A 86 -0.79 2.38 -15.68
CA ASP A 86 -0.74 1.12 -16.42
C ASP A 86 0.65 0.50 -16.34
N GLU A 87 1.23 0.48 -15.15
CA GLU A 87 2.55 -0.08 -14.94
C GLU A 87 2.80 -0.39 -13.48
N HIS A 88 3.10 -1.65 -13.18
CA HIS A 88 3.37 -2.07 -11.81
C HIS A 88 4.73 -1.57 -11.33
N VAL A 89 4.76 -1.09 -10.09
CA VAL A 89 6.00 -0.58 -9.51
C VAL A 89 7.12 -1.62 -9.59
N PRO A 90 8.37 -1.15 -9.51
CA PRO A 90 9.55 -2.03 -9.58
C PRO A 90 9.69 -2.90 -8.33
N GLY A 91 9.01 -4.05 -8.34
CA GLY A 91 9.08 -4.95 -7.21
C GLY A 91 7.74 -5.61 -6.92
N SER A 92 6.73 -5.23 -7.68
CA SER A 92 5.39 -5.78 -7.49
C SER A 92 5.24 -7.11 -8.21
N PRO A 93 4.23 -7.90 -7.81
CA PRO A 93 3.32 -7.52 -6.73
C PRO A 93 3.99 -7.51 -5.36
N PHE A 94 3.58 -6.59 -4.51
CA PHE A 94 4.14 -6.48 -3.17
C PHE A 94 3.57 -7.55 -2.24
N THR A 95 4.43 -8.48 -1.83
CA THR A 95 4.01 -9.57 -0.95
C THR A 95 4.22 -9.20 0.51
N VAL A 96 3.12 -9.05 1.25
CA VAL A 96 3.19 -8.69 2.66
C VAL A 96 2.84 -9.88 3.54
N LYS A 97 3.81 -10.34 4.32
CA LYS A 97 3.60 -11.48 5.22
C LYS A 97 3.06 -11.02 6.57
N ILE A 98 1.87 -11.50 6.91
CA ILE A 98 1.25 -11.14 8.18
C ILE A 98 1.53 -12.18 9.26
N SER A 99 1.90 -11.72 10.45
CA SER A 99 2.20 -12.63 11.55
C SER A 99 0.95 -13.40 11.97
N GLY A 100 0.00 -12.69 12.57
CA GLY A 100 -1.22 -13.33 13.01
C GLY A 100 -1.27 -13.52 14.52
N GLU A 101 -0.39 -14.37 15.04
CA GLU A 101 -0.34 -14.63 16.47
C GLU A 101 0.46 -13.56 17.19
N GLY A 102 0.14 -13.34 18.46
CA GLY A 102 0.83 -12.35 19.25
C GLY A 102 0.12 -11.00 19.24
N ARG A 103 -0.68 -10.76 20.28
CA ARG A 103 -1.42 -9.51 20.38
C ARG A 103 -1.21 -8.87 21.75
N VAL A 104 -0.49 -7.76 21.78
CA VAL A 104 -0.22 -7.04 23.01
C VAL A 104 -1.52 -6.58 23.68
N LYS A 105 -1.57 -6.71 25.00
CA LYS A 105 -2.76 -6.30 25.76
C LYS A 105 -2.67 -4.83 26.16
N SER A 106 -3.66 -4.04 25.74
CA SER A 106 -3.68 -2.62 26.06
C SER A 106 -5.07 -2.03 25.78
N GLY A 107 -5.54 -1.21 26.71
CA GLY A 107 -6.85 -0.60 26.56
C GLY A 107 -7.25 0.22 27.76
N PRO A 108 -7.01 1.53 27.70
CA PRO A 108 -7.33 2.46 28.79
C PRO A 108 -8.84 2.65 28.95
N SER A 109 -9.36 2.26 30.11
CA SER A 109 -10.78 2.39 30.39
C SER A 109 -11.11 3.76 30.96
N SER A 110 -12.39 4.01 31.22
CA SER A 110 -12.83 5.29 31.75
C SER A 110 -13.84 5.08 32.89
N GLY A 111 -14.27 6.19 33.50
CA GLY A 111 -15.23 6.10 34.58
C GLY A 111 -15.40 7.43 35.30
N GLY A 1 12.18 27.95 -18.65
CA GLY A 1 11.36 27.47 -17.55
C GLY A 1 11.52 25.99 -17.30
N SER A 2 11.00 25.52 -16.17
CA SER A 2 11.10 24.12 -15.81
C SER A 2 10.16 23.26 -16.65
N SER A 3 10.67 22.75 -17.77
CA SER A 3 9.88 21.92 -18.66
C SER A 3 9.26 20.75 -17.92
N GLY A 4 8.29 20.10 -18.54
CA GLY A 4 7.63 18.96 -17.93
C GLY A 4 6.32 18.60 -18.61
N SER A 5 5.92 17.34 -18.47
CA SER A 5 4.68 16.86 -19.09
C SER A 5 3.66 16.49 -18.02
N SER A 6 2.46 17.07 -18.13
CA SER A 6 1.39 16.80 -17.18
C SER A 6 0.32 15.90 -17.80
N GLY A 7 0.32 14.64 -17.40
CA GLY A 7 -0.66 13.69 -17.93
C GLY A 7 -0.44 12.28 -17.43
N ILE A 8 0.69 11.69 -17.82
CA ILE A 8 1.01 10.33 -17.41
C ILE A 8 2.50 10.22 -17.06
N GLY A 9 2.79 9.46 -16.01
CA GLY A 9 4.16 9.27 -15.58
C GLY A 9 4.65 7.85 -15.81
N ASP A 10 5.56 7.39 -14.97
CA ASP A 10 6.11 6.05 -15.07
C ASP A 10 6.27 5.41 -13.70
N ALA A 11 5.54 4.32 -13.48
CA ALA A 11 5.59 3.61 -12.21
C ALA A 11 7.04 3.31 -11.81
N ARG A 12 7.82 2.83 -12.76
CA ARG A 12 9.22 2.51 -12.51
C ARG A 12 9.92 3.63 -11.77
N ARG A 13 9.38 4.84 -11.90
CA ARG A 13 9.95 6.01 -11.23
C ARG A 13 9.32 6.21 -9.85
N ALA A 14 8.06 5.85 -9.72
CA ALA A 14 7.35 5.99 -8.45
C ALA A 14 8.04 5.19 -7.36
N LYS A 15 7.91 5.65 -6.12
CA LYS A 15 8.51 4.97 -4.98
C LYS A 15 7.48 4.70 -3.89
N VAL A 16 7.70 3.64 -3.12
CA VAL A 16 6.79 3.28 -2.05
C VAL A 16 7.55 2.92 -0.78
N TYR A 17 7.09 3.47 0.35
CA TYR A 17 7.73 3.22 1.64
C TYR A 17 6.70 3.22 2.76
N GLY A 18 6.79 2.21 3.64
CA GLY A 18 5.86 2.11 4.75
C GLY A 18 6.04 0.84 5.54
N ARG A 19 4.95 0.36 6.15
CA ARG A 19 5.00 -0.85 6.96
C ARG A 19 4.14 -1.94 6.32
N GLY A 20 2.91 -1.59 5.97
CA GLY A 20 2.01 -2.56 5.36
C GLY A 20 2.58 -3.17 4.10
N LEU A 21 3.68 -2.60 3.61
CA LEU A 21 4.32 -3.09 2.40
C LEU A 21 5.40 -4.12 2.74
N SER A 22 6.00 -3.97 3.92
CA SER A 22 7.06 -4.87 4.36
C SER A 22 6.50 -5.94 5.29
N GLU A 23 5.83 -5.50 6.35
CA GLU A 23 5.25 -6.42 7.32
C GLU A 23 3.84 -5.96 7.73
N GLY A 24 3.23 -6.70 8.64
CA GLY A 24 1.89 -6.36 9.09
C GLY A 24 1.38 -7.32 10.16
N ARG A 25 0.19 -7.05 10.66
CA ARG A 25 -0.42 -7.88 11.69
C ARG A 25 -1.94 -7.92 11.54
N THR A 26 -2.55 -8.99 12.04
CA THR A 26 -4.00 -9.15 11.97
C THR A 26 -4.71 -8.11 12.84
N PHE A 27 -5.89 -7.70 12.40
CA PHE A 27 -6.68 -6.71 13.14
C PHE A 27 -5.85 -5.46 13.41
N GLU A 28 -4.90 -5.18 12.54
CA GLU A 28 -4.04 -4.01 12.69
C GLU A 28 -4.07 -3.15 11.43
N MET A 29 -4.59 -1.93 11.57
CA MET A 29 -4.68 -1.01 10.44
C MET A 29 -3.29 -0.63 9.94
N SER A 30 -2.92 -1.16 8.78
CA SER A 30 -1.61 -0.87 8.19
C SER A 30 -1.73 0.20 7.12
N ASP A 31 -0.69 1.05 7.02
CA ASP A 31 -0.68 2.12 6.03
C ASP A 31 0.74 2.32 5.47
N PHE A 32 0.82 2.94 4.31
CA PHE A 32 2.11 3.19 3.67
C PHE A 32 2.01 4.38 2.71
N ILE A 33 3.15 5.01 2.45
CA ILE A 33 3.19 6.16 1.55
C ILE A 33 3.52 5.72 0.12
N VAL A 34 3.04 6.49 -0.85
CA VAL A 34 3.28 6.18 -2.26
C VAL A 34 3.81 7.41 -2.99
N ASP A 35 5.13 7.46 -3.16
CA ASP A 35 5.76 8.57 -3.85
C ASP A 35 5.47 8.53 -5.35
N THR A 36 4.74 9.53 -5.84
CA THR A 36 4.39 9.60 -7.25
C THR A 36 4.71 10.97 -7.83
N ARG A 37 5.63 11.69 -7.17
CA ARG A 37 6.02 13.01 -7.63
C ARG A 37 7.05 12.92 -8.75
N ASP A 38 8.04 12.05 -8.56
CA ASP A 38 9.09 11.87 -9.56
C ASP A 38 8.56 11.11 -10.77
N ALA A 39 7.47 10.37 -10.57
CA ALA A 39 6.86 9.60 -11.66
C ALA A 39 5.96 10.48 -12.51
N GLY A 40 4.95 11.06 -11.88
CA GLY A 40 4.02 11.92 -12.60
C GLY A 40 2.59 11.75 -12.14
N TYR A 41 1.70 11.45 -13.08
CA TYR A 41 0.29 11.26 -12.76
C TYR A 41 -0.26 10.01 -13.43
N GLY A 42 -1.56 9.78 -13.27
CA GLY A 42 -2.19 8.61 -13.87
C GLY A 42 -3.13 7.90 -12.91
N GLY A 43 -3.91 6.97 -13.44
CA GLY A 43 -4.85 6.23 -12.61
C GLY A 43 -4.17 5.15 -11.80
N ILE A 44 -4.24 5.27 -10.47
CA ILE A 44 -3.63 4.29 -9.59
C ILE A 44 -4.58 3.12 -9.33
N SER A 45 -4.07 1.91 -9.55
CA SER A 45 -4.86 0.71 -9.34
C SER A 45 -4.35 -0.09 -8.14
N LEU A 46 -5.18 -0.18 -7.11
CA LEU A 46 -4.82 -0.91 -5.89
C LEU A 46 -5.78 -2.06 -5.64
N ALA A 47 -5.23 -3.25 -5.41
CA ALA A 47 -6.04 -4.43 -5.15
C ALA A 47 -5.24 -5.48 -4.39
N VAL A 48 -5.58 -5.67 -3.12
CA VAL A 48 -4.89 -6.64 -2.28
C VAL A 48 -5.60 -8.00 -2.33
N GLU A 49 -4.84 -9.04 -2.68
CA GLU A 49 -5.40 -10.39 -2.77
C GLU A 49 -4.76 -11.30 -1.72
N GLY A 50 -5.48 -11.52 -0.62
CA GLY A 50 -4.97 -12.37 0.44
C GLY A 50 -5.95 -13.47 0.81
N PRO A 51 -5.73 -14.09 1.99
CA PRO A 51 -6.58 -15.16 2.48
C PRO A 51 -7.97 -14.67 2.88
N SER A 52 -8.20 -13.38 2.71
CA SER A 52 -9.49 -12.77 3.06
C SER A 52 -9.60 -11.37 2.47
N LYS A 53 -10.79 -10.77 2.62
CA LYS A 53 -11.03 -9.43 2.11
C LYS A 53 -10.49 -8.37 3.06
N VAL A 54 -9.83 -7.36 2.51
CA VAL A 54 -9.27 -6.28 3.32
C VAL A 54 -9.60 -4.91 2.73
N ASP A 55 -10.38 -4.13 3.46
CA ASP A 55 -10.77 -2.80 3.01
C ASP A 55 -9.55 -1.97 2.65
N ILE A 56 -9.74 -1.00 1.75
CA ILE A 56 -8.65 -0.13 1.32
C ILE A 56 -9.09 1.33 1.29
N GLN A 57 -8.51 2.14 2.17
CA GLN A 57 -8.84 3.55 2.24
C GLN A 57 -7.68 4.41 1.74
N THR A 58 -7.97 5.32 0.81
CA THR A 58 -6.95 6.20 0.26
C THR A 58 -7.30 7.67 0.48
N GLU A 59 -6.29 8.53 0.44
CA GLU A 59 -6.50 9.95 0.64
C GLU A 59 -5.32 10.75 0.10
N ASP A 60 -5.62 11.86 -0.57
CA ASP A 60 -4.58 12.72 -1.13
C ASP A 60 -3.93 13.56 -0.06
N LEU A 61 -2.60 13.48 0.04
CA LEU A 61 -1.85 14.25 1.03
C LEU A 61 -1.37 15.57 0.45
N GLU A 62 -0.62 16.32 1.26
CA GLU A 62 -0.10 17.61 0.82
C GLU A 62 1.21 17.43 0.05
N ASP A 63 1.98 16.42 0.44
CA ASP A 63 3.25 16.13 -0.22
C ASP A 63 3.03 15.69 -1.66
N GLY A 64 1.82 15.28 -1.97
CA GLY A 64 1.50 14.83 -3.31
C GLY A 64 1.61 13.32 -3.47
N THR A 65 1.46 12.60 -2.36
CA THR A 65 1.55 11.15 -2.38
C THR A 65 0.22 10.51 -1.99
N CYS A 66 0.12 9.20 -2.18
CA CYS A 66 -1.10 8.47 -1.85
C CYS A 66 -0.87 7.54 -0.65
N LYS A 67 -1.63 7.76 0.41
CA LYS A 67 -1.51 6.95 1.62
C LYS A 67 -2.63 5.91 1.68
N VAL A 68 -2.28 4.65 1.43
CA VAL A 68 -3.25 3.58 1.47
C VAL A 68 -3.34 2.96 2.86
N SER A 69 -4.52 2.48 3.22
CA SER A 69 -4.74 1.87 4.52
C SER A 69 -5.67 0.66 4.40
N TYR A 70 -5.30 -0.42 5.10
CA TYR A 70 -6.10 -1.64 5.07
C TYR A 70 -6.11 -2.31 6.44
N PHE A 71 -7.19 -3.04 6.73
CA PHE A 71 -7.32 -3.73 8.00
C PHE A 71 -7.50 -5.23 7.80
N PRO A 72 -6.41 -5.99 7.95
CA PRO A 72 -6.42 -7.45 7.78
C PRO A 72 -7.19 -8.15 8.89
N THR A 73 -7.79 -9.29 8.57
CA THR A 73 -8.54 -10.06 9.54
C THR A 73 -8.04 -11.50 9.62
N VAL A 74 -7.33 -11.93 8.58
CA VAL A 74 -6.79 -13.28 8.53
C VAL A 74 -5.32 -13.27 8.15
N PRO A 75 -4.48 -13.94 8.96
CA PRO A 75 -3.04 -14.03 8.73
C PRO A 75 -2.70 -14.88 7.51
N GLY A 76 -1.64 -14.50 6.80
CA GLY A 76 -1.22 -15.24 5.62
C GLY A 76 -0.33 -14.42 4.71
N VAL A 77 -0.60 -14.49 3.41
CA VAL A 77 0.19 -13.75 2.43
C VAL A 77 -0.71 -12.87 1.56
N TYR A 78 -0.66 -11.57 1.80
CA TYR A 78 -1.46 -10.61 1.04
C TYR A 78 -0.66 -10.04 -0.12
N ILE A 79 -1.24 -10.11 -1.32
CA ILE A 79 -0.58 -9.60 -2.52
C ILE A 79 -1.06 -8.19 -2.83
N VAL A 80 -0.24 -7.20 -2.50
CA VAL A 80 -0.57 -5.80 -2.76
C VAL A 80 -0.15 -5.38 -4.16
N SER A 81 -1.11 -5.37 -5.08
CA SER A 81 -0.84 -5.00 -6.46
C SER A 81 -0.87 -3.48 -6.63
N THR A 82 0.31 -2.88 -6.62
CA THR A 82 0.43 -1.43 -6.77
C THR A 82 0.74 -1.05 -8.21
N LYS A 83 -0.21 -0.36 -8.85
CA LYS A 83 -0.03 0.06 -10.23
C LYS A 83 -0.17 1.58 -10.35
N PHE A 84 0.52 2.15 -11.33
CA PHE A 84 0.47 3.59 -11.55
C PHE A 84 0.59 3.93 -13.04
N ALA A 85 -0.48 4.46 -13.61
CA ALA A 85 -0.49 4.81 -15.02
C ALA A 85 -0.31 3.59 -15.90
N ASP A 86 -0.99 2.51 -15.55
CA ASP A 86 -0.91 1.26 -16.32
C ASP A 86 0.49 0.69 -16.25
N GLU A 87 1.10 0.73 -15.06
CA GLU A 87 2.45 0.21 -14.87
C GLU A 87 2.67 -0.18 -13.42
N HIS A 88 3.10 -1.42 -13.20
CA HIS A 88 3.35 -1.93 -11.86
C HIS A 88 4.66 -1.36 -11.30
N VAL A 89 4.61 -0.85 -10.07
CA VAL A 89 5.79 -0.28 -9.43
C VAL A 89 7.00 -1.19 -9.61
N PRO A 90 8.20 -0.59 -9.52
CA PRO A 90 9.46 -1.32 -9.66
C PRO A 90 9.73 -2.25 -8.48
N GLY A 91 9.16 -3.45 -8.55
CA GLY A 91 9.35 -4.42 -7.47
C GLY A 91 8.08 -5.18 -7.15
N SER A 92 7.00 -4.86 -7.85
CA SER A 92 5.71 -5.50 -7.62
C SER A 92 5.69 -6.89 -8.26
N PRO A 93 4.74 -7.73 -7.82
CA PRO A 93 3.77 -7.36 -6.78
C PRO A 93 4.43 -7.22 -5.41
N PHE A 94 3.63 -6.81 -4.43
CA PHE A 94 4.14 -6.63 -3.07
C PHE A 94 3.60 -7.71 -2.14
N THR A 95 4.48 -8.61 -1.72
CA THR A 95 4.09 -9.70 -0.83
C THR A 95 4.23 -9.29 0.64
N VAL A 96 3.09 -9.04 1.28
CA VAL A 96 3.09 -8.64 2.69
C VAL A 96 2.78 -9.82 3.59
N LYS A 97 3.74 -10.18 4.44
CA LYS A 97 3.57 -11.29 5.37
C LYS A 97 2.99 -10.82 6.69
N ILE A 98 1.84 -11.38 7.06
CA ILE A 98 1.17 -11.02 8.30
C ILE A 98 1.44 -12.05 9.39
N SER A 99 1.77 -11.58 10.58
CA SER A 99 2.05 -12.47 11.70
C SER A 99 0.77 -13.07 12.25
N GLY A 100 -0.08 -12.22 12.82
CA GLY A 100 -1.34 -12.69 13.38
C GLY A 100 -1.20 -13.12 14.83
N GLU A 101 -1.89 -14.20 15.19
CA GLU A 101 -1.85 -14.72 16.55
C GLU A 101 -0.44 -14.58 17.13
N GLY A 102 -0.23 -13.48 17.87
CA GLY A 102 1.06 -13.25 18.48
C GLY A 102 1.02 -12.17 19.54
N ARG A 103 0.49 -11.01 19.18
CA ARG A 103 0.38 -9.89 20.13
C ARG A 103 -0.24 -10.35 21.44
N VAL A 104 0.60 -10.45 22.47
CA VAL A 104 0.13 -10.88 23.79
C VAL A 104 -0.84 -9.86 24.38
N LYS A 105 -1.78 -10.35 25.19
CA LYS A 105 -2.77 -9.49 25.82
C LYS A 105 -2.59 -9.46 27.33
N SER A 106 -3.20 -8.47 27.98
CA SER A 106 -3.09 -8.33 29.43
C SER A 106 -4.48 -8.22 30.06
N GLY A 107 -4.85 -9.22 30.85
CA GLY A 107 -6.14 -9.19 31.51
C GLY A 107 -6.93 -10.46 31.26
N PRO A 108 -6.66 -11.51 32.06
CA PRO A 108 -7.34 -12.80 31.94
C PRO A 108 -8.79 -12.73 32.38
N SER A 109 -9.64 -13.54 31.75
CA SER A 109 -11.06 -13.57 32.06
C SER A 109 -11.28 -13.94 33.52
N SER A 110 -11.85 -13.01 34.28
CA SER A 110 -12.11 -13.23 35.70
C SER A 110 -13.20 -14.27 35.89
N GLY A 111 -14.27 -14.18 35.10
CA GLY A 111 -15.36 -15.13 35.20
C GLY A 111 -16.22 -14.90 36.43
N GLY A 1 -11.36 1.58 -22.75
CA GLY A 1 -10.05 1.57 -23.39
C GLY A 1 -9.82 2.80 -24.23
N SER A 2 -9.95 3.98 -23.62
CA SER A 2 -9.74 5.23 -24.33
C SER A 2 -8.34 5.30 -24.92
N SER A 3 -8.26 5.74 -26.17
CA SER A 3 -6.98 5.85 -26.87
C SER A 3 -6.10 6.89 -26.21
N GLY A 4 -5.45 6.49 -25.11
CA GLY A 4 -4.57 7.42 -24.40
C GLY A 4 -5.12 7.78 -23.04
N SER A 5 -4.39 8.65 -22.33
CA SER A 5 -4.80 9.08 -21.00
C SER A 5 -4.44 10.55 -20.77
N SER A 6 -5.35 11.29 -20.14
CA SER A 6 -5.14 12.70 -19.87
C SER A 6 -3.68 12.97 -19.47
N GLY A 7 -3.17 12.14 -18.57
CA GLY A 7 -1.79 12.29 -18.12
C GLY A 7 -1.08 10.97 -17.97
N ILE A 8 0.24 10.98 -18.13
CA ILE A 8 1.04 9.77 -18.02
C ILE A 8 2.09 9.91 -16.92
N GLY A 9 2.88 8.87 -16.73
CA GLY A 9 3.92 8.90 -15.71
C GLY A 9 4.93 7.77 -15.88
N ASP A 10 5.81 7.62 -14.89
CA ASP A 10 6.83 6.58 -14.93
C ASP A 10 6.80 5.75 -13.66
N ALA A 11 6.20 4.57 -13.73
CA ALA A 11 6.11 3.69 -12.57
C ALA A 11 7.50 3.37 -12.02
N ARG A 12 8.47 3.22 -12.91
CA ARG A 12 9.83 2.91 -12.51
C ARG A 12 10.37 3.98 -11.55
N ARG A 13 9.79 5.17 -11.62
CA ARG A 13 10.21 6.27 -10.77
C ARG A 13 9.41 6.28 -9.47
N ALA A 14 8.15 5.84 -9.55
CA ALA A 14 7.27 5.80 -8.38
C ALA A 14 7.94 5.06 -7.23
N LYS A 15 7.84 5.63 -6.03
CA LYS A 15 8.43 5.01 -4.84
C LYS A 15 7.36 4.67 -3.82
N VAL A 16 7.61 3.63 -3.04
CA VAL A 16 6.66 3.18 -2.02
C VAL A 16 7.37 2.82 -0.72
N TYR A 17 6.90 3.40 0.39
CA TYR A 17 7.50 3.13 1.69
C TYR A 17 6.43 3.05 2.78
N GLY A 18 6.59 2.12 3.70
CA GLY A 18 5.63 1.96 4.78
C GLY A 18 5.75 0.62 5.47
N ARG A 19 4.83 0.35 6.39
CA ARG A 19 4.83 -0.92 7.12
C ARG A 19 3.87 -1.91 6.50
N GLY A 20 2.78 -1.40 5.92
CA GLY A 20 1.79 -2.26 5.30
C GLY A 20 2.17 -2.66 3.90
N LEU A 21 3.48 -2.73 3.64
CA LEU A 21 3.97 -3.10 2.32
C LEU A 21 4.82 -4.37 2.39
N SER A 22 5.59 -4.49 3.48
CA SER A 22 6.46 -5.65 3.66
C SER A 22 5.91 -6.55 4.77
N GLU A 23 5.83 -6.00 5.98
CA GLU A 23 5.33 -6.74 7.13
C GLU A 23 3.94 -6.27 7.52
N GLY A 24 3.39 -6.86 8.59
CA GLY A 24 2.07 -6.49 9.05
C GLY A 24 1.56 -7.40 10.14
N ARG A 25 0.39 -7.10 10.66
CA ARG A 25 -0.22 -7.90 11.73
C ARG A 25 -1.75 -7.89 11.61
N THR A 26 -2.37 -8.96 12.10
CA THR A 26 -3.81 -9.08 12.06
C THR A 26 -4.48 -8.04 12.95
N PHE A 27 -5.68 -7.60 12.55
CA PHE A 27 -6.41 -6.61 13.31
C PHE A 27 -5.55 -5.37 13.59
N GLU A 28 -4.72 -5.02 12.62
CA GLU A 28 -3.83 -3.87 12.76
C GLU A 28 -3.81 -3.04 11.48
N MET A 29 -4.29 -1.80 11.57
CA MET A 29 -4.33 -0.91 10.43
C MET A 29 -2.92 -0.60 9.93
N SER A 30 -2.55 -1.18 8.80
CA SER A 30 -1.23 -0.98 8.23
C SER A 30 -1.32 -0.16 6.94
N ASP A 31 -0.93 1.11 7.03
CA ASP A 31 -0.97 2.00 5.88
C ASP A 31 0.44 2.31 5.39
N PHE A 32 0.54 2.76 4.14
CA PHE A 32 1.84 3.09 3.55
C PHE A 32 1.71 4.29 2.60
N ILE A 33 2.82 4.96 2.37
CA ILE A 33 2.84 6.12 1.47
C ILE A 33 3.16 5.70 0.04
N VAL A 34 2.61 6.46 -0.92
CA VAL A 34 2.83 6.17 -2.32
C VAL A 34 3.37 7.39 -3.06
N ASP A 35 4.69 7.45 -3.23
CA ASP A 35 5.32 8.56 -3.92
C ASP A 35 5.16 8.44 -5.43
N THR A 36 4.33 9.29 -6.00
CA THR A 36 4.08 9.27 -7.45
C THR A 36 4.39 10.63 -8.07
N ARG A 37 4.53 11.65 -7.23
CA ARG A 37 4.82 13.00 -7.69
C ARG A 37 6.05 13.01 -8.60
N ASP A 38 7.12 12.37 -8.14
CA ASP A 38 8.36 12.30 -8.91
C ASP A 38 8.20 11.37 -10.11
N ALA A 39 7.13 10.59 -10.11
CA ALA A 39 6.86 9.66 -11.21
C ALA A 39 6.08 10.35 -12.33
N GLY A 40 5.16 11.23 -11.94
CA GLY A 40 4.36 11.93 -12.92
C GLY A 40 2.87 11.78 -12.66
N TYR A 41 2.21 11.00 -13.51
CA TYR A 41 0.77 10.77 -13.38
C TYR A 41 0.38 9.41 -13.93
N GLY A 42 -0.91 9.13 -13.95
CA GLY A 42 -1.40 7.86 -14.46
C GLY A 42 -2.39 7.21 -13.52
N GLY A 43 -3.31 6.41 -14.09
CA GLY A 43 -4.31 5.74 -13.27
C GLY A 43 -3.70 4.68 -12.37
N ILE A 44 -3.86 4.87 -11.07
CA ILE A 44 -3.32 3.91 -10.09
C ILE A 44 -4.33 2.82 -9.79
N SER A 45 -3.88 1.57 -9.89
CA SER A 45 -4.74 0.42 -9.63
C SER A 45 -4.28 -0.32 -8.38
N LEU A 46 -5.10 -0.26 -7.33
CA LEU A 46 -4.79 -0.92 -6.07
C LEU A 46 -5.75 -2.08 -5.82
N ALA A 47 -5.20 -3.25 -5.50
CA ALA A 47 -6.02 -4.42 -5.23
C ALA A 47 -5.24 -5.44 -4.40
N VAL A 48 -5.63 -5.59 -3.14
CA VAL A 48 -4.98 -6.54 -2.25
C VAL A 48 -5.63 -7.91 -2.30
N GLU A 49 -4.84 -8.93 -2.62
CA GLU A 49 -5.35 -10.29 -2.71
C GLU A 49 -4.72 -11.18 -1.64
N GLY A 50 -5.50 -11.48 -0.60
CA GLY A 50 -5.01 -12.32 0.47
C GLY A 50 -6.00 -13.39 0.87
N PRO A 51 -5.78 -13.99 2.05
CA PRO A 51 -6.66 -15.05 2.57
C PRO A 51 -8.03 -14.53 2.97
N SER A 52 -8.23 -13.23 2.83
CA SER A 52 -9.49 -12.60 3.18
C SER A 52 -9.56 -11.17 2.65
N LYS A 53 -10.77 -10.71 2.34
CA LYS A 53 -10.98 -9.36 1.83
C LYS A 53 -10.56 -8.32 2.86
N VAL A 54 -9.80 -7.33 2.43
CA VAL A 54 -9.34 -6.27 3.32
C VAL A 54 -9.66 -4.90 2.74
N ASP A 55 -10.48 -4.14 3.47
CA ASP A 55 -10.87 -2.80 3.02
C ASP A 55 -9.64 -1.96 2.69
N ILE A 56 -9.80 -1.03 1.75
CA ILE A 56 -8.71 -0.16 1.35
C ILE A 56 -9.17 1.29 1.24
N GLN A 57 -8.58 2.15 2.07
CA GLN A 57 -8.93 3.56 2.07
C GLN A 57 -7.77 4.41 1.54
N THR A 58 -8.04 5.17 0.49
CA THR A 58 -7.02 6.03 -0.12
C THR A 58 -7.36 7.50 0.09
N GLU A 59 -6.32 8.35 0.05
CA GLU A 59 -6.51 9.78 0.23
C GLU A 59 -5.31 10.56 -0.32
N ASP A 60 -5.58 11.74 -0.87
CA ASP A 60 -4.53 12.58 -1.44
C ASP A 60 -3.96 13.52 -0.38
N LEU A 61 -2.66 13.38 -0.12
CA LEU A 61 -2.00 14.22 0.86
C LEU A 61 -1.60 15.57 0.27
N GLU A 62 -0.99 16.42 1.08
CA GLU A 62 -0.56 17.74 0.63
C GLU A 62 0.69 17.63 -0.24
N ASP A 63 1.53 16.66 0.07
CA ASP A 63 2.77 16.45 -0.68
C ASP A 63 2.47 15.99 -2.10
N GLY A 64 1.24 15.53 -2.31
CA GLY A 64 0.85 15.05 -3.63
C GLY A 64 0.96 13.54 -3.75
N THR A 65 0.99 12.85 -2.62
CA THR A 65 1.10 11.40 -2.61
C THR A 65 -0.18 10.76 -2.05
N CYS A 66 -0.24 9.44 -2.13
CA CYS A 66 -1.40 8.70 -1.64
C CYS A 66 -1.00 7.73 -0.52
N LYS A 67 -1.81 7.69 0.53
CA LYS A 67 -1.53 6.82 1.66
C LYS A 67 -2.59 5.73 1.77
N VAL A 68 -2.22 4.52 1.36
CA VAL A 68 -3.14 3.39 1.41
C VAL A 68 -3.33 2.89 2.84
N SER A 69 -4.53 2.44 3.15
CA SER A 69 -4.85 1.94 4.48
C SER A 69 -5.78 0.74 4.40
N TYR A 70 -5.41 -0.34 5.09
CA TYR A 70 -6.22 -1.56 5.10
C TYR A 70 -6.21 -2.20 6.49
N PHE A 71 -7.21 -3.04 6.74
CA PHE A 71 -7.31 -3.72 8.03
C PHE A 71 -7.43 -5.23 7.84
N PRO A 72 -6.30 -5.94 8.07
CA PRO A 72 -6.25 -7.39 7.91
C PRO A 72 -7.04 -8.11 9.01
N THR A 73 -7.65 -9.23 8.64
CA THR A 73 -8.43 -10.01 9.59
C THR A 73 -7.95 -11.45 9.66
N VAL A 74 -7.20 -11.86 8.63
CA VAL A 74 -6.67 -13.22 8.57
C VAL A 74 -5.20 -13.22 8.17
N PRO A 75 -4.37 -13.89 8.97
CA PRO A 75 -2.92 -13.98 8.72
C PRO A 75 -2.60 -14.84 7.49
N GLY A 76 -1.62 -14.40 6.71
CA GLY A 76 -1.24 -15.13 5.52
C GLY A 76 -0.35 -14.31 4.59
N VAL A 77 -0.62 -14.41 3.30
CA VAL A 77 0.16 -13.67 2.30
C VAL A 77 -0.73 -12.76 1.48
N TYR A 78 -0.63 -11.45 1.74
CA TYR A 78 -1.44 -10.46 1.02
C TYR A 78 -0.67 -9.91 -0.17
N ILE A 79 -1.26 -10.03 -1.35
CA ILE A 79 -0.64 -9.53 -2.57
C ILE A 79 -1.15 -8.14 -2.92
N VAL A 80 -0.32 -7.12 -2.63
CA VAL A 80 -0.69 -5.75 -2.91
C VAL A 80 -0.29 -5.36 -4.32
N SER A 81 -1.23 -5.44 -5.26
CA SER A 81 -0.97 -5.09 -6.65
C SER A 81 -0.95 -3.58 -6.83
N THR A 82 0.25 -3.00 -6.83
CA THR A 82 0.41 -1.57 -6.99
C THR A 82 0.82 -1.22 -8.42
N LYS A 83 -0.11 -0.65 -9.17
CA LYS A 83 0.15 -0.26 -10.55
C LYS A 83 0.07 1.25 -10.73
N PHE A 84 0.82 1.78 -11.69
CA PHE A 84 0.83 3.21 -11.96
C PHE A 84 1.02 3.49 -13.45
N ALA A 85 -0.04 3.96 -14.10
CA ALA A 85 0.02 4.25 -15.53
C ALA A 85 0.18 2.99 -16.36
N ASP A 86 -0.62 1.98 -16.04
CA ASP A 86 -0.57 0.70 -16.76
C ASP A 86 0.82 0.08 -16.64
N GLU A 87 1.40 0.16 -15.45
CA GLU A 87 2.72 -0.40 -15.21
C GLU A 87 2.92 -0.69 -13.72
N HIS A 88 3.30 -1.92 -13.41
CA HIS A 88 3.53 -2.33 -12.02
C HIS A 88 4.85 -1.75 -11.51
N VAL A 89 4.79 -1.17 -10.31
CA VAL A 89 5.98 -0.59 -9.70
C VAL A 89 7.18 -1.52 -9.81
N PRO A 90 8.39 -0.94 -9.74
CA PRO A 90 9.63 -1.71 -9.83
C PRO A 90 9.88 -2.58 -8.60
N GLY A 91 9.22 -3.72 -8.56
CA GLY A 91 9.38 -4.63 -7.43
C GLY A 91 8.09 -5.38 -7.10
N SER A 92 7.01 -5.01 -7.78
CA SER A 92 5.71 -5.64 -7.54
C SER A 92 5.67 -7.03 -8.18
N PRO A 93 4.72 -7.86 -7.72
CA PRO A 93 3.76 -7.47 -6.68
C PRO A 93 4.42 -7.32 -5.32
N PHE A 94 3.65 -6.82 -4.35
CA PHE A 94 4.16 -6.63 -3.00
C PHE A 94 3.62 -7.69 -2.05
N THR A 95 4.48 -8.63 -1.66
CA THR A 95 4.08 -9.71 -0.76
C THR A 95 4.18 -9.27 0.70
N VAL A 96 3.03 -9.19 1.37
CA VAL A 96 2.98 -8.79 2.77
C VAL A 96 2.70 -9.99 3.68
N LYS A 97 3.72 -10.43 4.40
CA LYS A 97 3.58 -11.55 5.31
C LYS A 97 3.02 -11.10 6.66
N ILE A 98 1.76 -11.43 6.91
CA ILE A 98 1.11 -11.06 8.16
C ILE A 98 1.36 -12.11 9.23
N SER A 99 1.77 -11.65 10.41
CA SER A 99 2.05 -12.55 11.53
C SER A 99 0.74 -13.11 12.11
N GLY A 100 0.00 -12.25 12.80
CA GLY A 100 -1.26 -12.68 13.39
C GLY A 100 -1.05 -13.61 14.58
N GLU A 101 -0.11 -13.25 15.45
CA GLU A 101 0.17 -14.06 16.63
C GLU A 101 -0.36 -13.40 17.90
N GLY A 102 -1.54 -12.78 17.77
CA GLY A 102 -2.15 -12.12 18.92
C GLY A 102 -1.65 -10.69 19.10
N ARG A 103 -1.89 -10.13 20.27
CA ARG A 103 -1.46 -8.76 20.56
C ARG A 103 -0.34 -8.76 21.59
N VAL A 104 0.76 -8.09 21.25
CA VAL A 104 1.91 -7.99 22.14
C VAL A 104 1.48 -7.68 23.57
N LYS A 105 2.25 -8.13 24.54
CA LYS A 105 1.96 -7.91 25.95
C LYS A 105 3.09 -7.15 26.63
N SER A 106 2.75 -6.01 27.25
CA SER A 106 3.75 -5.21 27.94
C SER A 106 3.86 -5.61 29.41
N GLY A 107 2.79 -5.41 30.16
CA GLY A 107 2.79 -5.76 31.57
C GLY A 107 1.66 -5.11 32.33
N PRO A 108 0.49 -5.78 32.33
CA PRO A 108 -0.71 -5.28 33.02
C PRO A 108 -0.56 -5.34 34.53
N SER A 109 0.51 -5.98 35.00
CA SER A 109 0.75 -6.10 36.44
C SER A 109 1.53 -4.90 36.96
N SER A 110 0.87 -4.08 37.78
CA SER A 110 1.50 -2.89 38.34
C SER A 110 2.35 -3.25 39.55
N GLY A 111 1.77 -4.03 40.47
CA GLY A 111 2.50 -4.43 41.66
C GLY A 111 2.44 -3.37 42.75
N GLY A 1 5.49 29.27 -9.64
CA GLY A 1 4.22 28.59 -9.58
C GLY A 1 4.28 27.21 -10.21
N SER A 2 3.54 27.02 -11.30
CA SER A 2 3.51 25.74 -12.00
C SER A 2 4.58 25.70 -13.09
N SER A 3 5.02 24.48 -13.41
CA SER A 3 6.04 24.29 -14.44
C SER A 3 5.48 23.54 -15.63
N GLY A 4 4.79 22.43 -15.35
CA GLY A 4 4.22 21.63 -16.41
C GLY A 4 4.24 20.14 -16.10
N SER A 5 3.34 19.71 -15.23
CA SER A 5 3.26 18.30 -14.85
C SER A 5 2.81 17.44 -16.02
N SER A 6 3.67 16.50 -16.43
CA SER A 6 3.36 15.61 -17.54
C SER A 6 2.03 14.90 -17.32
N GLY A 7 1.36 14.56 -18.41
CA GLY A 7 0.09 13.87 -18.31
C GLY A 7 0.23 12.40 -17.94
N ILE A 8 1.41 11.85 -18.20
CA ILE A 8 1.69 10.46 -17.90
C ILE A 8 3.04 10.29 -17.23
N GLY A 9 3.11 9.42 -16.23
CA GLY A 9 4.36 9.18 -15.54
C GLY A 9 4.91 7.79 -15.77
N ASP A 10 6.01 7.46 -15.09
CA ASP A 10 6.64 6.16 -15.24
C ASP A 10 6.68 5.43 -13.90
N ALA A 11 5.92 4.34 -13.79
CA ALA A 11 5.88 3.55 -12.57
C ALA A 11 7.27 3.35 -12.00
N ARG A 12 8.25 3.18 -12.88
CA ARG A 12 9.63 2.97 -12.46
C ARG A 12 10.07 4.04 -11.48
N ARG A 13 9.67 5.28 -11.74
CA ARG A 13 10.01 6.40 -10.88
C ARG A 13 9.22 6.37 -9.58
N ALA A 14 7.96 5.90 -9.67
CA ALA A 14 7.10 5.81 -8.51
C ALA A 14 7.74 4.96 -7.41
N LYS A 15 7.76 5.49 -6.18
CA LYS A 15 8.34 4.78 -5.05
C LYS A 15 7.29 4.53 -3.97
N VAL A 16 7.46 3.45 -3.23
CA VAL A 16 6.53 3.09 -2.16
C VAL A 16 7.28 2.70 -0.90
N TYR A 17 7.01 3.42 0.19
CA TYR A 17 7.66 3.15 1.47
C TYR A 17 6.65 3.21 2.62
N GLY A 18 6.79 2.30 3.57
CA GLY A 18 5.89 2.27 4.71
C GLY A 18 6.09 1.04 5.57
N ARG A 19 4.99 0.51 6.10
CA ARG A 19 5.05 -0.67 6.95
C ARG A 19 4.21 -1.80 6.38
N GLY A 20 3.13 -1.44 5.69
CA GLY A 20 2.25 -2.42 5.10
C GLY A 20 2.77 -2.96 3.78
N LEU A 21 4.08 -2.82 3.57
CA LEU A 21 4.70 -3.29 2.33
C LEU A 21 5.67 -4.44 2.62
N SER A 22 6.34 -4.36 3.77
CA SER A 22 7.31 -5.38 4.16
C SER A 22 6.65 -6.43 5.06
N GLU A 23 6.31 -6.02 6.28
CA GLU A 23 5.68 -6.92 7.23
C GLU A 23 4.29 -6.42 7.62
N GLY A 24 3.61 -7.15 8.50
CA GLY A 24 2.29 -6.77 8.93
C GLY A 24 1.71 -7.73 9.94
N ARG A 25 0.51 -7.43 10.42
CA ARG A 25 -0.17 -8.28 11.40
C ARG A 25 -1.68 -8.24 11.22
N THR A 26 -2.39 -9.05 11.99
CA THR A 26 -3.84 -9.11 11.91
C THR A 26 -4.48 -8.00 12.74
N PHE A 27 -5.74 -7.68 12.43
CA PHE A 27 -6.46 -6.64 13.15
C PHE A 27 -5.55 -5.44 13.42
N GLU A 28 -4.58 -5.22 12.53
CA GLU A 28 -3.65 -4.12 12.68
C GLU A 28 -3.65 -3.23 11.44
N MET A 29 -4.09 -1.98 11.61
CA MET A 29 -4.13 -1.04 10.51
C MET A 29 -2.74 -0.76 9.96
N SER A 30 -2.45 -1.30 8.77
CA SER A 30 -1.15 -1.12 8.15
C SER A 30 -1.27 -0.30 6.86
N ASP A 31 -0.70 0.90 6.88
CA ASP A 31 -0.75 1.79 5.72
C ASP A 31 0.65 2.08 5.20
N PHE A 32 0.74 2.61 3.98
CA PHE A 32 2.02 2.93 3.38
C PHE A 32 1.89 4.15 2.47
N ILE A 33 3.02 4.83 2.25
CA ILE A 33 3.03 6.02 1.40
C ILE A 33 3.38 5.66 -0.05
N VAL A 34 2.80 6.40 -0.99
CA VAL A 34 3.05 6.16 -2.40
C VAL A 34 3.62 7.40 -3.08
N ASP A 35 4.93 7.44 -3.23
CA ASP A 35 5.60 8.57 -3.87
C ASP A 35 5.45 8.51 -5.38
N THR A 36 4.47 9.23 -5.90
CA THR A 36 4.22 9.25 -7.34
C THR A 36 4.29 10.68 -7.89
N ARG A 37 4.77 11.60 -7.07
CA ARG A 37 4.89 12.99 -7.47
C ARG A 37 6.06 13.19 -8.42
N ASP A 38 7.16 12.48 -8.16
CA ASP A 38 8.35 12.57 -8.99
C ASP A 38 8.15 11.83 -10.31
N ALA A 39 7.36 10.77 -10.27
CA ALA A 39 7.09 9.96 -11.46
C ALA A 39 6.26 10.76 -12.47
N GLY A 40 5.17 11.37 -12.00
CA GLY A 40 4.32 12.14 -12.87
C GLY A 40 2.85 12.00 -12.52
N TYR A 41 2.04 11.64 -13.50
CA TYR A 41 0.60 11.48 -13.29
C TYR A 41 0.09 10.22 -13.99
N GLY A 42 -1.08 9.76 -13.57
CA GLY A 42 -1.66 8.57 -14.17
C GLY A 42 -2.64 7.87 -13.25
N GLY A 43 -3.40 6.93 -13.80
CA GLY A 43 -4.37 6.21 -13.00
C GLY A 43 -3.73 5.15 -12.12
N ILE A 44 -3.87 5.28 -10.81
CA ILE A 44 -3.30 4.33 -9.87
C ILE A 44 -4.31 3.25 -9.51
N SER A 45 -3.82 2.01 -9.40
CA SER A 45 -4.67 0.89 -9.05
C SER A 45 -4.08 0.08 -7.90
N LEU A 46 -4.75 0.12 -6.75
CA LEU A 46 -4.29 -0.61 -5.57
C LEU A 46 -5.33 -1.62 -5.12
N ALA A 47 -4.94 -2.89 -5.06
CA ALA A 47 -5.83 -3.95 -4.62
C ALA A 47 -5.08 -5.06 -3.89
N VAL A 48 -5.40 -5.25 -2.62
CA VAL A 48 -4.75 -6.27 -1.82
C VAL A 48 -5.43 -7.62 -1.98
N GLU A 49 -4.66 -8.64 -2.34
CA GLU A 49 -5.21 -9.99 -2.53
C GLU A 49 -4.61 -10.96 -1.51
N GLY A 50 -5.41 -11.28 -0.49
CA GLY A 50 -4.94 -12.20 0.54
C GLY A 50 -5.97 -13.26 0.88
N PRO A 51 -5.76 -13.96 2.01
CA PRO A 51 -6.67 -15.01 2.46
C PRO A 51 -8.01 -14.46 2.93
N SER A 52 -8.16 -13.15 2.87
CA SER A 52 -9.39 -12.49 3.30
C SER A 52 -9.54 -11.13 2.63
N LYS A 53 -10.76 -10.59 2.66
CA LYS A 53 -11.04 -9.28 2.06
C LYS A 53 -10.68 -8.16 3.03
N VAL A 54 -9.91 -7.19 2.55
CA VAL A 54 -9.51 -6.06 3.37
C VAL A 54 -9.98 -4.74 2.76
N ASP A 55 -10.47 -3.84 3.60
CA ASP A 55 -10.96 -2.55 3.14
C ASP A 55 -9.79 -1.64 2.75
N ILE A 56 -9.74 -1.26 1.48
CA ILE A 56 -8.68 -0.40 0.99
C ILE A 56 -9.10 1.07 1.03
N GLN A 57 -8.52 1.83 1.94
CA GLN A 57 -8.84 3.24 2.08
C GLN A 57 -7.71 4.11 1.53
N THR A 58 -8.07 5.09 0.70
CA THR A 58 -7.08 5.98 0.11
C THR A 58 -7.50 7.44 0.28
N GLU A 59 -6.51 8.34 0.26
CA GLU A 59 -6.77 9.76 0.42
C GLU A 59 -5.61 10.59 -0.12
N ASP A 60 -5.93 11.64 -0.87
CA ASP A 60 -4.92 12.51 -1.45
C ASP A 60 -4.35 13.46 -0.39
N LEU A 61 -3.05 13.33 -0.13
CA LEU A 61 -2.38 14.17 0.87
C LEU A 61 -1.95 15.49 0.25
N GLU A 62 -1.26 16.30 1.04
CA GLU A 62 -0.78 17.61 0.57
C GLU A 62 0.60 17.46 -0.08
N ASP A 63 1.27 16.36 0.20
CA ASP A 63 2.59 16.09 -0.36
C ASP A 63 2.48 15.57 -1.79
N GLY A 64 1.26 15.38 -2.26
CA GLY A 64 1.03 14.88 -3.60
C GLY A 64 1.19 13.38 -3.69
N THR A 65 1.16 12.71 -2.54
CA THR A 65 1.30 11.26 -2.50
C THR A 65 0.00 10.59 -2.07
N CYS A 66 -0.08 9.28 -2.25
CA CYS A 66 -1.27 8.54 -1.87
C CYS A 66 -0.97 7.57 -0.72
N LYS A 67 -1.78 7.64 0.34
CA LYS A 67 -1.59 6.78 1.50
C LYS A 67 -2.67 5.70 1.55
N VAL A 68 -2.26 4.45 1.36
CA VAL A 68 -3.19 3.34 1.39
C VAL A 68 -3.29 2.74 2.79
N SER A 69 -4.51 2.34 3.17
CA SER A 69 -4.75 1.76 4.49
C SER A 69 -5.67 0.56 4.40
N TYR A 70 -5.33 -0.49 5.13
CA TYR A 70 -6.13 -1.72 5.12
C TYR A 70 -6.10 -2.39 6.50
N PHE A 71 -7.20 -3.06 6.84
CA PHE A 71 -7.30 -3.75 8.13
C PHE A 71 -7.44 -5.26 7.93
N PRO A 72 -6.31 -5.97 8.08
CA PRO A 72 -6.28 -7.43 7.92
C PRO A 72 -7.01 -8.15 9.06
N THR A 73 -7.58 -9.31 8.73
CA THR A 73 -8.32 -10.10 9.72
C THR A 73 -7.78 -11.52 9.79
N VAL A 74 -7.25 -12.00 8.66
CA VAL A 74 -6.71 -13.36 8.60
C VAL A 74 -5.23 -13.33 8.21
N PRO A 75 -4.39 -13.97 9.03
CA PRO A 75 -2.95 -14.04 8.79
C PRO A 75 -2.60 -14.92 7.59
N GLY A 76 -1.60 -14.50 6.82
CA GLY A 76 -1.19 -15.26 5.66
C GLY A 76 -0.28 -14.46 4.73
N VAL A 77 -0.57 -14.51 3.44
CA VAL A 77 0.22 -13.78 2.45
C VAL A 77 -0.65 -12.85 1.61
N TYR A 78 -0.57 -11.56 1.90
CA TYR A 78 -1.36 -10.57 1.18
C TYR A 78 -0.54 -9.97 0.03
N ILE A 79 -1.10 -10.03 -1.17
CA ILE A 79 -0.45 -9.49 -2.35
C ILE A 79 -0.97 -8.10 -2.70
N VAL A 80 -0.16 -7.08 -2.44
CA VAL A 80 -0.54 -5.71 -2.72
C VAL A 80 -0.21 -5.32 -4.16
N SER A 81 -1.20 -5.39 -5.03
CA SER A 81 -1.00 -5.06 -6.44
C SER A 81 -0.99 -3.56 -6.64
N THR A 82 0.20 -2.97 -6.71
CA THR A 82 0.36 -1.54 -6.90
C THR A 82 0.68 -1.21 -8.35
N LYS A 83 -0.23 -0.50 -9.00
CA LYS A 83 -0.05 -0.11 -10.40
C LYS A 83 -0.04 1.41 -10.55
N PHE A 84 0.63 1.90 -11.59
CA PHE A 84 0.71 3.33 -11.84
C PHE A 84 0.75 3.61 -13.34
N ALA A 85 -0.35 4.10 -13.88
CA ALA A 85 -0.45 4.42 -15.30
C ALA A 85 -0.34 3.15 -16.15
N ASP A 86 -0.94 2.08 -15.66
CA ASP A 86 -0.92 0.80 -16.38
C ASP A 86 0.49 0.22 -16.38
N GLU A 87 1.15 0.25 -15.24
CA GLU A 87 2.50 -0.28 -15.11
C GLU A 87 2.84 -0.57 -13.64
N HIS A 88 3.03 -1.84 -13.33
CA HIS A 88 3.36 -2.26 -11.97
C HIS A 88 4.68 -1.61 -11.51
N VAL A 89 4.66 -1.04 -10.32
CA VAL A 89 5.85 -0.39 -9.77
C VAL A 89 7.05 -1.32 -9.83
N PRO A 90 8.26 -0.73 -9.76
CA PRO A 90 9.51 -1.49 -9.82
C PRO A 90 9.74 -2.31 -8.55
N GLY A 91 9.21 -3.52 -8.53
CA GLY A 91 9.37 -4.38 -7.37
C GLY A 91 8.09 -5.12 -7.02
N SER A 92 7.04 -4.90 -7.80
CA SER A 92 5.77 -5.54 -7.56
C SER A 92 5.71 -6.91 -8.23
N PRO A 93 4.77 -7.75 -7.78
CA PRO A 93 3.82 -7.40 -6.71
C PRO A 93 4.51 -7.28 -5.36
N PHE A 94 3.76 -6.80 -4.37
CA PHE A 94 4.29 -6.64 -3.02
C PHE A 94 3.76 -7.72 -2.09
N THR A 95 4.63 -8.64 -1.68
CA THR A 95 4.25 -9.74 -0.80
C THR A 95 4.37 -9.32 0.66
N VAL A 96 3.23 -9.10 1.31
CA VAL A 96 3.20 -8.71 2.71
C VAL A 96 2.74 -9.86 3.60
N LYS A 97 3.65 -10.36 4.43
CA LYS A 97 3.34 -11.46 5.33
C LYS A 97 2.68 -10.94 6.61
N ILE A 98 1.47 -11.41 6.88
CA ILE A 98 0.73 -11.00 8.07
C ILE A 98 0.73 -12.10 9.12
N SER A 99 1.22 -11.78 10.31
CA SER A 99 1.28 -12.74 11.40
C SER A 99 0.08 -12.59 12.32
N GLY A 100 -0.25 -13.66 13.03
CA GLY A 100 -1.39 -13.63 13.94
C GLY A 100 -1.17 -14.49 15.16
N GLU A 101 0.03 -14.44 15.72
CA GLU A 101 0.37 -15.23 16.90
C GLU A 101 0.08 -14.44 18.18
N GLY A 102 -1.17 -14.50 18.63
CA GLY A 102 -1.55 -13.79 19.84
C GLY A 102 -1.19 -12.32 19.79
N ARG A 103 -0.02 -11.98 20.30
CA ARG A 103 0.45 -10.60 20.32
C ARG A 103 1.91 -10.52 20.75
N VAL A 104 2.77 -10.16 19.81
CA VAL A 104 4.20 -10.05 20.08
C VAL A 104 4.45 -9.28 21.38
N LYS A 105 5.60 -9.52 22.00
CA LYS A 105 5.96 -8.87 23.25
C LYS A 105 6.50 -7.47 22.98
N SER A 106 5.86 -6.46 23.56
CA SER A 106 6.28 -5.07 23.38
C SER A 106 5.89 -4.23 24.59
N GLY A 107 6.82 -3.40 25.05
CA GLY A 107 6.56 -2.55 26.20
C GLY A 107 7.54 -2.78 27.33
N PRO A 108 8.78 -2.31 27.14
CA PRO A 108 9.84 -2.47 28.15
C PRO A 108 9.59 -1.62 29.39
N SER A 109 8.61 -0.73 29.31
CA SER A 109 8.27 0.14 30.42
C SER A 109 8.42 -0.58 31.75
N SER A 110 9.29 -0.06 32.62
CA SER A 110 9.53 -0.66 33.91
C SER A 110 8.28 -0.61 34.78
N GLY A 111 7.52 -1.70 34.77
CA GLY A 111 6.29 -1.75 35.56
C GLY A 111 5.22 -2.61 34.90
N GLY A 1 2.86 17.85 -18.02
CA GLY A 1 3.39 17.04 -19.10
C GLY A 1 3.23 17.68 -20.46
N SER A 2 3.43 16.89 -21.51
CA SER A 2 3.30 17.39 -22.88
C SER A 2 1.85 17.34 -23.35
N SER A 3 1.38 18.45 -23.90
CA SER A 3 0.00 18.54 -24.39
C SER A 3 -0.21 17.64 -25.60
N GLY A 4 -1.19 16.75 -25.51
CA GLY A 4 -1.48 15.84 -26.62
C GLY A 4 -1.78 14.44 -26.14
N SER A 5 -0.89 13.90 -25.30
CA SER A 5 -1.06 12.55 -24.78
C SER A 5 -2.17 12.50 -23.72
N SER A 6 -2.46 11.31 -23.23
CA SER A 6 -3.50 11.13 -22.23
C SER A 6 -2.89 10.98 -20.84
N GLY A 7 -2.08 11.96 -20.44
CA GLY A 7 -1.44 11.91 -19.13
C GLY A 7 -0.72 10.61 -18.90
N ILE A 8 0.61 10.65 -19.02
CA ILE A 8 1.43 9.45 -18.81
C ILE A 8 2.32 9.62 -17.58
N GLY A 9 2.90 8.50 -17.13
CA GLY A 9 3.77 8.53 -15.97
C GLY A 9 4.82 7.45 -16.01
N ASP A 10 5.69 7.44 -15.00
CA ASP A 10 6.76 6.45 -14.92
C ASP A 10 6.68 5.67 -13.60
N ALA A 11 6.12 4.48 -13.66
CA ALA A 11 5.99 3.64 -12.48
C ALA A 11 7.34 3.39 -11.82
N ARG A 12 8.37 3.23 -12.65
CA ARG A 12 9.72 3.00 -12.16
C ARG A 12 10.16 4.10 -11.21
N ARG A 13 9.59 5.30 -11.39
CA ARG A 13 9.92 6.44 -10.55
C ARG A 13 9.10 6.43 -9.27
N ALA A 14 7.95 5.77 -9.32
CA ALA A 14 7.07 5.68 -8.16
C ALA A 14 7.74 4.93 -7.02
N LYS A 15 7.77 5.54 -5.84
CA LYS A 15 8.38 4.93 -4.67
C LYS A 15 7.32 4.60 -3.61
N VAL A 16 7.55 3.52 -2.87
CA VAL A 16 6.62 3.10 -1.84
C VAL A 16 7.36 2.80 -0.52
N TYR A 17 7.01 3.54 0.52
CA TYR A 17 7.64 3.36 1.82
C TYR A 17 6.60 3.39 2.94
N GLY A 18 6.67 2.42 3.84
CA GLY A 18 5.73 2.36 4.94
C GLY A 18 5.93 1.15 5.82
N ARG A 19 4.85 0.60 6.35
CA ARG A 19 4.91 -0.57 7.21
C ARG A 19 4.04 -1.70 6.66
N GLY A 20 2.93 -1.32 6.02
CA GLY A 20 2.03 -2.31 5.47
C GLY A 20 2.48 -2.81 4.11
N LEU A 21 3.77 -2.63 3.82
CA LEU A 21 4.33 -3.08 2.54
C LEU A 21 5.25 -4.27 2.73
N SER A 22 6.04 -4.23 3.80
CA SER A 22 6.98 -5.31 4.10
C SER A 22 6.36 -6.31 5.07
N GLU A 23 6.07 -5.84 6.28
CA GLU A 23 5.48 -6.70 7.30
C GLU A 23 4.09 -6.18 7.72
N GLY A 24 3.47 -6.86 8.67
CA GLY A 24 2.16 -6.46 9.14
C GLY A 24 1.59 -7.41 10.17
N ARG A 25 0.39 -7.12 10.65
CA ARG A 25 -0.25 -7.95 11.65
C ARG A 25 -1.78 -7.91 11.49
N THR A 26 -2.44 -8.96 11.97
CA THR A 26 -3.89 -9.05 11.87
C THR A 26 -4.57 -7.99 12.73
N PHE A 27 -5.80 -7.66 12.38
CA PHE A 27 -6.57 -6.66 13.11
C PHE A 27 -5.71 -5.42 13.41
N GLU A 28 -4.75 -5.15 12.51
CA GLU A 28 -3.86 -4.01 12.67
C GLU A 28 -3.83 -3.17 11.40
N MET A 29 -4.32 -1.94 11.50
CA MET A 29 -4.34 -1.03 10.36
C MET A 29 -2.93 -0.72 9.88
N SER A 30 -2.59 -1.22 8.70
CA SER A 30 -1.26 -1.00 8.13
C SER A 30 -1.35 -0.17 6.86
N ASP A 31 -0.93 1.08 6.94
CA ASP A 31 -0.95 1.98 5.79
C ASP A 31 0.46 2.28 5.30
N PHE A 32 0.56 2.83 4.09
CA PHE A 32 1.84 3.16 3.51
C PHE A 32 1.74 4.38 2.59
N ILE A 33 2.88 4.97 2.26
CA ILE A 33 2.90 6.15 1.39
C ILE A 33 3.27 5.77 -0.04
N VAL A 34 2.76 6.53 -0.99
CA VAL A 34 3.04 6.28 -2.41
C VAL A 34 3.59 7.52 -3.09
N ASP A 35 4.89 7.56 -3.27
CA ASP A 35 5.55 8.70 -3.92
C ASP A 35 5.40 8.62 -5.43
N THR A 36 4.58 9.51 -5.98
CA THR A 36 4.34 9.55 -7.43
C THR A 36 4.47 10.97 -7.97
N ARG A 37 4.78 11.91 -7.08
CA ARG A 37 4.93 13.31 -7.48
C ARG A 37 6.10 13.48 -8.44
N ASP A 38 7.13 12.67 -8.26
CA ASP A 38 8.31 12.72 -9.11
C ASP A 38 8.28 11.63 -10.17
N ALA A 39 7.09 11.07 -10.40
CA ALA A 39 6.93 10.02 -11.39
C ALA A 39 6.38 10.57 -12.69
N GLY A 40 5.31 11.36 -12.59
CA GLY A 40 4.69 11.94 -13.77
C GLY A 40 3.19 12.08 -13.63
N TYR A 41 2.45 11.32 -14.43
CA TYR A 41 1.00 11.38 -14.39
C TYR A 41 0.40 9.98 -14.59
N GLY A 42 -0.86 9.83 -14.20
CA GLY A 42 -1.53 8.54 -14.35
C GLY A 42 -2.29 8.14 -13.11
N GLY A 43 -3.13 7.12 -13.23
CA GLY A 43 -3.91 6.65 -12.10
C GLY A 43 -3.30 5.44 -11.43
N ILE A 44 -3.56 5.27 -10.14
CA ILE A 44 -3.03 4.14 -9.39
C ILE A 44 -4.10 3.07 -9.17
N SER A 45 -3.69 1.81 -9.29
CA SER A 45 -4.62 0.70 -9.11
C SER A 45 -4.17 -0.19 -7.95
N LEU A 46 -4.96 -0.18 -6.88
CA LEU A 46 -4.66 -0.99 -5.70
C LEU A 46 -5.58 -2.20 -5.61
N ALA A 47 -4.99 -3.36 -5.32
CA ALA A 47 -5.75 -4.59 -5.21
C ALA A 47 -5.05 -5.60 -4.30
N VAL A 48 -5.59 -5.79 -3.11
CA VAL A 48 -5.02 -6.73 -2.14
C VAL A 48 -5.77 -8.06 -2.15
N GLU A 49 -5.08 -9.12 -2.58
CA GLU A 49 -5.68 -10.45 -2.63
C GLU A 49 -5.00 -11.38 -1.64
N GLY A 50 -5.59 -11.49 -0.45
CA GLY A 50 -5.03 -12.35 0.59
C GLY A 50 -6.00 -13.44 1.00
N PRO A 51 -5.78 -14.00 2.20
CA PRO A 51 -6.63 -15.06 2.75
C PRO A 51 -8.01 -14.56 3.13
N SER A 52 -8.24 -13.26 2.95
CA SER A 52 -9.53 -12.65 3.28
C SER A 52 -9.66 -11.29 2.62
N LYS A 53 -10.85 -10.70 2.73
CA LYS A 53 -11.12 -9.40 2.15
C LYS A 53 -10.64 -8.28 3.07
N VAL A 54 -9.88 -7.34 2.51
CA VAL A 54 -9.36 -6.22 3.29
C VAL A 54 -9.73 -4.89 2.63
N ASP A 55 -10.30 -3.99 3.43
CA ASP A 55 -10.70 -2.68 2.93
C ASP A 55 -9.49 -1.83 2.60
N ILE A 56 -9.65 -0.91 1.65
CA ILE A 56 -8.55 -0.03 1.25
C ILE A 56 -9.01 1.42 1.20
N GLN A 57 -8.50 2.22 2.13
CA GLN A 57 -8.86 3.64 2.19
C GLN A 57 -7.68 4.51 1.77
N THR A 58 -7.91 5.35 0.76
CA THR A 58 -6.87 6.25 0.26
C THR A 58 -7.23 7.70 0.50
N GLU A 59 -6.23 8.57 0.41
CA GLU A 59 -6.44 10.00 0.62
C GLU A 59 -5.30 10.82 0.03
N ASP A 60 -5.64 11.70 -0.90
CA ASP A 60 -4.64 12.54 -1.56
C ASP A 60 -4.03 13.53 -0.56
N LEU A 61 -2.73 13.40 -0.33
CA LEU A 61 -2.03 14.28 0.59
C LEU A 61 -1.62 15.58 -0.09
N GLU A 62 -1.00 16.48 0.68
CA GLU A 62 -0.57 17.76 0.14
C GLU A 62 0.72 17.60 -0.67
N ASP A 63 1.56 16.65 -0.27
CA ASP A 63 2.82 16.41 -0.95
C ASP A 63 2.57 15.85 -2.35
N GLY A 64 1.30 15.58 -2.66
CA GLY A 64 0.95 15.04 -3.96
C GLY A 64 1.07 13.54 -4.02
N THR A 65 1.13 12.90 -2.85
CA THR A 65 1.23 11.45 -2.76
C THR A 65 -0.06 10.83 -2.25
N CYS A 66 -0.18 9.52 -2.40
CA CYS A 66 -1.37 8.80 -1.94
C CYS A 66 -1.02 7.82 -0.83
N LYS A 67 -1.82 7.85 0.23
CA LYS A 67 -1.60 6.96 1.38
C LYS A 67 -2.67 5.87 1.44
N VAL A 68 -2.25 4.62 1.35
CA VAL A 68 -3.17 3.50 1.40
C VAL A 68 -3.31 2.97 2.81
N SER A 69 -4.52 2.54 3.17
CA SER A 69 -4.79 2.01 4.50
C SER A 69 -5.72 0.80 4.43
N TYR A 70 -5.30 -0.29 5.05
CA TYR A 70 -6.10 -1.52 5.06
C TYR A 70 -6.11 -2.16 6.44
N PHE A 71 -7.09 -3.01 6.69
CA PHE A 71 -7.22 -3.69 7.97
C PHE A 71 -7.39 -5.19 7.78
N PRO A 72 -6.27 -5.94 7.94
CA PRO A 72 -6.28 -7.40 7.79
C PRO A 72 -7.03 -8.09 8.91
N THR A 73 -7.60 -9.26 8.59
CA THR A 73 -8.35 -10.02 9.58
C THR A 73 -7.77 -11.43 9.74
N VAL A 74 -7.25 -11.98 8.65
CA VAL A 74 -6.66 -13.31 8.67
C VAL A 74 -5.21 -13.29 8.21
N PRO A 75 -4.33 -13.92 8.98
CA PRO A 75 -2.89 -13.98 8.67
C PRO A 75 -2.60 -14.86 7.45
N GLY A 76 -1.63 -14.43 6.65
CA GLY A 76 -1.27 -15.19 5.46
C GLY A 76 -0.39 -14.40 4.52
N VAL A 77 -0.73 -14.44 3.23
CA VAL A 77 0.04 -13.71 2.22
C VAL A 77 -0.86 -12.76 1.43
N TYR A 78 -0.72 -11.47 1.70
CA TYR A 78 -1.52 -10.45 1.02
C TYR A 78 -0.75 -9.88 -0.16
N ILE A 79 -1.30 -10.05 -1.36
CA ILE A 79 -0.68 -9.55 -2.57
C ILE A 79 -1.16 -8.13 -2.89
N VAL A 80 -0.34 -7.14 -2.56
CA VAL A 80 -0.68 -5.75 -2.81
C VAL A 80 -0.26 -5.33 -4.22
N SER A 81 -1.21 -5.38 -5.16
CA SER A 81 -0.95 -5.01 -6.54
C SER A 81 -0.94 -3.50 -6.70
N THR A 82 0.26 -2.91 -6.70
CA THR A 82 0.41 -1.47 -6.84
C THR A 82 0.81 -1.09 -8.28
N LYS A 83 -0.14 -0.54 -9.01
CA LYS A 83 0.10 -0.14 -10.39
C LYS A 83 -0.01 1.38 -10.55
N PHE A 84 0.71 1.92 -11.52
CA PHE A 84 0.68 3.36 -11.77
C PHE A 84 0.83 3.65 -13.27
N ALA A 85 -0.23 4.17 -13.86
CA ALA A 85 -0.22 4.51 -15.29
C ALA A 85 -0.03 3.25 -16.14
N ASP A 86 -0.75 2.19 -15.79
CA ASP A 86 -0.67 0.94 -16.53
C ASP A 86 0.74 0.35 -16.43
N GLU A 87 1.33 0.43 -15.24
CA GLU A 87 2.68 -0.08 -15.02
C GLU A 87 2.89 -0.44 -13.54
N HIS A 88 3.26 -1.69 -13.29
CA HIS A 88 3.50 -2.15 -11.93
C HIS A 88 4.82 -1.61 -11.39
N VAL A 89 4.78 -1.07 -10.18
CA VAL A 89 5.97 -0.52 -9.55
C VAL A 89 7.16 -1.48 -9.68
N PRO A 90 8.38 -0.93 -9.61
CA PRO A 90 9.61 -1.72 -9.71
C PRO A 90 9.83 -2.62 -8.49
N GLY A 91 9.24 -3.81 -8.53
CA GLY A 91 9.39 -4.74 -7.42
C GLY A 91 8.08 -5.43 -7.07
N SER A 92 7.03 -5.12 -7.83
CA SER A 92 5.72 -5.71 -7.59
C SER A 92 5.62 -7.09 -8.24
N PRO A 93 4.64 -7.88 -7.79
CA PRO A 93 3.70 -7.47 -6.74
C PRO A 93 4.38 -7.37 -5.37
N PHE A 94 3.62 -6.92 -4.38
CA PHE A 94 4.14 -6.79 -3.03
C PHE A 94 3.59 -7.87 -2.11
N THR A 95 4.46 -8.75 -1.64
CA THR A 95 4.07 -9.83 -0.75
C THR A 95 4.25 -9.45 0.71
N VAL A 96 3.13 -9.15 1.38
CA VAL A 96 3.16 -8.77 2.78
C VAL A 96 2.88 -9.97 3.68
N LYS A 97 3.89 -10.38 4.44
CA LYS A 97 3.75 -11.51 5.35
C LYS A 97 3.19 -11.07 6.70
N ILE A 98 1.98 -11.50 7.00
CA ILE A 98 1.33 -11.15 8.26
C ILE A 98 1.62 -12.19 9.34
N SER A 99 1.95 -11.71 10.54
CA SER A 99 2.24 -12.60 11.66
C SER A 99 0.98 -13.23 12.20
N GLY A 100 0.11 -12.41 12.79
CA GLY A 100 -1.13 -12.91 13.34
C GLY A 100 -0.94 -13.55 14.70
N GLU A 101 -1.35 -14.81 14.82
CA GLU A 101 -1.23 -15.54 16.08
C GLU A 101 0.22 -15.57 16.55
N GLY A 102 0.60 -14.56 17.33
CA GLY A 102 1.97 -14.50 17.83
C GLY A 102 2.46 -13.07 17.99
N ARG A 103 3.39 -12.86 18.93
CA ARG A 103 3.93 -11.54 19.18
C ARG A 103 5.36 -11.63 19.72
N VAL A 104 6.25 -10.84 19.13
CA VAL A 104 7.65 -10.83 19.55
C VAL A 104 7.77 -10.52 21.04
N LYS A 105 8.56 -11.34 21.74
CA LYS A 105 8.77 -11.16 23.18
C LYS A 105 9.81 -10.08 23.44
N SER A 106 9.34 -8.90 23.84
CA SER A 106 10.24 -7.78 24.12
C SER A 106 10.39 -7.57 25.62
N GLY A 107 11.62 -7.39 26.07
CA GLY A 107 11.87 -7.18 27.49
C GLY A 107 12.86 -6.06 27.74
N PRO A 108 12.42 -4.81 27.50
CA PRO A 108 13.27 -3.63 27.70
C PRO A 108 13.54 -3.35 29.18
N SER A 109 12.87 -4.10 30.04
CA SER A 109 13.05 -3.93 31.48
C SER A 109 14.51 -3.63 31.82
N SER A 110 14.75 -2.41 32.29
CA SER A 110 16.11 -2.00 32.65
C SER A 110 16.56 -2.69 33.93
N GLY A 111 17.87 -2.89 34.06
CA GLY A 111 18.42 -3.54 35.23
C GLY A 111 19.81 -4.07 35.01
N GLY A 1 -1.55 26.22 -11.44
CA GLY A 1 -0.31 25.97 -12.16
C GLY A 1 0.47 24.80 -11.57
N SER A 2 0.75 23.81 -12.41
CA SER A 2 1.49 22.63 -11.96
C SER A 2 2.82 22.52 -12.68
N SER A 3 3.78 21.84 -12.05
CA SER A 3 5.10 21.67 -12.63
C SER A 3 5.42 20.19 -12.84
N GLY A 4 6.22 19.90 -13.86
CA GLY A 4 6.59 18.52 -14.15
C GLY A 4 6.37 18.16 -15.60
N SER A 5 6.60 16.89 -15.93
CA SER A 5 6.44 16.42 -17.30
C SER A 5 4.99 16.52 -17.74
N SER A 6 4.76 16.43 -19.06
CA SER A 6 3.41 16.51 -19.61
C SER A 6 2.89 15.12 -19.95
N GLY A 7 1.64 14.86 -19.57
CA GLY A 7 1.04 13.57 -19.84
C GLY A 7 1.01 12.66 -18.63
N ILE A 8 1.46 11.43 -18.80
CA ILE A 8 1.50 10.46 -17.71
C ILE A 8 2.88 10.39 -17.08
N GLY A 9 3.04 9.50 -16.10
CA GLY A 9 4.30 9.35 -15.43
C GLY A 9 4.99 8.03 -15.74
N ASP A 10 5.81 7.55 -14.83
CA ASP A 10 6.52 6.28 -15.02
C ASP A 10 6.56 5.49 -13.72
N ALA A 11 5.93 4.33 -13.72
CA ALA A 11 5.90 3.47 -12.55
C ALA A 11 7.29 3.30 -11.95
N ARG A 12 8.28 3.16 -12.81
CA ARG A 12 9.67 2.99 -12.37
C ARG A 12 10.06 4.08 -11.39
N ARG A 13 9.51 5.28 -11.59
CA ARG A 13 9.80 6.41 -10.72
C ARG A 13 9.00 6.33 -9.43
N ALA A 14 7.78 5.82 -9.53
CA ALA A 14 6.90 5.69 -8.38
C ALA A 14 7.57 4.87 -7.27
N LYS A 15 7.67 5.46 -6.09
CA LYS A 15 8.29 4.78 -4.95
C LYS A 15 7.25 4.47 -3.87
N VAL A 16 7.47 3.38 -3.15
CA VAL A 16 6.56 2.98 -2.09
C VAL A 16 7.31 2.60 -0.82
N TYR A 17 6.92 3.20 0.30
CA TYR A 17 7.57 2.93 1.58
C TYR A 17 6.55 2.98 2.71
N GLY A 18 6.46 1.87 3.46
CA GLY A 18 5.53 1.81 4.57
C GLY A 18 5.65 0.51 5.35
N ARG A 19 5.40 0.58 6.65
CA ARG A 19 5.49 -0.60 7.50
C ARG A 19 4.51 -1.68 7.05
N GLY A 20 3.43 -1.25 6.40
CA GLY A 20 2.44 -2.19 5.93
C GLY A 20 2.86 -2.90 4.65
N LEU A 21 3.87 -2.35 3.98
CA LEU A 21 4.38 -2.94 2.75
C LEU A 21 5.45 -3.99 3.04
N SER A 22 6.22 -3.76 4.10
CA SER A 22 7.28 -4.68 4.49
C SER A 22 6.73 -5.79 5.38
N GLU A 23 6.02 -5.39 6.43
CA GLU A 23 5.44 -6.35 7.36
C GLU A 23 4.02 -5.96 7.74
N GLY A 24 3.41 -6.73 8.63
CA GLY A 24 2.05 -6.45 9.06
C GLY A 24 1.53 -7.47 10.06
N ARG A 25 0.31 -7.26 10.52
CA ARG A 25 -0.30 -8.17 11.50
C ARG A 25 -1.81 -8.23 11.30
N THR A 26 -2.46 -9.16 12.01
CA THR A 26 -3.90 -9.32 11.92
C THR A 26 -4.62 -8.27 12.75
N PHE A 27 -5.71 -7.74 12.20
CA PHE A 27 -6.50 -6.73 12.89
C PHE A 27 -5.64 -5.51 13.22
N GLU A 28 -4.65 -5.25 12.38
CA GLU A 28 -3.76 -4.10 12.59
C GLU A 28 -3.77 -3.18 11.37
N MET A 29 -4.25 -1.95 11.57
CA MET A 29 -4.31 -0.98 10.50
C MET A 29 -2.92 -0.69 9.94
N SER A 30 -2.65 -1.20 8.75
CA SER A 30 -1.35 -1.00 8.11
C SER A 30 -1.47 -0.04 6.93
N ASP A 31 -0.76 1.08 7.02
CA ASP A 31 -0.78 2.09 5.96
C ASP A 31 0.62 2.37 5.44
N PHE A 32 0.70 2.81 4.20
CA PHE A 32 1.99 3.10 3.58
C PHE A 32 1.88 4.30 2.63
N ILE A 33 2.99 5.00 2.44
CA ILE A 33 3.02 6.16 1.56
C ILE A 33 3.37 5.76 0.13
N VAL A 34 2.91 6.56 -0.82
CA VAL A 34 3.18 6.29 -2.24
C VAL A 34 3.72 7.53 -2.93
N ASP A 35 5.02 7.55 -3.19
CA ASP A 35 5.66 8.67 -3.85
C ASP A 35 5.35 8.67 -5.35
N THR A 36 4.51 9.61 -5.76
CA THR A 36 4.12 9.72 -7.16
C THR A 36 4.25 11.15 -7.67
N ARG A 37 5.23 11.87 -7.13
CA ARG A 37 5.47 13.26 -7.52
C ARG A 37 6.48 13.33 -8.66
N ASP A 38 7.60 12.63 -8.51
CA ASP A 38 8.65 12.62 -9.52
C ASP A 38 8.30 11.64 -10.64
N ALA A 39 7.15 10.98 -10.51
CA ALA A 39 6.71 10.01 -11.51
C ALA A 39 5.93 10.70 -12.63
N GLY A 40 5.00 11.57 -12.24
CA GLY A 40 4.20 12.28 -13.23
C GLY A 40 2.72 12.17 -12.96
N TYR A 41 1.99 11.55 -13.87
CA TYR A 41 0.54 11.39 -13.72
C TYR A 41 0.12 9.97 -14.07
N GLY A 42 -1.15 9.66 -13.81
CA GLY A 42 -1.67 8.34 -14.10
C GLY A 42 -2.53 7.80 -12.97
N GLY A 43 -3.52 6.98 -13.34
CA GLY A 43 -4.41 6.41 -12.34
C GLY A 43 -3.78 5.24 -11.61
N ILE A 44 -3.74 5.32 -10.28
CA ILE A 44 -3.16 4.26 -9.47
C ILE A 44 -4.17 3.14 -9.23
N SER A 45 -3.76 1.91 -9.53
CA SER A 45 -4.62 0.75 -9.33
C SER A 45 -4.13 -0.12 -8.19
N LEU A 46 -4.87 -0.08 -7.07
CA LEU A 46 -4.51 -0.86 -5.90
C LEU A 46 -5.49 -2.00 -5.68
N ALA A 47 -4.97 -3.17 -5.32
CA ALA A 47 -5.80 -4.34 -5.07
C ALA A 47 -5.04 -5.42 -4.33
N VAL A 48 -5.37 -5.61 -3.06
CA VAL A 48 -4.71 -6.62 -2.23
C VAL A 48 -5.44 -7.95 -2.30
N GLU A 49 -4.73 -8.99 -2.73
CA GLU A 49 -5.31 -10.32 -2.86
C GLU A 49 -4.69 -11.27 -1.83
N GLY A 50 -5.40 -11.48 -0.72
CA GLY A 50 -4.91 -12.37 0.32
C GLY A 50 -5.93 -13.42 0.71
N PRO A 51 -5.71 -14.05 1.87
CA PRO A 51 -6.61 -15.09 2.38
C PRO A 51 -7.97 -14.54 2.80
N SER A 52 -8.13 -13.23 2.67
CA SER A 52 -9.38 -12.58 3.05
C SER A 52 -9.45 -11.16 2.47
N LYS A 53 -10.62 -10.55 2.56
CA LYS A 53 -10.83 -9.20 2.05
C LYS A 53 -10.29 -8.16 3.02
N VAL A 54 -9.63 -7.14 2.49
CA VAL A 54 -9.07 -6.07 3.31
C VAL A 54 -9.41 -4.71 2.75
N ASP A 55 -10.21 -3.95 3.49
CA ASP A 55 -10.62 -2.61 3.07
C ASP A 55 -9.41 -1.79 2.64
N ILE A 56 -9.63 -0.84 1.74
CA ILE A 56 -8.56 0.02 1.26
C ILE A 56 -9.02 1.48 1.19
N GLN A 57 -8.45 2.30 2.08
CA GLN A 57 -8.79 3.72 2.11
C GLN A 57 -7.64 4.57 1.59
N THR A 58 -7.94 5.40 0.59
CA THR A 58 -6.92 6.26 0.00
C THR A 58 -7.29 7.73 0.19
N GLU A 59 -6.26 8.59 0.19
CA GLU A 59 -6.48 10.03 0.36
C GLU A 59 -5.27 10.82 -0.12
N ASP A 60 -5.52 11.90 -0.84
CA ASP A 60 -4.45 12.75 -1.36
C ASP A 60 -3.84 13.59 -0.24
N LEU A 61 -2.53 13.45 -0.05
CA LEU A 61 -1.82 14.19 0.98
C LEU A 61 -1.30 15.51 0.43
N GLU A 62 -0.62 16.28 1.29
CA GLU A 62 -0.07 17.57 0.89
C GLU A 62 1.15 17.37 0.00
N ASP A 63 1.99 16.40 0.33
CA ASP A 63 3.19 16.11 -0.44
C ASP A 63 2.84 15.63 -1.84
N GLY A 64 1.63 15.11 -2.00
CA GLY A 64 1.18 14.61 -3.29
C GLY A 64 1.29 13.11 -3.40
N THR A 65 1.09 12.41 -2.29
CA THR A 65 1.16 10.96 -2.26
C THR A 65 -0.17 10.34 -1.87
N CYS A 66 -0.25 9.02 -1.93
CA CYS A 66 -1.47 8.31 -1.58
C CYS A 66 -1.21 7.30 -0.47
N LYS A 67 -1.76 7.59 0.72
CA LYS A 67 -1.58 6.71 1.87
C LYS A 67 -2.67 5.63 1.89
N VAL A 68 -2.33 4.45 1.37
CA VAL A 68 -3.28 3.34 1.34
C VAL A 68 -3.36 2.65 2.71
N SER A 69 -4.56 2.57 3.25
CA SER A 69 -4.77 1.94 4.55
C SER A 69 -5.69 0.73 4.42
N TYR A 70 -5.35 -0.33 5.14
CA TYR A 70 -6.15 -1.56 5.11
C TYR A 70 -6.13 -2.26 6.47
N PHE A 71 -7.22 -2.97 6.77
CA PHE A 71 -7.34 -3.67 8.04
C PHE A 71 -7.53 -5.17 7.81
N PRO A 72 -6.44 -5.94 7.93
CA PRO A 72 -6.45 -7.39 7.74
C PRO A 72 -7.20 -8.11 8.85
N THR A 73 -7.77 -9.27 8.52
CA THR A 73 -8.52 -10.06 9.50
C THR A 73 -7.97 -11.47 9.58
N VAL A 74 -7.42 -11.96 8.48
CA VAL A 74 -6.85 -13.31 8.43
C VAL A 74 -5.36 -13.27 8.13
N PRO A 75 -4.57 -13.94 8.99
CA PRO A 75 -3.11 -14.00 8.84
C PRO A 75 -2.69 -14.84 7.65
N GLY A 76 -1.68 -14.36 6.93
CA GLY A 76 -1.19 -15.09 5.76
C GLY A 76 -0.34 -14.22 4.85
N VAL A 77 -0.56 -14.34 3.56
CA VAL A 77 0.19 -13.56 2.58
C VAL A 77 -0.73 -12.72 1.71
N TYR A 78 -0.59 -11.40 1.84
CA TYR A 78 -1.42 -10.47 1.06
C TYR A 78 -0.64 -9.88 -0.10
N ILE A 79 -1.14 -10.11 -1.32
CA ILE A 79 -0.49 -9.60 -2.52
C ILE A 79 -0.98 -8.19 -2.86
N VAL A 80 -0.17 -7.20 -2.54
CA VAL A 80 -0.52 -5.81 -2.81
C VAL A 80 -0.12 -5.41 -4.22
N SER A 81 -1.09 -5.44 -5.14
CA SER A 81 -0.85 -5.08 -6.53
C SER A 81 -0.86 -3.56 -6.71
N THR A 82 0.33 -2.96 -6.72
CA THR A 82 0.45 -1.52 -6.88
C THR A 82 0.76 -1.16 -8.33
N LYS A 83 -0.20 -0.51 -8.99
CA LYS A 83 -0.02 -0.11 -10.39
C LYS A 83 -0.11 1.41 -10.52
N PHE A 84 0.60 1.95 -11.50
CA PHE A 84 0.60 3.38 -11.74
C PHE A 84 0.74 3.69 -13.23
N ALA A 85 -0.34 4.18 -13.83
CA ALA A 85 -0.35 4.52 -15.25
C ALA A 85 -0.23 3.26 -16.11
N ASP A 86 -1.00 2.23 -15.75
CA ASP A 86 -0.99 0.97 -16.49
C ASP A 86 0.40 0.33 -16.43
N GLU A 87 1.02 0.39 -15.27
CA GLU A 87 2.35 -0.19 -15.09
C GLU A 87 2.60 -0.54 -13.62
N HIS A 88 2.99 -1.78 -13.37
CA HIS A 88 3.27 -2.24 -12.02
C HIS A 88 4.60 -1.69 -11.50
N VAL A 89 4.59 -1.14 -10.31
CA VAL A 89 5.80 -0.57 -9.71
C VAL A 89 6.98 -1.51 -9.88
N PRO A 90 8.20 -0.95 -9.85
CA PRO A 90 9.43 -1.73 -10.00
C PRO A 90 9.71 -2.63 -8.80
N GLY A 91 9.13 -3.83 -8.81
CA GLY A 91 9.33 -4.75 -7.72
C GLY A 91 8.05 -5.45 -7.32
N SER A 92 6.97 -5.16 -8.03
CA SER A 92 5.66 -5.75 -7.73
C SER A 92 5.56 -7.15 -8.33
N PRO A 93 4.60 -7.94 -7.83
CA PRO A 93 3.70 -7.51 -6.76
C PRO A 93 4.42 -7.36 -5.42
N PHE A 94 3.68 -6.92 -4.41
CA PHE A 94 4.24 -6.73 -3.07
C PHE A 94 3.72 -7.79 -2.11
N THR A 95 4.57 -8.73 -1.74
CA THR A 95 4.20 -9.80 -0.83
C THR A 95 4.40 -9.38 0.62
N VAL A 96 3.28 -9.10 1.30
CA VAL A 96 3.33 -8.69 2.70
C VAL A 96 2.97 -9.84 3.63
N LYS A 97 3.83 -10.10 4.61
CA LYS A 97 3.62 -11.17 5.57
C LYS A 97 2.88 -10.66 6.81
N ILE A 98 1.71 -11.24 7.07
CA ILE A 98 0.92 -10.84 8.22
C ILE A 98 0.97 -11.89 9.32
N SER A 99 1.46 -11.48 10.49
CA SER A 99 1.57 -12.39 11.63
C SER A 99 0.32 -12.34 12.48
N GLY A 100 -0.06 -13.50 13.04
CA GLY A 100 -1.25 -13.57 13.87
C GLY A 100 -0.92 -13.97 15.30
N GLU A 101 -0.04 -13.21 15.95
CA GLU A 101 0.35 -13.49 17.32
C GLU A 101 -0.40 -12.60 18.29
N GLY A 102 -0.41 -12.99 19.56
CA GLY A 102 -1.10 -12.21 20.58
C GLY A 102 -0.84 -10.72 20.45
N ARG A 103 -1.86 -9.98 20.01
CA ARG A 103 -1.73 -8.54 19.85
C ARG A 103 -1.00 -7.92 21.03
N VAL A 104 -0.60 -6.64 20.87
CA VAL A 104 0.11 -5.94 21.92
C VAL A 104 -0.54 -6.18 23.28
N LYS A 105 0.07 -7.05 24.08
CA LYS A 105 -0.45 -7.37 25.40
C LYS A 105 0.01 -6.34 26.42
N SER A 106 1.30 -6.06 26.43
CA SER A 106 1.87 -5.08 27.36
C SER A 106 1.42 -3.67 27.02
N GLY A 107 0.20 -3.33 27.46
CA GLY A 107 -0.33 -2.00 27.19
C GLY A 107 -1.66 -1.77 27.88
N PRO A 108 -1.61 -1.59 29.21
CA PRO A 108 -2.82 -1.35 30.02
C PRO A 108 -3.43 0.02 29.74
N SER A 109 -4.57 0.28 30.38
CA SER A 109 -5.26 1.56 30.21
C SER A 109 -5.60 2.18 31.56
N SER A 110 -6.33 1.43 32.38
CA SER A 110 -6.72 1.91 33.71
C SER A 110 -5.51 2.00 34.63
N GLY A 111 -4.96 3.21 34.77
CA GLY A 111 -3.81 3.40 35.63
C GLY A 111 -3.92 4.67 36.46
N GLY A 1 -0.21 14.03 -30.94
CA GLY A 1 0.13 12.65 -31.20
C GLY A 1 -1.08 11.73 -31.15
N SER A 2 -1.46 11.33 -29.94
CA SER A 2 -2.61 10.45 -29.76
C SER A 2 -3.42 10.86 -28.53
N SER A 3 -4.60 10.27 -28.38
CA SER A 3 -5.48 10.58 -27.27
C SER A 3 -5.92 9.30 -26.55
N GLY A 4 -5.21 8.94 -25.49
CA GLY A 4 -5.54 7.75 -24.74
C GLY A 4 -5.78 8.03 -23.27
N SER A 5 -4.90 7.51 -22.42
CA SER A 5 -5.03 7.72 -20.99
C SER A 5 -4.65 9.14 -20.60
N SER A 6 -5.10 9.56 -19.41
CA SER A 6 -4.82 10.91 -18.93
C SER A 6 -3.36 11.04 -18.49
N GLY A 7 -2.57 11.74 -19.29
CA GLY A 7 -1.16 11.93 -18.97
C GLY A 7 -0.42 10.61 -18.84
N ILE A 8 0.90 10.68 -18.84
CA ILE A 8 1.73 9.48 -18.73
C ILE A 8 2.73 9.61 -17.59
N GLY A 9 3.15 8.47 -17.05
CA GLY A 9 4.11 8.48 -15.96
C GLY A 9 5.12 7.35 -16.06
N ASP A 10 5.95 7.21 -15.04
CA ASP A 10 6.97 6.17 -15.02
C ASP A 10 6.94 5.39 -13.70
N ALA A 11 6.19 4.30 -13.69
CA ALA A 11 6.08 3.47 -12.48
C ALA A 11 7.45 3.22 -11.86
N ARG A 12 8.45 3.00 -12.71
CA ARG A 12 9.81 2.75 -12.23
C ARG A 12 10.32 3.91 -11.40
N ARG A 13 9.91 5.13 -11.78
CA ARG A 13 10.34 6.32 -11.07
C ARG A 13 9.60 6.46 -9.74
N ALA A 14 8.36 5.97 -9.70
CA ALA A 14 7.55 6.04 -8.49
C ALA A 14 8.25 5.34 -7.32
N LYS A 15 7.94 5.76 -6.11
CA LYS A 15 8.53 5.18 -4.91
C LYS A 15 7.46 4.76 -3.93
N VAL A 16 7.71 3.68 -3.21
CA VAL A 16 6.76 3.16 -2.22
C VAL A 16 7.46 2.82 -0.91
N TYR A 17 6.98 3.39 0.18
CA TYR A 17 7.56 3.15 1.50
C TYR A 17 6.49 3.19 2.58
N GLY A 18 6.66 2.36 3.60
CA GLY A 18 5.70 2.31 4.69
C GLY A 18 5.89 1.10 5.58
N ARG A 19 4.80 0.59 6.14
CA ARG A 19 4.85 -0.57 7.01
C ARG A 19 3.98 -1.69 6.47
N GLY A 20 2.93 -1.33 5.74
CA GLY A 20 2.03 -2.32 5.18
C GLY A 20 2.48 -2.80 3.81
N LEU A 21 3.77 -2.63 3.52
CA LEU A 21 4.33 -3.05 2.24
C LEU A 21 5.28 -4.22 2.42
N SER A 22 5.97 -4.24 3.56
CA SER A 22 6.93 -5.30 3.86
C SER A 22 6.34 -6.31 4.85
N GLU A 23 6.03 -5.83 6.05
CA GLU A 23 5.46 -6.66 7.09
C GLU A 23 4.05 -6.22 7.45
N GLY A 24 3.43 -6.92 8.41
CA GLY A 24 2.09 -6.57 8.83
C GLY A 24 1.61 -7.43 9.97
N ARG A 25 0.42 -7.11 10.49
CA ARG A 25 -0.15 -7.86 11.60
C ARG A 25 -1.68 -7.90 11.49
N THR A 26 -2.28 -8.94 12.08
CA THR A 26 -3.73 -9.09 12.05
C THR A 26 -4.40 -8.11 13.01
N PHE A 27 -5.55 -7.58 12.58
CA PHE A 27 -6.29 -6.63 13.41
C PHE A 27 -5.45 -5.40 13.70
N GLU A 28 -4.68 -4.95 12.71
CA GLU A 28 -3.83 -3.79 12.87
C GLU A 28 -3.81 -2.95 11.60
N MET A 29 -4.32 -1.73 11.70
CA MET A 29 -4.37 -0.82 10.54
C MET A 29 -2.97 -0.62 9.97
N SER A 30 -2.75 -1.17 8.78
CA SER A 30 -1.46 -1.06 8.10
C SER A 30 -1.56 -0.19 6.87
N ASP A 31 -0.93 0.98 6.90
CA ASP A 31 -0.94 1.90 5.78
C ASP A 31 0.47 2.15 5.26
N PHE A 32 0.56 2.91 4.17
CA PHE A 32 1.85 3.23 3.57
C PHE A 32 1.74 4.43 2.63
N ILE A 33 2.87 5.06 2.35
CA ILE A 33 2.90 6.22 1.48
C ILE A 33 3.21 5.81 0.04
N VAL A 34 2.69 6.58 -0.92
CA VAL A 34 2.91 6.30 -2.33
C VAL A 34 3.45 7.53 -3.05
N ASP A 35 4.71 7.47 -3.44
CA ASP A 35 5.34 8.59 -4.15
C ASP A 35 5.16 8.45 -5.65
N THR A 36 4.34 9.35 -6.22
CA THR A 36 4.08 9.33 -7.66
C THR A 36 4.23 10.71 -8.26
N ARG A 37 4.82 11.62 -7.50
CA ARG A 37 5.02 12.99 -7.96
C ARG A 37 6.25 13.09 -8.86
N ASP A 38 7.30 12.36 -8.50
CA ASP A 38 8.54 12.35 -9.28
C ASP A 38 8.43 11.40 -10.47
N ALA A 39 7.40 10.56 -10.45
CA ALA A 39 7.18 9.59 -11.52
C ALA A 39 6.65 10.28 -12.77
N GLY A 40 5.68 11.17 -12.59
CA GLY A 40 5.10 11.88 -13.72
C GLY A 40 3.60 12.09 -13.56
N TYR A 41 2.82 11.38 -14.36
CA TYR A 41 1.37 11.48 -14.32
C TYR A 41 0.71 10.13 -14.51
N GLY A 42 -0.57 10.04 -14.18
CA GLY A 42 -1.30 8.79 -14.33
C GLY A 42 -2.05 8.41 -13.07
N GLY A 43 -2.93 7.41 -13.19
CA GLY A 43 -3.70 6.97 -12.05
C GLY A 43 -3.09 5.77 -11.36
N ILE A 44 -3.47 5.55 -10.11
CA ILE A 44 -2.95 4.43 -9.34
C ILE A 44 -4.03 3.38 -9.09
N SER A 45 -3.70 2.11 -9.30
CA SER A 45 -4.63 1.02 -9.10
C SER A 45 -4.18 0.10 -7.97
N LEU A 46 -4.91 0.13 -6.87
CA LEU A 46 -4.58 -0.70 -5.70
C LEU A 46 -5.54 -1.88 -5.59
N ALA A 47 -4.99 -3.05 -5.28
CA ALA A 47 -5.80 -4.26 -5.14
C ALA A 47 -5.05 -5.32 -4.33
N VAL A 48 -5.54 -5.60 -3.13
CA VAL A 48 -4.92 -6.58 -2.26
C VAL A 48 -5.57 -7.95 -2.44
N GLU A 49 -4.75 -8.96 -2.74
CA GLU A 49 -5.25 -10.32 -2.94
C GLU A 49 -4.67 -11.27 -1.90
N GLY A 50 -5.39 -11.45 -0.80
CA GLY A 50 -4.93 -12.33 0.25
C GLY A 50 -5.94 -13.39 0.62
N PRO A 51 -5.75 -14.05 1.77
CA PRO A 51 -6.65 -15.10 2.25
C PRO A 51 -8.00 -14.55 2.69
N SER A 52 -8.15 -13.23 2.61
CA SER A 52 -9.39 -12.58 3.00
C SER A 52 -9.41 -11.12 2.55
N LYS A 53 -10.56 -10.67 2.07
CA LYS A 53 -10.71 -9.30 1.61
C LYS A 53 -10.30 -8.30 2.69
N VAL A 54 -9.68 -7.21 2.28
CA VAL A 54 -9.23 -6.19 3.22
C VAL A 54 -9.55 -4.79 2.69
N ASP A 55 -10.50 -4.13 3.34
CA ASP A 55 -10.89 -2.78 2.94
C ASP A 55 -9.67 -1.92 2.64
N ILE A 56 -9.81 -1.00 1.69
CA ILE A 56 -8.72 -0.12 1.31
C ILE A 56 -9.18 1.33 1.24
N GLN A 57 -8.69 2.15 2.17
CA GLN A 57 -9.06 3.56 2.21
C GLN A 57 -7.90 4.44 1.75
N THR A 58 -8.15 5.29 0.77
CA THR A 58 -7.13 6.18 0.24
C THR A 58 -7.55 7.64 0.40
N GLU A 59 -6.55 8.52 0.45
CA GLU A 59 -6.80 9.95 0.60
C GLU A 59 -5.59 10.77 0.18
N ASP A 60 -5.84 11.94 -0.41
CA ASP A 60 -4.77 12.81 -0.86
C ASP A 60 -4.14 13.55 0.32
N LEU A 61 -2.83 13.39 0.49
CA LEU A 61 -2.11 14.04 1.57
C LEU A 61 -1.64 15.43 1.17
N GLU A 62 -0.99 16.12 2.09
CA GLU A 62 -0.49 17.46 1.82
C GLU A 62 0.74 17.41 0.92
N ASP A 63 1.54 16.37 1.09
CA ASP A 63 2.76 16.20 0.30
C ASP A 63 2.42 15.89 -1.15
N GLY A 64 1.16 15.53 -1.41
CA GLY A 64 0.74 15.21 -2.75
C GLY A 64 0.89 13.74 -3.07
N THR A 65 0.83 12.90 -2.03
CA THR A 65 0.97 11.46 -2.21
C THR A 65 -0.31 10.72 -1.79
N CYS A 66 -0.36 9.43 -2.07
CA CYS A 66 -1.52 8.62 -1.73
C CYS A 66 -1.20 7.65 -0.60
N LYS A 67 -1.92 7.77 0.50
CA LYS A 67 -1.71 6.90 1.66
C LYS A 67 -2.79 5.84 1.76
N VAL A 68 -2.44 4.61 1.43
CA VAL A 68 -3.38 3.50 1.48
C VAL A 68 -3.51 2.94 2.89
N SER A 69 -4.71 2.49 3.23
CA SER A 69 -4.97 1.94 4.56
C SER A 69 -5.87 0.72 4.47
N TYR A 70 -5.49 -0.36 5.17
CA TYR A 70 -6.26 -1.59 5.16
C TYR A 70 -6.22 -2.26 6.55
N PHE A 71 -7.26 -3.03 6.85
CA PHE A 71 -7.35 -3.72 8.13
C PHE A 71 -7.48 -5.23 7.92
N PRO A 72 -6.36 -5.94 8.06
CA PRO A 72 -6.31 -7.40 7.89
C PRO A 72 -7.03 -8.13 9.02
N THR A 73 -7.70 -9.23 8.67
CA THR A 73 -8.42 -10.02 9.65
C THR A 73 -7.94 -11.47 9.67
N VAL A 74 -7.32 -11.89 8.57
CA VAL A 74 -6.80 -13.25 8.45
C VAL A 74 -5.32 -13.25 8.10
N PRO A 75 -4.52 -13.96 8.92
CA PRO A 75 -3.07 -14.05 8.72
C PRO A 75 -2.71 -14.88 7.49
N GLY A 76 -1.64 -14.47 6.80
CA GLY A 76 -1.21 -15.18 5.61
C GLY A 76 -0.36 -14.31 4.70
N VAL A 77 -0.45 -14.56 3.40
CA VAL A 77 0.32 -13.80 2.42
C VAL A 77 -0.58 -12.91 1.58
N TYR A 78 -0.47 -11.60 1.78
CA TYR A 78 -1.28 -10.64 1.04
C TYR A 78 -0.50 -10.05 -0.12
N ILE A 79 -1.10 -10.06 -1.31
CA ILE A 79 -0.45 -9.52 -2.50
C ILE A 79 -1.01 -8.14 -2.83
N VAL A 80 -0.22 -7.11 -2.52
CA VAL A 80 -0.62 -5.73 -2.79
C VAL A 80 -0.23 -5.31 -4.21
N SER A 81 -1.20 -5.30 -5.10
CA SER A 81 -0.96 -4.92 -6.49
C SER A 81 -0.91 -3.40 -6.63
N THR A 82 0.30 -2.86 -6.71
CA THR A 82 0.49 -1.42 -6.85
C THR A 82 0.82 -1.05 -8.28
N LYS A 83 -0.14 -0.42 -8.97
CA LYS A 83 0.05 0.00 -10.34
C LYS A 83 -0.02 1.51 -10.47
N PHE A 84 0.69 2.06 -11.46
CA PHE A 84 0.72 3.49 -11.69
C PHE A 84 0.83 3.80 -13.18
N ALA A 85 -0.27 4.24 -13.77
CA ALA A 85 -0.30 4.58 -15.20
C ALA A 85 -0.19 3.33 -16.06
N ASP A 86 -0.91 2.28 -15.68
CA ASP A 86 -0.88 1.02 -16.41
C ASP A 86 0.50 0.39 -16.37
N GLU A 87 1.14 0.45 -15.20
CA GLU A 87 2.47 -0.11 -15.02
C GLU A 87 2.73 -0.43 -13.56
N HIS A 88 2.97 -1.70 -13.27
CA HIS A 88 3.24 -2.15 -11.91
C HIS A 88 4.60 -1.64 -11.43
N VAL A 89 4.63 -1.09 -10.21
CA VAL A 89 5.86 -0.57 -9.64
C VAL A 89 7.00 -1.56 -9.81
N PRO A 90 8.25 -1.04 -9.79
CA PRO A 90 9.45 -1.86 -9.94
C PRO A 90 9.71 -2.75 -8.73
N GLY A 91 9.07 -3.92 -8.72
CA GLY A 91 9.24 -4.84 -7.61
C GLY A 91 7.94 -5.51 -7.21
N SER A 92 6.86 -5.16 -7.91
CA SER A 92 5.55 -5.72 -7.61
C SER A 92 5.39 -7.10 -8.26
N PRO A 93 4.42 -7.88 -7.77
CA PRO A 93 3.54 -7.46 -6.67
C PRO A 93 4.28 -7.37 -5.34
N PHE A 94 3.58 -6.93 -4.30
CA PHE A 94 4.16 -6.79 -2.98
C PHE A 94 3.65 -7.89 -2.05
N THR A 95 4.56 -8.77 -1.63
CA THR A 95 4.20 -9.87 -0.74
C THR A 95 4.32 -9.46 0.73
N VAL A 96 3.18 -9.14 1.34
CA VAL A 96 3.16 -8.74 2.74
C VAL A 96 2.76 -9.89 3.64
N LYS A 97 3.71 -10.37 4.43
CA LYS A 97 3.46 -11.48 5.36
C LYS A 97 2.90 -10.96 6.68
N ILE A 98 1.73 -11.47 7.05
CA ILE A 98 1.10 -11.06 8.31
C ILE A 98 1.32 -12.11 9.40
N SER A 99 1.75 -11.65 10.57
CA SER A 99 2.02 -12.54 11.69
C SER A 99 0.77 -13.33 12.05
N GLY A 100 -0.22 -12.66 12.65
CA GLY A 100 -1.46 -13.31 13.04
C GLY A 100 -1.62 -13.40 14.53
N GLU A 101 -0.49 -13.45 15.25
CA GLU A 101 -0.51 -13.54 16.71
C GLU A 101 -1.20 -12.31 17.31
N GLY A 102 -0.83 -11.14 16.83
CA GLY A 102 -1.41 -9.90 17.33
C GLY A 102 -0.81 -9.48 18.66
N ARG A 103 -0.82 -8.18 18.92
CA ARG A 103 -0.27 -7.64 20.16
C ARG A 103 -1.27 -7.78 21.31
N VAL A 104 -0.81 -8.32 22.43
CA VAL A 104 -1.66 -8.50 23.60
C VAL A 104 -1.75 -7.22 24.42
N LYS A 105 -2.98 -6.82 24.75
CA LYS A 105 -3.20 -5.62 25.54
C LYS A 105 -2.17 -5.50 26.66
N SER A 106 -2.01 -4.29 27.18
CA SER A 106 -1.06 -4.04 28.25
C SER A 106 -1.51 -4.71 29.54
N GLY A 107 -2.79 -4.58 29.86
CA GLY A 107 -3.32 -5.18 31.07
C GLY A 107 -4.24 -4.24 31.83
N PRO A 108 -5.51 -4.16 31.39
CA PRO A 108 -6.50 -3.30 32.02
C PRO A 108 -6.92 -3.79 33.40
N SER A 109 -7.44 -2.88 34.22
CA SER A 109 -7.88 -3.24 35.57
C SER A 109 -9.25 -2.67 35.86
N SER A 110 -10.19 -3.54 36.19
CA SER A 110 -11.56 -3.12 36.49
C SER A 110 -11.68 -2.67 37.95
N GLY A 111 -11.03 -3.41 38.85
CA GLY A 111 -11.07 -3.07 40.25
C GLY A 111 -10.50 -1.70 40.54
N GLY A 1 18.75 23.10 -17.67
CA GLY A 1 18.25 22.16 -18.66
C GLY A 1 16.79 22.39 -19.00
N SER A 2 16.20 21.48 -19.76
CA SER A 2 14.81 21.59 -20.16
C SER A 2 13.95 20.61 -19.36
N SER A 3 12.63 20.83 -19.40
CA SER A 3 11.69 19.97 -18.68
C SER A 3 10.25 20.34 -19.02
N GLY A 4 9.32 19.50 -18.59
CA GLY A 4 7.92 19.76 -18.85
C GLY A 4 7.20 18.53 -19.37
N SER A 5 6.89 17.60 -18.47
CA SER A 5 6.19 16.37 -18.84
C SER A 5 4.86 16.68 -19.53
N SER A 6 4.23 15.65 -20.07
CA SER A 6 2.96 15.81 -20.75
C SER A 6 2.17 14.49 -20.76
N GLY A 7 1.05 14.48 -20.03
CA GLY A 7 0.23 13.29 -19.96
C GLY A 7 0.54 12.45 -18.74
N ILE A 8 1.18 11.30 -18.96
CA ILE A 8 1.53 10.40 -17.87
C ILE A 8 3.03 10.36 -17.66
N GLY A 9 3.46 9.64 -16.62
CA GLY A 9 4.88 9.54 -16.33
C GLY A 9 5.40 8.12 -16.50
N ASP A 10 6.11 7.63 -15.49
CA ASP A 10 6.67 6.27 -15.54
C ASP A 10 6.64 5.63 -14.16
N ALA A 11 5.94 4.52 -14.04
CA ALA A 11 5.84 3.80 -12.77
C ALA A 11 7.22 3.55 -12.18
N ARG A 12 8.15 3.11 -13.02
CA ARG A 12 9.51 2.83 -12.57
C ARG A 12 10.01 3.93 -11.65
N ARG A 13 9.58 5.15 -11.90
CA ARG A 13 10.00 6.30 -11.09
C ARG A 13 9.26 6.30 -9.75
N ALA A 14 8.01 5.87 -9.76
CA ALA A 14 7.21 5.83 -8.54
C ALA A 14 7.94 5.07 -7.43
N LYS A 15 7.82 5.57 -6.21
CA LYS A 15 8.46 4.94 -5.06
C LYS A 15 7.44 4.60 -3.98
N VAL A 16 7.66 3.48 -3.30
CA VAL A 16 6.76 3.04 -2.24
C VAL A 16 7.54 2.62 -1.00
N TYR A 17 7.12 3.12 0.15
CA TYR A 17 7.78 2.81 1.41
C TYR A 17 6.77 2.78 2.57
N GLY A 18 6.88 1.76 3.41
CA GLY A 18 5.97 1.63 4.54
C GLY A 18 5.90 0.21 5.06
N ARG A 19 5.61 0.07 6.36
CA ARG A 19 5.51 -1.23 6.99
C ARG A 19 4.41 -2.07 6.35
N GLY A 20 3.29 -1.41 6.03
CA GLY A 20 2.18 -2.10 5.42
C GLY A 20 2.55 -2.74 4.10
N LEU A 21 3.74 -2.44 3.61
CA LEU A 21 4.22 -2.99 2.34
C LEU A 21 5.26 -4.08 2.57
N SER A 22 5.91 -4.04 3.74
CA SER A 22 6.93 -5.02 4.08
C SER A 22 6.36 -6.09 5.00
N GLU A 23 5.89 -5.67 6.17
CA GLU A 23 5.32 -6.60 7.14
C GLU A 23 3.92 -6.17 7.55
N GLY A 24 3.31 -6.93 8.45
CA GLY A 24 1.97 -6.62 8.91
C GLY A 24 1.44 -7.62 9.91
N ARG A 25 0.30 -7.31 10.51
CA ARG A 25 -0.30 -8.20 11.50
C ARG A 25 -1.83 -8.15 11.41
N THR A 26 -2.47 -9.23 11.88
CA THR A 26 -3.92 -9.32 11.83
C THR A 26 -4.56 -8.29 12.77
N PHE A 27 -5.75 -7.81 12.40
CA PHE A 27 -6.46 -6.83 13.19
C PHE A 27 -5.56 -5.63 13.50
N GLU A 28 -4.79 -5.20 12.51
CA GLU A 28 -3.89 -4.07 12.67
C GLU A 28 -3.87 -3.20 11.42
N MET A 29 -4.33 -1.97 11.54
CA MET A 29 -4.37 -1.04 10.41
C MET A 29 -2.96 -0.76 9.90
N SER A 30 -2.64 -1.31 8.73
CA SER A 30 -1.32 -1.12 8.14
C SER A 30 -1.40 -0.21 6.90
N ASP A 31 -0.85 0.98 7.03
CA ASP A 31 -0.86 1.94 5.92
C ASP A 31 0.56 2.22 5.43
N PHE A 32 0.66 2.70 4.20
CA PHE A 32 1.97 3.00 3.61
C PHE A 32 1.89 4.27 2.76
N ILE A 33 3.06 4.81 2.41
CA ILE A 33 3.12 6.02 1.59
C ILE A 33 3.42 5.68 0.13
N VAL A 34 2.87 6.49 -0.77
CA VAL A 34 3.07 6.28 -2.20
C VAL A 34 3.64 7.53 -2.86
N ASP A 35 4.91 7.48 -3.21
CA ASP A 35 5.57 8.62 -3.86
C ASP A 35 5.38 8.56 -5.37
N THR A 36 4.58 9.49 -5.89
CA THR A 36 4.32 9.54 -7.32
C THR A 36 4.47 10.97 -7.86
N ARG A 37 5.34 11.73 -7.22
CA ARG A 37 5.57 13.12 -7.63
C ARG A 37 6.66 13.20 -8.69
N ASP A 38 7.79 12.53 -8.43
CA ASP A 38 8.91 12.53 -9.37
C ASP A 38 8.67 11.51 -10.47
N ALA A 39 7.47 10.96 -10.53
CA ALA A 39 7.11 9.98 -11.55
C ALA A 39 6.28 10.61 -12.66
N GLY A 40 5.25 11.34 -12.27
CA GLY A 40 4.39 12.00 -13.24
C GLY A 40 2.92 11.85 -12.91
N TYR A 41 2.18 11.16 -13.77
CA TYR A 41 0.75 10.95 -13.56
C TYR A 41 0.32 9.59 -14.07
N GLY A 42 -0.94 9.24 -13.82
CA GLY A 42 -1.47 7.96 -14.27
C GLY A 42 -2.40 7.33 -13.25
N GLY A 43 -3.32 6.50 -13.73
CA GLY A 43 -4.26 5.84 -12.84
C GLY A 43 -3.59 4.80 -11.97
N ILE A 44 -3.64 5.02 -10.66
CA ILE A 44 -3.03 4.09 -9.70
C ILE A 44 -4.03 3.02 -9.27
N SER A 45 -3.64 1.75 -9.42
CA SER A 45 -4.49 0.64 -9.06
C SER A 45 -4.01 -0.03 -7.77
N LEU A 46 -4.80 0.07 -6.71
CA LEU A 46 -4.46 -0.51 -5.43
C LEU A 46 -5.48 -1.57 -5.02
N ALA A 47 -5.00 -2.80 -4.82
CA ALA A 47 -5.87 -3.89 -4.41
C ALA A 47 -5.08 -4.99 -3.72
N VAL A 48 -5.28 -5.13 -2.41
CA VAL A 48 -4.57 -6.15 -1.63
C VAL A 48 -5.35 -7.46 -1.62
N GLU A 49 -4.79 -8.48 -2.25
CA GLU A 49 -5.43 -9.80 -2.31
C GLU A 49 -4.74 -10.78 -1.37
N GLY A 50 -5.38 -11.05 -0.24
CA GLY A 50 -4.81 -11.97 0.72
C GLY A 50 -5.79 -13.07 1.13
N PRO A 51 -5.55 -13.67 2.30
CA PRO A 51 -6.41 -14.75 2.82
C PRO A 51 -7.78 -14.23 3.24
N SER A 52 -8.01 -12.94 3.05
CA SER A 52 -9.29 -12.33 3.41
C SER A 52 -9.53 -11.06 2.61
N LYS A 53 -10.67 -10.42 2.85
CA LYS A 53 -11.01 -9.19 2.16
C LYS A 53 -10.68 -7.97 3.00
N VAL A 54 -9.77 -7.13 2.51
CA VAL A 54 -9.36 -5.93 3.22
C VAL A 54 -9.83 -4.68 2.50
N ASP A 55 -10.61 -3.86 3.19
CA ASP A 55 -11.12 -2.62 2.62
C ASP A 55 -10.00 -1.61 2.40
N ILE A 56 -9.63 -1.40 1.15
CA ILE A 56 -8.57 -0.45 0.81
C ILE A 56 -9.08 0.99 0.86
N GLN A 57 -8.57 1.75 1.82
CA GLN A 57 -8.97 3.15 1.97
C GLN A 57 -7.88 4.08 1.47
N THR A 58 -8.26 5.01 0.59
CA THR A 58 -7.31 5.96 0.03
C THR A 58 -7.63 7.39 0.49
N GLU A 59 -6.62 8.25 0.49
CA GLU A 59 -6.79 9.63 0.90
C GLU A 59 -5.65 10.50 0.37
N ASP A 60 -6.00 11.56 -0.34
CA ASP A 60 -5.02 12.47 -0.91
C ASP A 60 -4.41 13.35 0.19
N LEU A 61 -3.09 13.40 0.24
CA LEU A 61 -2.39 14.20 1.24
C LEU A 61 -1.96 15.53 0.65
N GLU A 62 -1.30 16.36 1.47
CA GLU A 62 -0.84 17.67 1.03
C GLU A 62 0.50 17.55 0.31
N ASP A 63 1.30 16.57 0.71
CA ASP A 63 2.60 16.35 0.10
C ASP A 63 2.47 15.85 -1.34
N GLY A 64 1.30 15.29 -1.65
CA GLY A 64 1.06 14.79 -2.99
C GLY A 64 1.27 13.29 -3.09
N THR A 65 0.94 12.58 -2.02
CA THR A 65 1.09 11.12 -1.98
C THR A 65 -0.22 10.43 -1.64
N CYS A 66 -0.27 9.12 -1.83
CA CYS A 66 -1.48 8.35 -1.53
C CYS A 66 -1.25 7.42 -0.34
N LYS A 67 -1.84 7.78 0.80
CA LYS A 67 -1.69 6.99 2.01
C LYS A 67 -2.74 5.87 2.05
N VAL A 68 -2.36 4.70 1.54
CA VAL A 68 -3.26 3.55 1.52
C VAL A 68 -3.42 2.95 2.91
N SER A 69 -4.65 2.56 3.24
CA SER A 69 -4.94 1.97 4.55
C SER A 69 -5.80 0.72 4.41
N TYR A 70 -5.36 -0.36 5.04
CA TYR A 70 -6.10 -1.62 4.98
C TYR A 70 -6.09 -2.32 6.34
N PHE A 71 -7.21 -2.95 6.67
CA PHE A 71 -7.33 -3.65 7.95
C PHE A 71 -7.51 -5.14 7.72
N PRO A 72 -6.42 -5.91 7.91
CA PRO A 72 -6.44 -7.37 7.73
C PRO A 72 -7.24 -8.08 8.81
N THR A 73 -7.65 -9.31 8.53
CA THR A 73 -8.43 -10.09 9.48
C THR A 73 -7.84 -11.49 9.64
N VAL A 74 -7.46 -12.09 8.53
CA VAL A 74 -6.88 -13.43 8.55
C VAL A 74 -5.40 -13.40 8.20
N PRO A 75 -4.59 -14.16 8.97
CA PRO A 75 -3.14 -14.23 8.76
C PRO A 75 -2.77 -14.97 7.48
N GLY A 76 -1.69 -14.53 6.83
CA GLY A 76 -1.26 -15.16 5.60
C GLY A 76 -0.42 -14.23 4.75
N VAL A 77 -0.54 -14.37 3.43
CA VAL A 77 0.22 -13.54 2.50
C VAL A 77 -0.71 -12.64 1.70
N TYR A 78 -0.55 -11.33 1.89
CA TYR A 78 -1.38 -10.36 1.18
C TYR A 78 -0.63 -9.78 -0.02
N ILE A 79 -1.15 -10.04 -1.23
CA ILE A 79 -0.54 -9.55 -2.45
C ILE A 79 -1.02 -8.14 -2.77
N VAL A 80 -0.18 -7.15 -2.51
CA VAL A 80 -0.52 -5.75 -2.79
C VAL A 80 -0.19 -5.38 -4.22
N SER A 81 -1.21 -5.37 -5.08
CA SER A 81 -1.04 -5.04 -6.48
C SER A 81 -0.97 -3.52 -6.67
N THR A 82 0.25 -3.00 -6.76
CA THR A 82 0.45 -1.56 -6.94
C THR A 82 0.79 -1.24 -8.39
N LYS A 83 -0.13 -0.56 -9.07
CA LYS A 83 0.07 -0.18 -10.46
C LYS A 83 0.01 1.33 -10.64
N PHE A 84 0.76 1.84 -11.60
CA PHE A 84 0.79 3.28 -11.86
C PHE A 84 0.91 3.56 -13.36
N ALA A 85 -0.14 4.12 -13.94
CA ALA A 85 -0.15 4.44 -15.37
C ALA A 85 -0.07 3.17 -16.21
N ASP A 86 -0.86 2.17 -15.83
CA ASP A 86 -0.87 0.90 -16.56
C ASP A 86 0.49 0.22 -16.51
N GLU A 87 1.15 0.31 -15.36
CA GLU A 87 2.46 -0.30 -15.18
C GLU A 87 2.72 -0.61 -13.71
N HIS A 88 2.96 -1.89 -13.41
CA HIS A 88 3.22 -2.31 -12.04
C HIS A 88 4.53 -1.72 -11.53
N VAL A 89 4.50 -1.13 -10.35
CA VAL A 89 5.69 -0.53 -9.75
C VAL A 89 6.90 -1.44 -9.91
N PRO A 90 8.10 -0.83 -9.87
CA PRO A 90 9.36 -1.56 -10.00
C PRO A 90 9.66 -2.44 -8.80
N GLY A 91 9.16 -3.67 -8.84
CA GLY A 91 9.39 -4.60 -7.74
C GLY A 91 8.11 -5.28 -7.29
N SER A 92 7.05 -5.13 -8.08
CA SER A 92 5.77 -5.73 -7.75
C SER A 92 5.65 -7.13 -8.37
N PRO A 93 4.69 -7.92 -7.86
CA PRO A 93 3.82 -7.50 -6.76
C PRO A 93 4.57 -7.37 -5.43
N PHE A 94 3.84 -7.00 -4.39
CA PHE A 94 4.43 -6.84 -3.06
C PHE A 94 3.94 -7.92 -2.11
N THR A 95 4.85 -8.77 -1.65
CA THR A 95 4.51 -9.85 -0.74
C THR A 95 4.62 -9.39 0.72
N VAL A 96 3.48 -9.28 1.39
CA VAL A 96 3.45 -8.86 2.79
C VAL A 96 3.05 -10.01 3.71
N LYS A 97 3.99 -10.43 4.55
CA LYS A 97 3.74 -11.53 5.48
C LYS A 97 3.02 -11.02 6.74
N ILE A 98 1.78 -11.47 6.91
CA ILE A 98 0.99 -11.06 8.07
C ILE A 98 1.05 -12.11 9.17
N SER A 99 1.40 -11.67 10.38
CA SER A 99 1.50 -12.58 11.52
C SER A 99 0.20 -12.59 12.31
N GLY A 100 -0.31 -13.79 12.58
CA GLY A 100 -1.54 -13.92 13.33
C GLY A 100 -1.30 -14.26 14.78
N GLU A 101 -0.52 -13.42 15.47
CA GLU A 101 -0.21 -13.65 16.88
C GLU A 101 -0.48 -12.38 17.70
N GLY A 102 0.15 -11.28 17.29
CA GLY A 102 -0.03 -10.03 18.00
C GLY A 102 -1.33 -9.34 17.64
N ARG A 103 -2.45 -9.89 18.09
CA ARG A 103 -3.75 -9.32 17.80
C ARG A 103 -4.30 -8.57 19.01
N VAL A 104 -5.30 -7.72 18.78
CA VAL A 104 -5.90 -6.94 19.85
C VAL A 104 -6.72 -7.83 20.79
N LYS A 105 -6.69 -7.50 22.07
CA LYS A 105 -7.42 -8.28 23.07
C LYS A 105 -8.75 -7.59 23.42
N SER A 106 -9.85 -8.17 22.95
CA SER A 106 -11.17 -7.61 23.21
C SER A 106 -12.25 -8.67 23.05
N GLY A 107 -13.15 -8.75 24.02
CA GLY A 107 -14.21 -9.73 23.97
C GLY A 107 -15.05 -9.74 25.23
N PRO A 108 -16.10 -8.90 25.26
CA PRO A 108 -17.00 -8.80 26.41
C PRO A 108 -17.87 -10.05 26.58
N SER A 109 -17.64 -11.05 25.74
CA SER A 109 -18.40 -12.29 25.79
C SER A 109 -17.76 -13.27 26.76
N SER A 110 -18.47 -13.60 27.83
CA SER A 110 -17.97 -14.52 28.84
C SER A 110 -18.90 -15.72 28.98
N GLY A 111 -18.42 -16.89 28.53
CA GLY A 111 -19.23 -18.09 28.63
C GLY A 111 -19.36 -18.80 27.29
N GLY A 1 3.29 31.66 -13.25
CA GLY A 1 2.77 30.52 -13.98
C GLY A 1 3.01 29.20 -13.27
N SER A 2 2.42 28.13 -13.78
CA SER A 2 2.58 26.81 -13.19
C SER A 2 2.77 25.74 -14.26
N SER A 3 3.20 24.56 -13.84
CA SER A 3 3.43 23.46 -14.77
C SER A 3 2.35 22.38 -14.61
N GLY A 4 2.12 21.64 -15.68
CA GLY A 4 1.11 20.59 -15.66
C GLY A 4 0.89 19.95 -17.01
N SER A 5 1.02 18.63 -17.07
CA SER A 5 0.84 17.90 -18.33
C SER A 5 -0.55 17.26 -18.38
N SER A 6 -0.87 16.67 -19.52
CA SER A 6 -2.16 16.02 -19.71
C SER A 6 -2.46 15.07 -18.55
N GLY A 7 -1.55 14.12 -18.32
CA GLY A 7 -1.74 13.17 -17.24
C GLY A 7 -0.92 11.90 -17.44
N ILE A 8 0.38 12.06 -17.58
CA ILE A 8 1.27 10.93 -17.78
C ILE A 8 2.32 10.85 -16.68
N GLY A 9 2.77 9.63 -16.38
CA GLY A 9 3.77 9.46 -15.34
C GLY A 9 4.69 8.27 -15.63
N ASP A 10 5.61 8.01 -14.72
CA ASP A 10 6.55 6.90 -14.87
C ASP A 10 6.55 6.02 -13.63
N ALA A 11 5.76 4.95 -13.67
CA ALA A 11 5.68 4.02 -12.55
C ALA A 11 7.07 3.59 -12.08
N ARG A 12 8.01 3.56 -13.01
CA ARG A 12 9.39 3.16 -12.69
C ARG A 12 9.96 4.05 -11.59
N ARG A 13 9.72 5.36 -11.71
CA ARG A 13 10.22 6.31 -10.73
C ARG A 13 9.43 6.21 -9.41
N ALA A 14 8.16 5.86 -9.53
CA ALA A 14 7.30 5.73 -8.36
C ALA A 14 7.99 4.91 -7.26
N LYS A 15 7.76 5.29 -6.01
CA LYS A 15 8.35 4.59 -4.88
C LYS A 15 7.30 4.27 -3.82
N VAL A 16 7.51 3.18 -3.10
CA VAL A 16 6.58 2.77 -2.05
C VAL A 16 7.33 2.35 -0.78
N TYR A 17 7.04 3.05 0.31
CA TYR A 17 7.68 2.75 1.59
C TYR A 17 6.67 2.79 2.73
N GLY A 18 6.67 1.74 3.55
CA GLY A 18 5.74 1.67 4.67
C GLY A 18 5.71 0.29 5.30
N ARG A 19 5.36 0.23 6.58
CA ARG A 19 5.29 -1.03 7.30
C ARG A 19 4.35 -2.01 6.59
N GLY A 20 3.18 -1.51 6.18
CA GLY A 20 2.22 -2.35 5.50
C GLY A 20 2.77 -2.95 4.23
N LEU A 21 3.94 -2.48 3.81
CA LEU A 21 4.57 -2.98 2.59
C LEU A 21 5.61 -4.04 2.92
N SER A 22 6.15 -3.98 4.13
CA SER A 22 7.16 -4.95 4.57
C SER A 22 6.53 -6.03 5.45
N GLU A 23 5.83 -5.60 6.49
CA GLU A 23 5.18 -6.52 7.41
C GLU A 23 3.78 -6.05 7.78
N GLY A 24 3.12 -6.79 8.65
CA GLY A 24 1.78 -6.43 9.08
C GLY A 24 1.24 -7.35 10.14
N ARG A 25 0.06 -7.02 10.66
CA ARG A 25 -0.57 -7.83 11.70
C ARG A 25 -2.09 -7.81 11.56
N THR A 26 -2.72 -8.94 11.83
CA THR A 26 -4.18 -9.06 11.74
C THR A 26 -4.87 -8.14 12.74
N PHE A 27 -6.07 -7.70 12.40
CA PHE A 27 -6.84 -6.82 13.27
C PHE A 27 -6.05 -5.55 13.58
N GLU A 28 -5.13 -5.19 12.69
CA GLU A 28 -4.31 -4.00 12.88
C GLU A 28 -4.24 -3.19 11.59
N MET A 29 -4.68 -1.93 11.66
CA MET A 29 -4.67 -1.05 10.50
C MET A 29 -3.25 -0.85 9.99
N SER A 30 -2.98 -1.36 8.79
CA SER A 30 -1.66 -1.24 8.19
C SER A 30 -1.72 -0.40 6.92
N ASP A 31 -1.03 0.74 6.94
CA ASP A 31 -0.99 1.64 5.80
C ASP A 31 0.44 1.93 5.38
N PHE A 32 0.59 2.69 4.28
CA PHE A 32 1.91 3.05 3.78
C PHE A 32 1.82 4.23 2.83
N ILE A 33 2.98 4.78 2.47
CA ILE A 33 3.04 5.92 1.57
C ILE A 33 3.39 5.48 0.15
N VAL A 34 2.95 6.26 -0.83
CA VAL A 34 3.23 5.95 -2.23
C VAL A 34 3.79 7.17 -2.96
N ASP A 35 5.10 7.22 -3.09
CA ASP A 35 5.77 8.32 -3.77
C ASP A 35 5.39 8.36 -5.25
N THR A 36 4.61 9.36 -5.63
CA THR A 36 4.17 9.50 -7.02
C THR A 36 4.55 10.86 -7.58
N ARG A 37 4.77 11.82 -6.69
CA ARG A 37 5.15 13.17 -7.09
C ARG A 37 6.33 13.14 -8.07
N ASP A 38 7.30 12.28 -7.78
CA ASP A 38 8.48 12.15 -8.62
C ASP A 38 8.14 11.41 -9.92
N ALA A 39 7.11 10.58 -9.87
CA ALA A 39 6.69 9.81 -11.04
C ALA A 39 6.01 10.71 -12.06
N GLY A 40 4.97 11.43 -11.64
CA GLY A 40 4.26 12.31 -12.54
C GLY A 40 2.76 12.25 -12.34
N TYR A 41 2.07 11.59 -13.27
CA TYR A 41 0.62 11.47 -13.20
C TYR A 41 0.14 10.18 -13.87
N GLY A 42 -1.03 9.70 -13.47
CA GLY A 42 -1.58 8.49 -14.04
C GLY A 42 -2.55 7.79 -13.11
N GLY A 43 -3.35 6.88 -13.67
CA GLY A 43 -4.32 6.17 -12.87
C GLY A 43 -3.67 5.18 -11.93
N ILE A 44 -3.96 5.31 -10.64
CA ILE A 44 -3.41 4.42 -9.64
C ILE A 44 -4.40 3.32 -9.27
N SER A 45 -3.90 2.08 -9.24
CA SER A 45 -4.75 0.94 -8.90
C SER A 45 -4.19 0.17 -7.72
N LEU A 46 -4.89 0.23 -6.60
CA LEU A 46 -4.46 -0.47 -5.39
C LEU A 46 -5.47 -1.54 -4.98
N ALA A 47 -4.97 -2.74 -4.71
CA ALA A 47 -5.83 -3.85 -4.31
C ALA A 47 -5.02 -4.95 -3.63
N VAL A 48 -5.34 -5.22 -2.37
CA VAL A 48 -4.64 -6.26 -1.62
C VAL A 48 -5.42 -7.58 -1.64
N GLU A 49 -4.80 -8.61 -2.22
CA GLU A 49 -5.45 -9.92 -2.31
C GLU A 49 -4.76 -10.91 -1.37
N GLY A 50 -5.47 -11.30 -0.31
CA GLY A 50 -4.91 -12.25 0.63
C GLY A 50 -5.92 -13.28 1.08
N PRO A 51 -5.69 -13.88 2.25
CA PRO A 51 -6.58 -14.91 2.82
C PRO A 51 -7.92 -14.33 3.27
N SER A 52 -8.05 -13.01 3.16
CA SER A 52 -9.28 -12.34 3.57
C SER A 52 -9.42 -11.00 2.86
N LYS A 53 -10.67 -10.58 2.64
CA LYS A 53 -10.94 -9.32 1.97
C LYS A 53 -10.62 -8.13 2.87
N VAL A 54 -9.87 -7.17 2.34
CA VAL A 54 -9.49 -5.99 3.10
C VAL A 54 -9.97 -4.71 2.41
N ASP A 55 -10.48 -3.77 3.20
CA ASP A 55 -10.97 -2.51 2.67
C ASP A 55 -9.83 -1.53 2.43
N ILE A 56 -9.47 -1.35 1.16
CA ILE A 56 -8.39 -0.44 0.81
C ILE A 56 -8.86 1.01 0.81
N GLN A 57 -8.23 1.83 1.66
CA GLN A 57 -8.59 3.23 1.77
C GLN A 57 -7.44 4.12 1.30
N THR A 58 -7.73 5.02 0.37
CA THR A 58 -6.72 5.93 -0.16
C THR A 58 -7.13 7.38 0.05
N GLU A 59 -6.14 8.26 0.09
CA GLU A 59 -6.39 9.69 0.28
C GLU A 59 -5.19 10.52 -0.16
N ASP A 60 -5.46 11.56 -0.95
CA ASP A 60 -4.40 12.43 -1.43
C ASP A 60 -3.80 13.26 -0.29
N LEU A 61 -2.48 13.24 -0.20
CA LEU A 61 -1.77 13.99 0.84
C LEU A 61 -1.29 15.33 0.32
N GLU A 62 -0.60 16.08 1.18
CA GLU A 62 -0.08 17.39 0.81
C GLU A 62 1.25 17.26 0.08
N ASP A 63 2.03 16.25 0.47
CA ASP A 63 3.34 16.02 -0.14
C ASP A 63 3.18 15.56 -1.59
N GLY A 64 1.98 15.10 -1.94
CA GLY A 64 1.73 14.66 -3.29
C GLY A 64 1.84 13.15 -3.43
N THR A 65 1.43 12.43 -2.39
CA THR A 65 1.48 10.98 -2.39
C THR A 65 0.16 10.37 -1.93
N CYS A 66 0.01 9.07 -2.16
CA CYS A 66 -1.22 8.38 -1.77
C CYS A 66 -0.95 7.40 -0.63
N LYS A 67 -1.64 7.60 0.49
CA LYS A 67 -1.48 6.74 1.65
C LYS A 67 -2.54 5.65 1.67
N VAL A 68 -2.12 4.42 1.38
CA VAL A 68 -3.04 3.28 1.37
C VAL A 68 -3.25 2.73 2.78
N SER A 69 -4.47 2.29 3.06
CA SER A 69 -4.81 1.74 4.36
C SER A 69 -5.69 0.50 4.23
N TYR A 70 -5.38 -0.53 5.01
CA TYR A 70 -6.14 -1.77 4.97
C TYR A 70 -6.16 -2.43 6.35
N PHE A 71 -7.25 -3.14 6.65
CA PHE A 71 -7.39 -3.82 7.93
C PHE A 71 -7.56 -5.32 7.73
N PRO A 72 -6.47 -6.07 7.89
CA PRO A 72 -6.47 -7.53 7.72
C PRO A 72 -7.24 -8.23 8.83
N THR A 73 -7.73 -9.43 8.54
CA THR A 73 -8.48 -10.21 9.52
C THR A 73 -7.89 -11.60 9.70
N VAL A 74 -7.37 -12.16 8.61
CA VAL A 74 -6.76 -13.48 8.64
C VAL A 74 -5.29 -13.43 8.25
N PRO A 75 -4.44 -14.10 9.06
CA PRO A 75 -3.00 -14.14 8.82
C PRO A 75 -2.63 -14.95 7.59
N GLY A 76 -1.63 -14.49 6.85
CA GLY A 76 -1.21 -15.19 5.65
C GLY A 76 -0.36 -14.32 4.74
N VAL A 77 -0.50 -14.52 3.43
CA VAL A 77 0.25 -13.76 2.45
C VAL A 77 -0.67 -12.83 1.66
N TYR A 78 -0.51 -11.53 1.88
CA TYR A 78 -1.32 -10.54 1.17
C TYR A 78 -0.57 -9.95 -0.01
N ILE A 79 -1.22 -9.98 -1.18
CA ILE A 79 -0.62 -9.45 -2.40
C ILE A 79 -1.06 -8.01 -2.66
N VAL A 80 -0.16 -7.07 -2.42
CA VAL A 80 -0.45 -5.66 -2.64
C VAL A 80 -0.17 -5.24 -4.08
N SER A 81 -1.25 -4.96 -4.82
CA SER A 81 -1.12 -4.56 -6.22
C SER A 81 -0.94 -3.05 -6.33
N THR A 82 0.30 -2.62 -6.50
CA THR A 82 0.61 -1.20 -6.63
C THR A 82 0.85 -0.82 -8.08
N LYS A 83 -0.10 -0.11 -8.68
CA LYS A 83 0.01 0.32 -10.06
C LYS A 83 -0.04 1.84 -10.17
N PHE A 84 0.63 2.39 -11.16
CA PHE A 84 0.65 3.83 -11.38
C PHE A 84 0.72 4.16 -12.87
N ALA A 85 -0.38 4.70 -13.40
CA ALA A 85 -0.45 5.07 -14.80
C ALA A 85 -0.39 3.83 -15.70
N ASP A 86 -1.15 2.81 -15.32
CA ASP A 86 -1.18 1.56 -16.10
C ASP A 86 0.20 0.90 -16.13
N GLU A 87 0.86 0.91 -14.98
CA GLU A 87 2.20 0.31 -14.88
C GLU A 87 2.51 -0.07 -13.43
N HIS A 88 2.81 -1.34 -13.21
CA HIS A 88 3.14 -1.84 -11.88
C HIS A 88 4.52 -1.37 -11.45
N VAL A 89 4.61 -0.86 -10.22
CA VAL A 89 5.88 -0.38 -9.69
C VAL A 89 7.00 -1.38 -9.94
N PRO A 90 8.24 -0.87 -9.97
CA PRO A 90 9.43 -1.71 -10.21
C PRO A 90 9.72 -2.64 -9.04
N GLY A 91 9.03 -3.79 -9.02
CA GLY A 91 9.23 -4.75 -7.95
C GLY A 91 7.94 -5.43 -7.54
N SER A 92 6.83 -4.99 -8.13
CA SER A 92 5.53 -5.55 -7.81
C SER A 92 5.32 -6.90 -8.51
N PRO A 93 4.36 -7.69 -8.00
CA PRO A 93 3.54 -7.30 -6.86
C PRO A 93 4.33 -7.28 -5.55
N PHE A 94 3.67 -6.85 -4.48
CA PHE A 94 4.32 -6.78 -3.17
C PHE A 94 3.79 -7.87 -2.25
N THR A 95 4.69 -8.71 -1.75
CA THR A 95 4.32 -9.81 -0.87
C THR A 95 4.46 -9.40 0.60
N VAL A 96 3.32 -9.23 1.28
CA VAL A 96 3.32 -8.84 2.67
C VAL A 96 2.98 -10.03 3.58
N LYS A 97 3.91 -10.35 4.47
CA LYS A 97 3.72 -11.47 5.39
C LYS A 97 3.16 -10.98 6.73
N ILE A 98 1.93 -11.39 7.03
CA ILE A 98 1.28 -10.99 8.27
C ILE A 98 1.72 -11.87 9.43
N SER A 99 1.88 -11.27 10.60
CA SER A 99 2.30 -12.02 11.79
C SER A 99 1.10 -12.68 12.46
N GLY A 100 -0.09 -12.18 12.17
CA GLY A 100 -1.30 -12.74 12.75
C GLY A 100 -1.20 -14.24 12.94
N GLU A 101 -0.47 -14.90 12.06
CA GLU A 101 -0.30 -16.35 12.13
C GLU A 101 -0.14 -16.80 13.58
N GLY A 102 0.65 -16.06 14.34
CA GLY A 102 0.88 -16.41 15.74
C GLY A 102 0.65 -15.23 16.67
N ARG A 103 1.66 -14.91 17.47
CA ARG A 103 1.58 -13.80 18.41
C ARG A 103 2.97 -13.38 18.88
N VAL A 104 3.43 -12.23 18.39
CA VAL A 104 4.74 -11.71 18.76
C VAL A 104 4.62 -10.58 19.76
N LYS A 105 5.03 -10.84 21.00
CA LYS A 105 4.96 -9.83 22.06
C LYS A 105 6.34 -9.25 22.33
N SER A 106 6.74 -8.29 21.49
CA SER A 106 8.04 -7.64 21.64
C SER A 106 8.13 -6.40 20.74
N GLY A 107 8.17 -5.24 21.37
CA GLY A 107 8.25 -3.99 20.61
C GLY A 107 8.77 -2.84 21.46
N PRO A 108 10.08 -2.59 21.41
CA PRO A 108 10.72 -1.51 22.16
C PRO A 108 10.34 -0.14 21.63
N SER A 109 9.47 -0.11 20.62
CA SER A 109 9.04 1.14 20.02
C SER A 109 8.33 2.02 21.06
N SER A 110 8.68 3.30 21.07
CA SER A 110 8.09 4.25 22.02
C SER A 110 6.75 4.76 21.49
N GLY A 111 5.97 5.38 22.39
CA GLY A 111 4.68 5.90 22.00
C GLY A 111 3.60 4.83 21.97
N GLY A 1 -12.55 7.67 -28.29
CA GLY A 1 -11.94 7.99 -27.01
C GLY A 1 -10.42 8.02 -27.09
N SER A 2 -9.82 9.00 -26.44
CA SER A 2 -8.36 9.14 -26.45
C SER A 2 -7.83 9.34 -25.04
N SER A 3 -7.37 8.25 -24.42
CA SER A 3 -6.84 8.30 -23.07
C SER A 3 -5.33 8.06 -23.06
N GLY A 4 -4.56 9.12 -22.85
CA GLY A 4 -3.12 9.00 -22.83
C GLY A 4 -2.42 10.34 -22.78
N SER A 5 -2.46 11.07 -23.89
CA SER A 5 -1.82 12.38 -23.95
C SER A 5 -2.09 13.20 -22.69
N SER A 6 -1.32 14.26 -22.50
CA SER A 6 -1.48 15.11 -21.34
C SER A 6 -1.76 14.28 -20.09
N GLY A 7 -0.91 13.29 -19.85
CA GLY A 7 -1.09 12.43 -18.69
C GLY A 7 -0.23 11.18 -18.75
N ILE A 8 1.08 11.37 -18.67
CA ILE A 8 2.02 10.25 -18.72
C ILE A 8 2.95 10.26 -17.51
N GLY A 9 3.61 9.13 -17.28
CA GLY A 9 4.54 9.03 -16.17
C GLY A 9 5.37 7.76 -16.21
N ASP A 10 6.36 7.67 -15.33
CA ASP A 10 7.23 6.51 -15.27
C ASP A 10 7.08 5.78 -13.94
N ALA A 11 6.43 4.62 -13.97
CA ALA A 11 6.22 3.82 -12.78
C ALA A 11 7.55 3.50 -12.09
N ARG A 12 8.56 3.18 -12.88
CA ARG A 12 9.87 2.85 -12.35
C ARG A 12 10.37 3.94 -11.42
N ARG A 13 9.87 5.15 -11.62
CA ARG A 13 10.28 6.29 -10.80
C ARG A 13 9.45 6.34 -9.51
N ALA A 14 8.21 5.87 -9.58
CA ALA A 14 7.33 5.85 -8.42
C ALA A 14 7.96 5.09 -7.26
N LYS A 15 7.94 5.71 -6.08
CA LYS A 15 8.51 5.10 -4.88
C LYS A 15 7.40 4.69 -3.90
N VAL A 16 7.71 3.72 -3.05
CA VAL A 16 6.75 3.24 -2.07
C VAL A 16 7.44 2.90 -0.74
N TYR A 17 6.97 3.51 0.34
CA TYR A 17 7.54 3.27 1.66
C TYR A 17 6.45 3.23 2.72
N GLY A 18 6.69 2.46 3.77
CA GLY A 18 5.72 2.34 4.85
C GLY A 18 5.95 1.12 5.72
N ARG A 19 4.87 0.49 6.16
CA ARG A 19 4.98 -0.68 7.01
C ARG A 19 4.16 -1.84 6.43
N GLY A 20 3.10 -1.50 5.69
CA GLY A 20 2.26 -2.52 5.10
C GLY A 20 2.76 -2.98 3.75
N LEU A 21 4.08 -2.85 3.53
CA LEU A 21 4.69 -3.25 2.28
C LEU A 21 5.68 -4.39 2.50
N SER A 22 6.35 -4.37 3.65
CA SER A 22 7.33 -5.40 3.98
C SER A 22 6.74 -6.43 4.93
N GLU A 23 6.43 -5.99 6.15
CA GLU A 23 5.86 -6.87 7.16
C GLU A 23 4.49 -6.35 7.63
N GLY A 24 3.89 -7.07 8.56
CA GLY A 24 2.59 -6.67 9.07
C GLY A 24 2.00 -7.70 10.02
N ARG A 25 0.78 -7.44 10.48
CA ARG A 25 0.10 -8.34 11.40
C ARG A 25 -1.41 -8.30 11.19
N THR A 26 -2.14 -9.02 12.04
CA THR A 26 -3.59 -9.07 11.94
C THR A 26 -4.25 -8.14 12.95
N PHE A 27 -5.41 -7.61 12.59
CA PHE A 27 -6.14 -6.69 13.47
C PHE A 27 -5.32 -5.43 13.73
N GLU A 28 -4.59 -4.98 12.72
CA GLU A 28 -3.77 -3.78 12.82
C GLU A 28 -3.80 -2.97 11.53
N MET A 29 -4.09 -1.68 11.66
CA MET A 29 -4.15 -0.79 10.50
C MET A 29 -2.78 -0.67 9.84
N SER A 30 -2.62 -1.31 8.69
CA SER A 30 -1.36 -1.26 7.97
C SER A 30 -1.46 -0.37 6.73
N ASP A 31 -0.90 0.83 6.83
CA ASP A 31 -0.94 1.78 5.72
C ASP A 31 0.47 2.03 5.18
N PHE A 32 0.53 2.60 3.98
CA PHE A 32 1.82 2.90 3.35
C PHE A 32 1.70 4.10 2.42
N ILE A 33 2.81 4.82 2.25
CA ILE A 33 2.83 6.00 1.40
C ILE A 33 3.24 5.63 -0.03
N VAL A 34 2.72 6.38 -1.00
CA VAL A 34 3.03 6.13 -2.40
C VAL A 34 3.57 7.39 -3.07
N ASP A 35 4.88 7.45 -3.24
CA ASP A 35 5.52 8.60 -3.88
C ASP A 35 5.42 8.50 -5.41
N THR A 36 4.67 9.43 -6.00
CA THR A 36 4.50 9.44 -7.44
C THR A 36 4.72 10.84 -8.00
N ARG A 37 5.59 11.61 -7.35
CA ARG A 37 5.90 12.97 -7.78
C ARG A 37 6.95 12.95 -8.89
N ASP A 38 7.98 12.15 -8.70
CA ASP A 38 9.06 12.05 -9.68
C ASP A 38 8.59 11.31 -10.93
N ALA A 39 7.59 10.45 -10.76
CA ALA A 39 7.04 9.67 -11.87
C ALA A 39 6.26 10.58 -12.83
N GLY A 40 5.38 11.40 -12.28
CA GLY A 40 4.59 12.29 -13.09
C GLY A 40 3.10 12.02 -12.96
N TYR A 41 2.49 11.52 -14.04
CA TYR A 41 1.07 11.22 -14.04
C TYR A 41 0.82 9.77 -14.46
N GLY A 42 -0.40 9.30 -14.22
CA GLY A 42 -0.75 7.94 -14.58
C GLY A 42 -1.81 7.36 -13.67
N GLY A 43 -2.61 6.43 -14.21
CA GLY A 43 -3.65 5.81 -13.41
C GLY A 43 -3.10 4.76 -12.47
N ILE A 44 -3.31 4.97 -11.17
CA ILE A 44 -2.83 4.05 -10.16
C ILE A 44 -3.89 2.98 -9.85
N SER A 45 -3.48 1.72 -9.92
CA SER A 45 -4.39 0.61 -9.66
C SER A 45 -3.95 -0.17 -8.42
N LEU A 46 -4.74 -0.06 -7.36
CA LEU A 46 -4.44 -0.75 -6.11
C LEU A 46 -5.39 -1.92 -5.88
N ALA A 47 -4.83 -3.10 -5.66
CA ALA A 47 -5.63 -4.30 -5.43
C ALA A 47 -4.94 -5.25 -4.46
N VAL A 48 -5.53 -5.45 -3.30
CA VAL A 48 -4.96 -6.34 -2.29
C VAL A 48 -5.66 -7.70 -2.31
N GLU A 49 -4.91 -8.73 -2.68
CA GLU A 49 -5.45 -10.09 -2.73
C GLU A 49 -4.84 -10.97 -1.64
N GLY A 50 -5.66 -11.31 -0.64
CA GLY A 50 -5.18 -12.13 0.46
C GLY A 50 -6.16 -13.24 0.80
N PRO A 51 -5.93 -13.89 1.95
CA PRO A 51 -6.78 -14.98 2.43
C PRO A 51 -8.16 -14.50 2.85
N SER A 52 -8.28 -13.20 3.09
CA SER A 52 -9.54 -12.62 3.51
C SER A 52 -9.75 -11.24 2.88
N LYS A 53 -10.94 -10.67 3.06
CA LYS A 53 -11.26 -9.37 2.51
C LYS A 53 -10.78 -8.25 3.42
N VAL A 54 -9.96 -7.35 2.89
CA VAL A 54 -9.43 -6.24 3.66
C VAL A 54 -9.83 -4.90 3.04
N ASP A 55 -10.61 -4.12 3.77
CA ASP A 55 -11.07 -2.82 3.29
C ASP A 55 -9.87 -1.94 2.91
N ILE A 56 -10.03 -1.18 1.83
CA ILE A 56 -8.97 -0.29 1.36
C ILE A 56 -9.45 1.15 1.29
N GLN A 57 -8.86 2.01 2.11
CA GLN A 57 -9.23 3.43 2.13
C GLN A 57 -8.08 4.29 1.61
N THR A 58 -8.39 5.09 0.58
CA THR A 58 -7.38 5.97 -0.01
C THR A 58 -7.72 7.43 0.25
N GLU A 59 -6.72 8.30 0.12
CA GLU A 59 -6.92 9.72 0.33
C GLU A 59 -5.86 10.54 -0.42
N ASP A 60 -6.14 11.82 -0.62
CA ASP A 60 -5.23 12.71 -1.33
C ASP A 60 -4.58 13.70 -0.36
N LEU A 61 -3.27 13.58 -0.19
CA LEU A 61 -2.53 14.46 0.70
C LEU A 61 -2.10 15.74 -0.03
N GLU A 62 -1.38 16.60 0.69
CA GLU A 62 -0.92 17.86 0.11
C GLU A 62 0.37 17.64 -0.69
N ASP A 63 1.16 16.66 -0.26
CA ASP A 63 2.42 16.35 -0.94
C ASP A 63 2.17 15.84 -2.35
N GLY A 64 0.97 15.31 -2.57
CA GLY A 64 0.62 14.78 -3.88
C GLY A 64 0.75 13.27 -3.95
N THR A 65 0.71 12.62 -2.79
CA THR A 65 0.83 11.17 -2.72
C THR A 65 -0.46 10.53 -2.25
N CYS A 66 -0.49 9.20 -2.26
CA CYS A 66 -1.68 8.46 -1.83
C CYS A 66 -1.35 7.52 -0.69
N LYS A 67 -2.03 7.69 0.45
CA LYS A 67 -1.81 6.86 1.61
C LYS A 67 -2.88 5.77 1.71
N VAL A 68 -2.47 4.53 1.45
CA VAL A 68 -3.40 3.39 1.52
C VAL A 68 -3.52 2.87 2.95
N SER A 69 -4.71 2.41 3.30
CA SER A 69 -4.97 1.88 4.63
C SER A 69 -5.89 0.66 4.57
N TYR A 70 -5.51 -0.38 5.28
CA TYR A 70 -6.30 -1.62 5.30
C TYR A 70 -6.20 -2.31 6.67
N PHE A 71 -7.25 -3.04 7.03
CA PHE A 71 -7.28 -3.74 8.31
C PHE A 71 -7.43 -5.24 8.10
N PRO A 72 -6.31 -5.97 8.20
CA PRO A 72 -6.29 -7.43 8.02
C PRO A 72 -7.00 -8.15 9.17
N THR A 73 -7.68 -9.25 8.83
CA THR A 73 -8.40 -10.03 9.83
C THR A 73 -7.88 -11.47 9.87
N VAL A 74 -7.35 -11.94 8.75
CA VAL A 74 -6.82 -13.29 8.66
C VAL A 74 -5.34 -13.28 8.25
N PRO A 75 -4.51 -13.96 9.05
CA PRO A 75 -3.07 -14.04 8.80
C PRO A 75 -2.74 -14.89 7.57
N GLY A 76 -1.80 -14.41 6.77
CA GLY A 76 -1.41 -15.13 5.56
C GLY A 76 -0.52 -14.31 4.66
N VAL A 77 -0.67 -14.51 3.35
CA VAL A 77 0.14 -13.78 2.38
C VAL A 77 -0.72 -12.87 1.51
N TYR A 78 -0.63 -11.57 1.75
CA TYR A 78 -1.41 -10.59 1.00
C TYR A 78 -0.61 -10.05 -0.18
N ILE A 79 -1.24 -10.05 -1.35
CA ILE A 79 -0.58 -9.56 -2.56
C ILE A 79 -1.05 -8.14 -2.90
N VAL A 80 -0.17 -7.17 -2.70
CA VAL A 80 -0.49 -5.78 -3.00
C VAL A 80 -0.06 -5.40 -4.41
N SER A 81 -1.04 -5.32 -5.32
CA SER A 81 -0.76 -4.96 -6.71
C SER A 81 -0.71 -3.45 -6.89
N THR A 82 0.51 -2.91 -7.00
CA THR A 82 0.69 -1.48 -7.17
C THR A 82 1.10 -1.15 -8.61
N LYS A 83 0.18 -0.55 -9.35
CA LYS A 83 0.45 -0.17 -10.74
C LYS A 83 0.37 1.33 -10.91
N PHE A 84 1.12 1.85 -11.89
CA PHE A 84 1.14 3.28 -12.16
C PHE A 84 1.32 3.54 -13.65
N ALA A 85 0.23 3.95 -14.31
CA ALA A 85 0.27 4.24 -15.74
C ALA A 85 0.49 2.97 -16.55
N ASP A 86 -0.30 1.94 -16.25
CA ASP A 86 -0.19 0.67 -16.96
C ASP A 86 1.21 0.09 -16.81
N GLU A 87 1.77 0.18 -15.61
CA GLU A 87 3.10 -0.34 -15.34
C GLU A 87 3.29 -0.63 -13.85
N HIS A 88 3.50 -1.89 -13.53
CA HIS A 88 3.70 -2.30 -12.13
C HIS A 88 5.00 -1.72 -11.58
N VAL A 89 4.92 -1.14 -10.39
CA VAL A 89 6.09 -0.56 -9.75
C VAL A 89 7.30 -1.49 -9.85
N PRO A 90 8.50 -0.91 -9.76
CA PRO A 90 9.76 -1.67 -9.84
C PRO A 90 9.98 -2.53 -8.60
N GLY A 91 9.40 -3.73 -8.61
CA GLY A 91 9.55 -4.63 -7.48
C GLY A 91 8.25 -5.34 -7.14
N SER A 92 7.20 -5.04 -7.88
CA SER A 92 5.90 -5.65 -7.64
C SER A 92 5.82 -7.04 -8.28
N PRO A 93 4.85 -7.85 -7.82
CA PRO A 93 3.91 -7.43 -6.78
C PRO A 93 4.57 -7.31 -5.41
N PHE A 94 3.81 -6.82 -4.43
CA PHE A 94 4.33 -6.65 -3.08
C PHE A 94 3.78 -7.71 -2.14
N THR A 95 4.63 -8.65 -1.76
CA THR A 95 4.21 -9.73 -0.86
C THR A 95 4.37 -9.32 0.60
N VAL A 96 3.25 -9.09 1.27
CA VAL A 96 3.25 -8.70 2.67
C VAL A 96 2.93 -9.87 3.58
N LYS A 97 3.89 -10.23 4.44
CA LYS A 97 3.70 -11.34 5.36
C LYS A 97 3.01 -10.88 6.65
N ILE A 98 1.74 -11.26 6.80
CA ILE A 98 0.97 -10.88 7.98
C ILE A 98 0.96 -12.02 9.01
N SER A 99 1.47 -11.73 10.20
CA SER A 99 1.52 -12.72 11.27
C SER A 99 0.26 -12.64 12.13
N GLY A 100 -0.37 -13.80 12.35
CA GLY A 100 -1.58 -13.85 13.16
C GLY A 100 -1.28 -14.03 14.63
N GLU A 101 -0.64 -13.04 15.24
CA GLU A 101 -0.30 -13.09 16.66
C GLU A 101 -0.77 -11.83 17.38
N GLY A 102 -1.25 -12.01 18.61
CA GLY A 102 -1.73 -10.88 19.39
C GLY A 102 -0.63 -9.88 19.67
N ARG A 103 -0.45 -9.56 20.94
CA ARG A 103 0.58 -8.60 21.35
C ARG A 103 1.50 -9.19 22.40
N VAL A 104 2.67 -8.59 22.58
CA VAL A 104 3.65 -9.05 23.56
C VAL A 104 2.96 -9.39 24.89
N LYS A 105 3.55 -10.33 25.62
CA LYS A 105 3.00 -10.73 26.91
C LYS A 105 2.59 -9.51 27.74
N SER A 106 1.43 -9.61 28.39
CA SER A 106 0.92 -8.53 29.21
C SER A 106 0.90 -8.91 30.68
N GLY A 107 0.73 -7.92 31.55
CA GLY A 107 0.70 -8.18 32.98
C GLY A 107 0.03 -7.06 33.75
N PRO A 108 -1.32 -7.11 33.83
CA PRO A 108 -2.10 -6.10 34.55
C PRO A 108 -1.91 -6.18 36.05
N SER A 109 -2.08 -7.38 36.60
CA SER A 109 -1.93 -7.60 38.04
C SER A 109 -0.48 -7.93 38.40
N SER A 110 -0.06 -7.49 39.58
CA SER A 110 1.31 -7.73 40.04
C SER A 110 1.30 -8.49 41.36
N GLY A 111 1.85 -9.70 41.35
CA GLY A 111 1.91 -10.49 42.56
C GLY A 111 0.60 -10.50 43.31
N GLY A 1 -11.01 18.53 -31.22
CA GLY A 1 -10.63 17.95 -29.94
C GLY A 1 -9.13 17.99 -29.72
N SER A 2 -8.63 17.06 -28.90
CA SER A 2 -7.20 17.00 -28.60
C SER A 2 -6.52 15.92 -29.44
N SER A 3 -5.26 16.18 -29.81
CA SER A 3 -4.50 15.23 -30.61
C SER A 3 -3.21 14.83 -29.89
N GLY A 4 -3.32 14.59 -28.59
CA GLY A 4 -2.16 14.20 -27.80
C GLY A 4 -2.17 14.79 -26.41
N SER A 5 -2.50 13.96 -25.42
CA SER A 5 -2.55 14.42 -24.04
C SER A 5 -1.31 13.97 -23.28
N SER A 6 -0.56 14.95 -22.77
CA SER A 6 0.66 14.66 -22.02
C SER A 6 0.44 14.91 -20.53
N GLY A 7 1.14 14.12 -19.71
CA GLY A 7 1.02 14.26 -18.27
C GLY A 7 1.35 12.98 -17.52
N ILE A 8 1.13 11.85 -18.18
CA ILE A 8 1.41 10.55 -17.58
C ILE A 8 2.87 10.44 -17.18
N GLY A 9 3.12 9.81 -16.04
CA GLY A 9 4.49 9.64 -15.56
C GLY A 9 5.00 8.23 -15.78
N ASP A 10 5.85 7.76 -14.88
CA ASP A 10 6.42 6.42 -14.98
C ASP A 10 6.48 5.75 -13.61
N ALA A 11 5.82 4.60 -13.49
CA ALA A 11 5.79 3.86 -12.24
C ALA A 11 7.21 3.53 -11.77
N ARG A 12 8.11 3.32 -12.72
CA ARG A 12 9.49 3.01 -12.40
C ARG A 12 10.07 4.02 -11.43
N ARG A 13 9.81 5.30 -11.68
CA ARG A 13 10.31 6.38 -10.83
C ARG A 13 9.53 6.43 -9.52
N ALA A 14 8.24 6.09 -9.58
CA ALA A 14 7.39 6.11 -8.40
C ALA A 14 8.00 5.29 -7.28
N LYS A 15 7.98 5.85 -6.07
CA LYS A 15 8.53 5.16 -4.90
C LYS A 15 7.43 4.79 -3.92
N VAL A 16 7.68 3.75 -3.12
CA VAL A 16 6.71 3.29 -2.13
C VAL A 16 7.39 2.94 -0.81
N TYR A 17 6.96 3.61 0.25
CA TYR A 17 7.52 3.38 1.58
C TYR A 17 6.42 3.28 2.63
N GLY A 18 6.58 2.35 3.56
CA GLY A 18 5.59 2.17 4.61
C GLY A 18 5.81 0.90 5.41
N ARG A 19 4.86 0.57 6.27
CA ARG A 19 4.96 -0.63 7.10
C ARG A 19 4.09 -1.75 6.53
N GLY A 20 3.06 -1.38 5.79
CA GLY A 20 2.17 -2.36 5.21
C GLY A 20 2.63 -2.82 3.83
N LEU A 21 3.94 -2.76 3.61
CA LEU A 21 4.51 -3.17 2.33
C LEU A 21 5.51 -4.32 2.52
N SER A 22 6.14 -4.36 3.68
CA SER A 22 7.11 -5.40 3.98
C SER A 22 6.53 -6.42 4.97
N GLU A 23 6.14 -5.94 6.14
CA GLU A 23 5.56 -6.81 7.16
C GLU A 23 4.20 -6.29 7.61
N GLY A 24 3.60 -6.98 8.58
CA GLY A 24 2.30 -6.58 9.09
C GLY A 24 1.75 -7.54 10.11
N ARG A 25 0.57 -7.24 10.64
CA ARG A 25 -0.06 -8.09 11.65
C ARG A 25 -1.58 -8.03 11.53
N THR A 26 -2.24 -9.08 12.01
CA THR A 26 -3.70 -9.15 11.96
C THR A 26 -4.33 -8.09 12.84
N PHE A 27 -5.54 -7.67 12.48
CA PHE A 27 -6.27 -6.65 13.24
C PHE A 27 -5.37 -5.44 13.50
N GLU A 28 -4.49 -5.15 12.56
CA GLU A 28 -3.58 -4.02 12.69
C GLU A 28 -3.56 -3.18 11.41
N MET A 29 -3.98 -1.94 11.52
CA MET A 29 -4.02 -1.03 10.38
C MET A 29 -2.61 -0.80 9.83
N SER A 30 -2.38 -1.26 8.60
CA SER A 30 -1.07 -1.11 7.97
C SER A 30 -1.17 -0.24 6.71
N ASP A 31 -0.80 1.03 6.86
CA ASP A 31 -0.86 1.98 5.75
C ASP A 31 0.55 2.28 5.23
N PHE A 32 0.63 2.68 3.96
CA PHE A 32 1.92 3.00 3.35
C PHE A 32 1.78 4.19 2.39
N ILE A 33 2.87 4.92 2.22
CA ILE A 33 2.88 6.08 1.33
C ILE A 33 3.34 5.70 -0.07
N VAL A 34 2.87 6.44 -1.07
CA VAL A 34 3.22 6.18 -2.45
C VAL A 34 3.77 7.44 -3.12
N ASP A 35 5.08 7.55 -3.18
CA ASP A 35 5.73 8.70 -3.80
C ASP A 35 5.55 8.68 -5.31
N THR A 36 4.71 9.58 -5.81
CA THR A 36 4.43 9.67 -7.24
C THR A 36 4.85 11.01 -7.80
N ARG A 37 5.58 11.78 -7.00
CA ARG A 37 6.04 13.10 -7.42
C ARG A 37 7.09 13.00 -8.51
N ASP A 38 8.03 12.08 -8.33
CA ASP A 38 9.10 11.87 -9.31
C ASP A 38 8.58 11.10 -10.52
N ALA A 39 7.43 10.46 -10.36
CA ALA A 39 6.83 9.69 -11.45
C ALA A 39 6.03 10.59 -12.38
N GLY A 40 5.01 11.24 -11.84
CA GLY A 40 4.17 12.12 -12.65
C GLY A 40 2.70 12.00 -12.30
N TYR A 41 1.90 11.64 -13.30
CA TYR A 41 0.46 11.49 -13.12
C TYR A 41 -0.04 10.22 -13.77
N GLY A 42 -1.23 9.76 -13.34
CA GLY A 42 -1.80 8.55 -13.90
C GLY A 42 -2.75 7.87 -12.93
N GLY A 43 -3.59 6.98 -13.46
CA GLY A 43 -4.55 6.28 -12.63
C GLY A 43 -3.90 5.17 -11.81
N ILE A 44 -3.96 5.30 -10.49
CA ILE A 44 -3.37 4.30 -9.60
C ILE A 44 -4.36 3.20 -9.30
N SER A 45 -3.90 1.95 -9.40
CA SER A 45 -4.75 0.79 -9.14
C SER A 45 -4.24 0.00 -7.95
N LEU A 46 -5.11 -0.25 -6.98
CA LEU A 46 -4.74 -1.01 -5.79
C LEU A 46 -5.68 -2.19 -5.58
N ALA A 47 -5.11 -3.37 -5.36
CA ALA A 47 -5.89 -4.57 -5.13
C ALA A 47 -5.12 -5.58 -4.28
N VAL A 48 -5.59 -5.77 -3.06
CA VAL A 48 -4.95 -6.71 -2.14
C VAL A 48 -5.60 -8.09 -2.21
N GLU A 49 -4.81 -9.09 -2.57
CA GLU A 49 -5.30 -10.45 -2.68
C GLU A 49 -4.72 -11.34 -1.59
N GLY A 50 -5.54 -11.66 -0.59
CA GLY A 50 -5.08 -12.50 0.51
C GLY A 50 -6.08 -13.58 0.86
N PRO A 51 -5.89 -14.20 2.04
CA PRO A 51 -6.76 -15.26 2.52
C PRO A 51 -8.15 -14.75 2.90
N SER A 52 -8.35 -13.44 2.77
CA SER A 52 -9.62 -12.83 3.10
C SER A 52 -9.73 -11.43 2.50
N LYS A 53 -10.87 -10.78 2.72
CA LYS A 53 -11.09 -9.44 2.20
C LYS A 53 -10.58 -8.38 3.18
N VAL A 54 -10.00 -7.32 2.65
CA VAL A 54 -9.47 -6.24 3.48
C VAL A 54 -9.82 -4.88 2.90
N ASP A 55 -10.63 -4.12 3.62
CA ASP A 55 -11.05 -2.79 3.18
C ASP A 55 -9.83 -1.92 2.86
N ILE A 56 -9.95 -1.09 1.83
CA ILE A 56 -8.86 -0.22 1.43
C ILE A 56 -9.30 1.25 1.45
N GLN A 57 -8.61 2.06 2.24
CA GLN A 57 -8.94 3.48 2.35
C GLN A 57 -7.84 4.33 1.72
N THR A 58 -8.23 5.15 0.75
CA THR A 58 -7.28 6.02 0.05
C THR A 58 -7.59 7.49 0.32
N GLU A 59 -6.59 8.34 0.13
CA GLU A 59 -6.76 9.77 0.34
C GLU A 59 -5.67 10.56 -0.38
N ASP A 60 -5.92 11.85 -0.58
CA ASP A 60 -4.95 12.72 -1.25
C ASP A 60 -4.31 13.68 -0.27
N LEU A 61 -3.00 13.53 -0.08
CA LEU A 61 -2.26 14.40 0.84
C LEU A 61 -1.78 15.66 0.13
N GLU A 62 -1.05 16.50 0.85
CA GLU A 62 -0.52 17.75 0.30
C GLU A 62 0.79 17.50 -0.45
N ASP A 63 1.52 16.47 -0.02
CA ASP A 63 2.79 16.14 -0.65
C ASP A 63 2.58 15.64 -2.07
N GLY A 64 1.35 15.24 -2.38
CA GLY A 64 1.04 14.75 -3.71
C GLY A 64 1.19 13.24 -3.82
N THR A 65 1.09 12.56 -2.68
CA THR A 65 1.22 11.10 -2.66
C THR A 65 -0.09 10.45 -2.24
N CYS A 66 -0.14 9.12 -2.34
CA CYS A 66 -1.33 8.37 -1.97
C CYS A 66 -1.05 7.44 -0.80
N LYS A 67 -1.73 7.67 0.32
CA LYS A 67 -1.56 6.86 1.52
C LYS A 67 -2.63 5.78 1.60
N VAL A 68 -2.26 4.56 1.22
CA VAL A 68 -3.18 3.43 1.26
C VAL A 68 -3.31 2.88 2.68
N SER A 69 -4.53 2.46 3.04
CA SER A 69 -4.78 1.91 4.36
C SER A 69 -5.67 0.67 4.27
N TYR A 70 -5.35 -0.34 5.08
CA TYR A 70 -6.13 -1.58 5.09
C TYR A 70 -6.10 -2.23 6.47
N PHE A 71 -7.14 -2.99 6.78
CA PHE A 71 -7.23 -3.67 8.07
C PHE A 71 -7.39 -5.17 7.88
N PRO A 72 -6.29 -5.91 8.06
CA PRO A 72 -6.27 -7.38 7.93
C PRO A 72 -7.05 -8.07 9.03
N THR A 73 -7.66 -9.21 8.71
CA THR A 73 -8.43 -9.97 9.67
C THR A 73 -7.93 -11.40 9.78
N VAL A 74 -7.32 -11.89 8.70
CA VAL A 74 -6.79 -13.25 8.67
C VAL A 74 -5.32 -13.25 8.29
N PRO A 75 -4.51 -13.98 9.08
CA PRO A 75 -3.07 -14.10 8.84
C PRO A 75 -2.74 -14.89 7.59
N GLY A 76 -1.73 -14.44 6.85
CA GLY A 76 -1.34 -15.12 5.64
C GLY A 76 -0.50 -14.25 4.72
N VAL A 77 -0.70 -14.39 3.42
CA VAL A 77 0.04 -13.61 2.44
C VAL A 77 -0.90 -12.74 1.60
N TYR A 78 -0.75 -11.42 1.72
CA TYR A 78 -1.58 -10.50 0.97
C TYR A 78 -0.81 -9.88 -0.19
N ILE A 79 -1.26 -10.19 -1.41
CA ILE A 79 -0.60 -9.67 -2.61
C ILE A 79 -1.11 -8.28 -2.95
N VAL A 80 -0.29 -7.27 -2.65
CA VAL A 80 -0.65 -5.88 -2.93
C VAL A 80 -0.21 -5.47 -4.32
N SER A 81 -1.17 -5.40 -5.25
CA SER A 81 -0.87 -5.02 -6.62
C SER A 81 -0.90 -3.49 -6.78
N THR A 82 0.29 -2.88 -6.75
CA THR A 82 0.39 -1.44 -6.89
C THR A 82 0.77 -1.05 -8.32
N LYS A 83 -0.17 -0.42 -9.01
CA LYS A 83 0.06 0.01 -10.39
C LYS A 83 -0.07 1.52 -10.52
N PHE A 84 0.66 2.09 -11.46
CA PHE A 84 0.62 3.53 -11.69
C PHE A 84 0.81 3.86 -13.17
N ALA A 85 -0.28 4.25 -13.82
CA ALA A 85 -0.23 4.58 -15.24
C ALA A 85 0.00 3.34 -16.09
N ASP A 86 -0.76 2.29 -15.83
CA ASP A 86 -0.63 1.04 -16.57
C ASP A 86 0.79 0.49 -16.45
N GLU A 87 1.33 0.55 -15.24
CA GLU A 87 2.68 0.05 -15.00
C GLU A 87 2.88 -0.31 -13.53
N HIS A 88 3.29 -1.55 -13.27
CA HIS A 88 3.50 -2.01 -11.91
C HIS A 88 4.80 -1.44 -11.34
N VAL A 89 4.72 -0.90 -10.13
CA VAL A 89 5.89 -0.31 -9.48
C VAL A 89 7.10 -1.23 -9.59
N PRO A 90 8.30 -0.66 -9.48
CA PRO A 90 9.56 -1.40 -9.56
C PRO A 90 9.78 -2.29 -8.34
N GLY A 91 9.28 -3.52 -8.40
CA GLY A 91 9.43 -4.45 -7.30
C GLY A 91 8.13 -5.15 -6.95
N SER A 92 7.10 -4.95 -7.78
CA SER A 92 5.81 -5.57 -7.54
C SER A 92 5.75 -6.96 -8.19
N PRO A 93 4.78 -7.77 -7.75
CA PRO A 93 3.82 -7.37 -6.71
C PRO A 93 4.47 -7.23 -5.33
N PHE A 94 3.69 -6.80 -4.35
CA PHE A 94 4.19 -6.64 -2.99
C PHE A 94 3.66 -7.73 -2.08
N THR A 95 4.56 -8.59 -1.62
CA THR A 95 4.18 -9.69 -0.73
C THR A 95 4.30 -9.28 0.73
N VAL A 96 3.15 -9.09 1.38
CA VAL A 96 3.12 -8.70 2.79
C VAL A 96 2.73 -9.87 3.68
N LYS A 97 3.70 -10.41 4.40
CA LYS A 97 3.45 -11.54 5.30
C LYS A 97 2.90 -11.06 6.63
N ILE A 98 1.62 -11.35 6.87
CA ILE A 98 0.97 -10.95 8.11
C ILE A 98 1.10 -12.04 9.17
N SER A 99 1.44 -11.63 10.39
CA SER A 99 1.60 -12.57 11.49
C SER A 99 0.36 -12.59 12.37
N GLY A 100 0.05 -13.76 12.92
CA GLY A 100 -1.12 -13.90 13.77
C GLY A 100 -0.85 -14.75 14.99
N GLU A 101 0.21 -14.41 15.73
CA GLU A 101 0.57 -15.16 16.92
C GLU A 101 0.40 -14.29 18.17
N GLY A 102 -0.80 -13.79 18.38
CA GLY A 102 -1.08 -12.95 19.54
C GLY A 102 -1.14 -11.48 19.19
N ARG A 103 -2.35 -10.98 18.97
CA ARG A 103 -2.54 -9.58 18.60
C ARG A 103 -2.82 -8.75 19.86
N VAL A 104 -2.66 -7.43 19.72
CA VAL A 104 -2.89 -6.52 20.84
C VAL A 104 -4.33 -6.01 20.85
N LYS A 105 -5.00 -6.13 21.99
CA LYS A 105 -6.37 -5.69 22.12
C LYS A 105 -6.59 -5.01 23.47
N SER A 106 -7.69 -4.27 23.59
CA SER A 106 -8.01 -3.57 24.83
C SER A 106 -9.33 -4.08 25.41
N GLY A 107 -9.26 -4.62 26.62
CA GLY A 107 -10.45 -5.14 27.27
C GLY A 107 -10.20 -5.56 28.70
N PRO A 108 -10.08 -4.57 29.60
CA PRO A 108 -9.83 -4.82 31.02
C PRO A 108 -11.03 -5.45 31.72
N SER A 109 -10.76 -6.22 32.77
CA SER A 109 -11.82 -6.88 33.52
C SER A 109 -11.34 -7.27 34.91
N SER A 110 -12.27 -7.36 35.85
CA SER A 110 -11.93 -7.72 37.23
C SER A 110 -13.20 -8.03 38.03
N GLY A 111 -13.02 -8.69 39.17
CA GLY A 111 -14.15 -9.03 40.01
C GLY A 111 -14.57 -7.90 40.91
N GLY A 1 -2.78 26.01 -14.21
CA GLY A 1 -2.53 24.60 -13.92
C GLY A 1 -1.61 23.97 -14.94
N SER A 2 -2.14 23.02 -15.71
CA SER A 2 -1.36 22.32 -16.72
C SER A 2 -1.63 22.88 -18.11
N SER A 3 -0.84 22.45 -19.09
CA SER A 3 -1.00 22.90 -20.46
C SER A 3 -1.97 22.01 -21.23
N GLY A 4 -1.69 20.71 -21.23
CA GLY A 4 -2.54 19.77 -21.92
C GLY A 4 -3.26 18.83 -20.98
N SER A 5 -4.48 18.43 -21.34
CA SER A 5 -5.27 17.54 -20.52
C SER A 5 -4.48 16.27 -20.16
N SER A 6 -3.88 15.66 -21.18
CA SER A 6 -3.10 14.44 -20.98
C SER A 6 -2.21 14.56 -19.76
N GLY A 7 -1.70 13.43 -19.29
CA GLY A 7 -0.82 13.43 -18.13
C GLY A 7 -0.48 12.03 -17.66
N ILE A 8 0.64 11.50 -18.15
CA ILE A 8 1.08 10.16 -17.77
C ILE A 8 2.47 10.20 -17.17
N GLY A 9 2.67 9.44 -16.10
CA GLY A 9 3.97 9.39 -15.44
C GLY A 9 4.71 8.10 -15.73
N ASP A 10 5.58 7.71 -14.80
CA ASP A 10 6.36 6.48 -14.95
C ASP A 10 6.43 5.72 -13.63
N ALA A 11 5.85 4.52 -13.62
CA ALA A 11 5.86 3.69 -12.42
C ALA A 11 7.28 3.43 -11.93
N ARG A 12 8.17 3.15 -12.87
CA ARG A 12 9.56 2.88 -12.55
C ARG A 12 10.11 3.92 -11.57
N ARG A 13 9.79 5.19 -11.85
CA ARG A 13 10.26 6.28 -11.00
C ARG A 13 9.51 6.30 -9.66
N ALA A 14 8.24 5.91 -9.70
CA ALA A 14 7.42 5.87 -8.50
C ALA A 14 8.12 5.09 -7.39
N LYS A 15 7.87 5.50 -6.15
CA LYS A 15 8.46 4.85 -4.99
C LYS A 15 7.41 4.55 -3.92
N VAL A 16 7.67 3.53 -3.12
CA VAL A 16 6.74 3.14 -2.06
C VAL A 16 7.49 2.76 -0.79
N TYR A 17 7.03 3.30 0.34
CA TYR A 17 7.67 3.01 1.63
C TYR A 17 6.63 2.96 2.75
N GLY A 18 6.61 1.86 3.48
CA GLY A 18 5.66 1.71 4.57
C GLY A 18 5.79 0.37 5.27
N ARG A 19 5.39 0.33 6.53
CA ARG A 19 5.47 -0.90 7.31
C ARG A 19 4.48 -1.95 6.79
N GLY A 20 3.34 -1.47 6.30
CA GLY A 20 2.32 -2.37 5.78
C GLY A 20 2.74 -3.02 4.47
N LEU A 21 3.88 -2.58 3.94
CA LEU A 21 4.39 -3.13 2.68
C LEU A 21 5.38 -4.27 2.94
N SER A 22 6.14 -4.14 4.03
CA SER A 22 7.14 -5.15 4.38
C SER A 22 6.51 -6.22 5.29
N GLU A 23 5.94 -5.78 6.40
CA GLU A 23 5.31 -6.70 7.35
C GLU A 23 3.91 -6.22 7.72
N GLY A 24 3.27 -6.95 8.62
CA GLY A 24 1.92 -6.59 9.05
C GLY A 24 1.42 -7.47 10.17
N ARG A 25 0.23 -7.16 10.68
CA ARG A 25 -0.37 -7.93 11.76
C ARG A 25 -1.89 -7.94 11.65
N THR A 26 -2.51 -8.97 12.20
CA THR A 26 -3.96 -9.10 12.17
C THR A 26 -4.63 -8.06 13.06
N PHE A 27 -5.81 -7.60 12.65
CA PHE A 27 -6.55 -6.60 13.42
C PHE A 27 -5.69 -5.38 13.70
N GLU A 28 -4.90 -4.98 12.70
CA GLU A 28 -4.03 -3.82 12.84
C GLU A 28 -3.99 -3.01 11.55
N MET A 29 -4.44 -1.77 11.63
CA MET A 29 -4.46 -0.89 10.46
C MET A 29 -3.05 -0.66 9.93
N SER A 30 -2.76 -1.23 8.76
CA SER A 30 -1.45 -1.10 8.14
C SER A 30 -1.53 -0.25 6.87
N ASP A 31 -0.95 0.95 6.93
CA ASP A 31 -0.96 1.85 5.79
C ASP A 31 0.47 2.13 5.30
N PHE A 32 0.58 2.82 4.17
CA PHE A 32 1.88 3.14 3.60
C PHE A 32 1.78 4.34 2.66
N ILE A 33 2.93 4.91 2.33
CA ILE A 33 2.97 6.06 1.43
C ILE A 33 3.30 5.63 0.00
N VAL A 34 2.78 6.38 -0.98
CA VAL A 34 3.02 6.07 -2.39
C VAL A 34 3.51 7.30 -3.13
N ASP A 35 4.83 7.40 -3.31
CA ASP A 35 5.42 8.53 -4.01
C ASP A 35 5.09 8.48 -5.50
N THR A 36 4.38 9.49 -5.97
CA THR A 36 4.00 9.56 -7.38
C THR A 36 4.43 10.89 -8.00
N ARG A 37 4.49 11.94 -7.18
CA ARG A 37 4.88 13.26 -7.64
C ARG A 37 6.12 13.17 -8.53
N ASP A 38 7.07 12.33 -8.14
CA ASP A 38 8.30 12.16 -8.90
C ASP A 38 8.04 11.33 -10.16
N ALA A 39 7.05 10.45 -10.09
CA ALA A 39 6.71 9.60 -11.23
C ALA A 39 6.01 10.40 -12.31
N GLY A 40 5.01 11.19 -11.93
CA GLY A 40 4.28 12.00 -12.88
C GLY A 40 2.80 12.07 -12.57
N TYR A 41 1.96 11.66 -13.50
CA TYR A 41 0.52 11.69 -13.32
C TYR A 41 -0.12 10.40 -13.83
N GLY A 42 -1.38 10.19 -13.46
CA GLY A 42 -2.09 9.00 -13.89
C GLY A 42 -2.94 8.40 -12.78
N GLY A 43 -3.69 7.36 -13.11
CA GLY A 43 -4.53 6.70 -12.12
C GLY A 43 -3.85 5.51 -11.47
N ILE A 44 -3.90 5.46 -10.14
CA ILE A 44 -3.28 4.38 -9.41
C ILE A 44 -4.24 3.21 -9.22
N SER A 45 -3.78 2.01 -9.51
CA SER A 45 -4.61 0.82 -9.37
C SER A 45 -4.13 -0.06 -8.21
N LEU A 46 -4.92 -0.12 -7.16
CA LEU A 46 -4.58 -0.91 -5.98
C LEU A 46 -5.57 -2.05 -5.78
N ALA A 47 -5.05 -3.22 -5.42
CA ALA A 47 -5.89 -4.39 -5.20
C ALA A 47 -5.16 -5.45 -4.38
N VAL A 48 -5.57 -5.61 -3.13
CA VAL A 48 -4.95 -6.60 -2.25
C VAL A 48 -5.67 -7.93 -2.31
N GLU A 49 -4.94 -8.99 -2.66
CA GLU A 49 -5.52 -10.32 -2.75
C GLU A 49 -4.89 -11.27 -1.73
N GLY A 50 -5.66 -11.60 -0.70
CA GLY A 50 -5.17 -12.49 0.34
C GLY A 50 -6.18 -13.55 0.73
N PRO A 51 -5.95 -14.20 1.88
CA PRO A 51 -6.83 -15.24 2.40
C PRO A 51 -8.17 -14.69 2.86
N SER A 52 -8.28 -13.36 2.90
CA SER A 52 -9.51 -12.71 3.34
C SER A 52 -9.62 -11.32 2.73
N LYS A 53 -10.79 -10.70 2.88
CA LYS A 53 -11.02 -9.36 2.35
C LYS A 53 -10.42 -8.30 3.27
N VAL A 54 -9.78 -7.30 2.67
CA VAL A 54 -9.17 -6.21 3.43
C VAL A 54 -9.50 -4.86 2.83
N ASP A 55 -10.35 -4.11 3.52
CA ASP A 55 -10.75 -2.78 3.05
C ASP A 55 -9.53 -1.95 2.66
N ILE A 56 -9.72 -1.02 1.74
CA ILE A 56 -8.64 -0.16 1.28
C ILE A 56 -9.10 1.30 1.19
N GLN A 57 -8.53 2.14 2.04
CA GLN A 57 -8.88 3.56 2.05
C GLN A 57 -7.72 4.41 1.54
N THR A 58 -7.99 5.21 0.51
CA THR A 58 -6.95 6.07 -0.07
C THR A 58 -7.37 7.54 0.01
N GLU A 59 -6.38 8.42 -0.04
CA GLU A 59 -6.65 9.85 0.03
C GLU A 59 -5.44 10.65 -0.49
N ASP A 60 -5.72 11.76 -1.17
CA ASP A 60 -4.67 12.60 -1.72
C ASP A 60 -4.11 13.53 -0.65
N LEU A 61 -2.80 13.48 -0.46
CA LEU A 61 -2.15 14.33 0.53
C LEU A 61 -1.67 15.64 -0.09
N GLU A 62 -1.08 16.50 0.73
CA GLU A 62 -0.58 17.79 0.25
C GLU A 62 0.77 17.62 -0.42
N ASP A 63 1.43 16.49 -0.17
CA ASP A 63 2.73 16.22 -0.76
C ASP A 63 2.58 15.68 -2.18
N GLY A 64 1.41 15.13 -2.48
CA GLY A 64 1.16 14.58 -3.79
C GLY A 64 1.30 13.07 -3.84
N THR A 65 1.15 12.43 -2.68
CA THR A 65 1.28 10.99 -2.59
C THR A 65 -0.05 10.35 -2.20
N CYS A 66 -0.12 9.02 -2.29
CA CYS A 66 -1.33 8.29 -1.94
C CYS A 66 -1.09 7.36 -0.77
N LYS A 67 -1.72 7.66 0.36
CA LYS A 67 -1.57 6.85 1.57
C LYS A 67 -2.66 5.79 1.64
N VAL A 68 -2.26 4.53 1.41
CA VAL A 68 -3.21 3.42 1.46
C VAL A 68 -3.37 2.89 2.87
N SER A 69 -4.58 2.44 3.20
CA SER A 69 -4.87 1.90 4.53
C SER A 69 -5.78 0.69 4.44
N TYR A 70 -5.40 -0.39 5.11
CA TYR A 70 -6.18 -1.62 5.11
C TYR A 70 -6.18 -2.27 6.48
N PHE A 71 -7.22 -3.04 6.77
CA PHE A 71 -7.33 -3.73 8.05
C PHE A 71 -7.47 -5.24 7.86
N PRO A 72 -6.35 -5.96 8.02
CA PRO A 72 -6.32 -7.41 7.86
C PRO A 72 -7.07 -8.13 8.98
N THR A 73 -7.65 -9.28 8.65
CA THR A 73 -8.38 -10.07 9.64
C THR A 73 -7.87 -11.50 9.71
N VAL A 74 -7.26 -11.95 8.61
CA VAL A 74 -6.71 -13.31 8.55
C VAL A 74 -5.25 -13.28 8.15
N PRO A 75 -4.40 -13.91 8.99
CA PRO A 75 -2.95 -13.97 8.74
C PRO A 75 -2.61 -14.88 7.56
N GLY A 76 -1.67 -14.43 6.73
CA GLY A 76 -1.27 -15.22 5.58
C GLY A 76 -0.34 -14.45 4.65
N VAL A 77 -0.69 -14.41 3.37
CA VAL A 77 0.11 -13.70 2.38
C VAL A 77 -0.77 -12.82 1.50
N TYR A 78 -0.71 -11.51 1.74
CA TYR A 78 -1.49 -10.55 0.98
C TYR A 78 -0.66 -9.94 -0.15
N ILE A 79 -1.18 -10.01 -1.37
CA ILE A 79 -0.49 -9.47 -2.53
C ILE A 79 -1.00 -8.07 -2.86
N VAL A 80 -0.19 -7.07 -2.54
CA VAL A 80 -0.55 -5.68 -2.81
C VAL A 80 -0.14 -5.26 -4.22
N SER A 81 -1.11 -5.21 -5.12
CA SER A 81 -0.83 -4.84 -6.51
C SER A 81 -0.81 -3.32 -6.66
N THR A 82 0.38 -2.75 -6.62
CA THR A 82 0.54 -1.30 -6.76
C THR A 82 0.87 -0.91 -8.19
N LYS A 83 -0.10 -0.32 -8.89
CA LYS A 83 0.09 0.10 -10.27
C LYS A 83 -0.03 1.62 -10.40
N PHE A 84 0.65 2.17 -11.40
CA PHE A 84 0.62 3.62 -11.63
C PHE A 84 0.70 3.93 -13.12
N ALA A 85 -0.39 4.46 -13.67
CA ALA A 85 -0.44 4.81 -15.08
C ALA A 85 -0.27 3.57 -15.96
N ASP A 86 -0.94 2.49 -15.58
CA ASP A 86 -0.87 1.24 -16.33
C ASP A 86 0.54 0.65 -16.27
N GLU A 87 1.15 0.73 -15.09
CA GLU A 87 2.50 0.20 -14.89
C GLU A 87 2.73 -0.18 -13.44
N HIS A 88 3.08 -1.45 -13.21
CA HIS A 88 3.33 -1.93 -11.86
C HIS A 88 4.65 -1.39 -11.32
N VAL A 89 4.62 -0.85 -10.11
CA VAL A 89 5.81 -0.30 -9.48
C VAL A 89 7.00 -1.23 -9.66
N PRO A 90 8.21 -0.66 -9.58
CA PRO A 90 9.46 -1.41 -9.73
C PRO A 90 9.72 -2.34 -8.55
N GLY A 91 9.18 -3.56 -8.62
CA GLY A 91 9.37 -4.52 -7.55
C GLY A 91 8.07 -5.21 -7.16
N SER A 92 7.02 -4.94 -7.91
CA SER A 92 5.71 -5.54 -7.64
C SER A 92 5.60 -6.91 -8.30
N PRO A 93 4.63 -7.71 -7.82
CA PRO A 93 3.73 -7.31 -6.75
C PRO A 93 4.44 -7.22 -5.40
N PHE A 94 3.69 -6.84 -4.36
CA PHE A 94 4.26 -6.71 -3.02
C PHE A 94 3.73 -7.82 -2.11
N THR A 95 4.62 -8.76 -1.76
CA THR A 95 4.25 -9.86 -0.89
C THR A 95 4.39 -9.49 0.58
N VAL A 96 3.25 -9.25 1.23
CA VAL A 96 3.24 -8.88 2.64
C VAL A 96 2.85 -10.06 3.52
N LYS A 97 3.71 -10.40 4.48
CA LYS A 97 3.45 -11.51 5.38
C LYS A 97 2.91 -11.00 6.72
N ILE A 98 1.73 -11.48 7.09
CA ILE A 98 1.10 -11.07 8.34
C ILE A 98 1.40 -12.07 9.45
N SER A 99 1.82 -11.57 10.60
CA SER A 99 2.14 -12.42 11.74
C SER A 99 0.88 -13.09 12.29
N GLY A 100 -0.02 -12.28 12.84
CA GLY A 100 -1.25 -12.80 13.39
C GLY A 100 -1.02 -13.64 14.64
N GLU A 101 -1.96 -14.54 14.92
CA GLU A 101 -1.85 -15.39 16.10
C GLU A 101 -0.40 -15.81 16.34
N GLY A 102 0.21 -15.23 17.36
CA GLY A 102 1.60 -15.56 17.69
C GLY A 102 2.36 -14.37 18.23
N ARG A 103 1.72 -13.59 19.09
CA ARG A 103 2.34 -12.41 19.68
C ARG A 103 3.81 -12.67 19.95
N VAL A 104 4.67 -11.82 19.40
CA VAL A 104 6.10 -11.95 19.58
C VAL A 104 6.45 -12.20 21.05
N LYS A 105 7.57 -12.88 21.28
CA LYS A 105 8.02 -13.18 22.64
C LYS A 105 9.37 -12.53 22.92
N SER A 106 9.77 -12.53 24.18
CA SER A 106 11.04 -11.94 24.59
C SER A 106 11.74 -12.83 25.61
N GLY A 107 13.02 -13.09 25.38
CA GLY A 107 13.79 -13.92 26.28
C GLY A 107 15.27 -13.66 26.19
N PRO A 108 15.74 -12.62 26.92
CA PRO A 108 17.15 -12.24 26.95
C PRO A 108 18.03 -13.26 27.66
N SER A 109 17.38 -14.29 28.22
CA SER A 109 18.10 -15.34 28.95
C SER A 109 18.98 -16.15 27.99
N SER A 110 18.37 -16.63 26.91
CA SER A 110 19.09 -17.43 25.93
C SER A 110 20.19 -16.60 25.26
N GLY A 111 19.82 -15.43 24.77
CA GLY A 111 20.78 -14.56 24.11
C GLY A 111 21.63 -13.78 25.10
#